data_6CSB
#
_entry.id   6CSB
#
_cell.length_a   57.738
_cell.length_b   191.999
_cell.length_c   250.460
_cell.angle_alpha   90.00
_cell.angle_beta   90.00
_cell.angle_gamma   90.00
#
_symmetry.space_group_name_H-M   'P 21 21 21'
#
loop_
_entity.id
_entity.type
_entity.pdbx_description
1 polymer 'Cytochrome P450 2D6'
2 non-polymer 'PROTOPORPHYRIN IX CONTAINING FE'
3 non-polymer 10-{2-[(2R)-1-methylpiperidin-2-yl]ethyl}-2-(methylsulfanyl)-10H-phenothiazine
4 non-polymer HEGA-10
5 non-polymer 'ZINC ION'
6 non-polymer 'ACETATE ION'
7 non-polymer GLYCEROL
8 water water
#
_entity_poly.entity_id   1
_entity_poly.type   'polypeptide(L)'
_entity_poly.pdbx_seq_one_letter_code
;MAKKTSSKGKLPPGPLPLPGLGNLLHVDFQNTPYCFDQLRRRFGDVFSLQLAWTPVVVLNGLAAVREALVTHGEDTADRP
PVPITQILGFGPRSQGVFLARYGPAWREQRRFSVSTLRNLGLGKKSLEQWVTEEAACLCAAFANHSGRPFRPNGLLDKAV
SNVIASLTCGRRFEYDDPRFLRLLDLAQEGLKEESGFLREVLNAVPVLLHIPALAGKVLRFQKAFLTQLDELLTEHRMTW
DPAQPPRDLTEAFLAEMEKAKGNPESSFNDENLRIVVADLFSAGMETTSTTLAWGLLLMILHPDVQRRVQQEIDDVIGQV
RRPEMGDQAHMPYTTAVIHEVQRFGDIVPLGVTHMTSRDIEVQGFRIPKGTTLITNLSSVLKDEAVWEKPFRFHPEHFLD
AQGHFVKPEAFLPFSAGRRACLGEPLARMELFLFFTSLLQHFSFSVPTGQPRPSHHGVFAFLVSPSPYELCAVPRHHHH
;
_entity_poly.pdbx_strand_id   A,B,C,D
#
# COMPACT_ATOMS: atom_id res chain seq x y z
N LYS A 10 9.13 43.91 9.06
CA LYS A 10 9.94 43.36 7.98
C LYS A 10 9.11 43.08 6.72
N LEU A 11 9.49 43.72 5.61
CA LEU A 11 8.79 43.56 4.35
C LEU A 11 9.30 42.35 3.59
N PRO A 12 8.54 41.85 2.61
CA PRO A 12 8.95 40.65 1.89
C PRO A 12 10.05 40.94 0.90
N PRO A 13 10.94 39.97 0.64
CA PRO A 13 12.03 40.20 -0.32
C PRO A 13 11.53 40.26 -1.75
N GLY A 14 12.45 40.60 -2.66
CA GLY A 14 12.15 40.65 -4.07
C GLY A 14 13.11 41.52 -4.85
N PRO A 15 13.14 41.33 -6.19
CA PRO A 15 14.06 42.01 -7.12
C PRO A 15 13.96 43.54 -7.14
N ASN A 31 4.38 32.97 -20.46
CA ASN A 31 4.33 34.35 -20.01
C ASN A 31 4.49 34.45 -18.48
N THR A 32 3.57 35.15 -17.82
CA THR A 32 3.69 35.52 -16.40
C THR A 32 3.78 34.37 -15.40
N PRO A 33 2.93 33.33 -15.48
CA PRO A 33 2.92 32.35 -14.38
C PRO A 33 4.25 31.63 -14.20
N TYR A 34 5.03 31.43 -15.27
CA TYR A 34 6.33 30.79 -15.15
C TYR A 34 7.35 31.70 -14.46
N CYS A 35 7.32 33.00 -14.77
CA CYS A 35 8.19 33.95 -14.08
C CYS A 35 7.93 33.98 -12.58
N PHE A 36 6.66 33.91 -12.18
CA PHE A 36 6.37 33.89 -10.73
C PHE A 36 6.84 32.60 -10.09
N ASP A 37 6.81 31.48 -10.83
CA ASP A 37 7.34 30.24 -10.29
C ASP A 37 8.82 30.39 -9.96
N GLN A 38 9.59 30.95 -10.90
CA GLN A 38 11.02 31.16 -10.67
C GLN A 38 11.27 32.13 -9.53
N LEU A 39 10.48 33.21 -9.46
CA LEU A 39 10.62 34.15 -8.35
C LEU A 39 10.31 33.50 -7.01
N ARG A 40 9.36 32.56 -6.97
CA ARG A 40 9.10 31.84 -5.72
C ARG A 40 10.36 31.12 -5.25
N ARG A 41 10.95 30.29 -6.11
CA ARG A 41 12.08 29.49 -5.69
C ARG A 41 13.30 30.35 -5.35
N ARG A 42 13.38 31.56 -5.91
CA ARG A 42 14.41 32.50 -5.49
C ARG A 42 14.14 33.05 -4.09
N PHE A 43 13.06 33.82 -3.94
CA PHE A 43 12.81 34.56 -2.69
C PHE A 43 11.82 33.90 -1.74
N GLY A 44 11.13 32.84 -2.14
CA GLY A 44 10.22 32.18 -1.21
C GLY A 44 8.75 32.49 -1.46
N ASP A 45 7.94 32.06 -0.49
CA ASP A 45 6.50 32.00 -0.67
C ASP A 45 5.84 33.36 -0.69
N VAL A 46 6.42 34.36 -0.02
CA VAL A 46 5.85 35.70 0.06
C VAL A 46 6.89 36.70 -0.40
N PHE A 47 6.68 37.31 -1.57
CA PHE A 47 7.68 38.18 -2.14
C PHE A 47 7.05 39.44 -2.74
N SER A 48 7.89 40.44 -2.97
CA SER A 48 7.47 41.78 -3.32
C SER A 48 7.84 42.11 -4.76
N LEU A 49 7.06 43.02 -5.36
CA LEU A 49 7.31 43.58 -6.68
C LEU A 49 6.67 44.96 -6.72
N GLN A 50 7.14 45.81 -7.65
CA GLN A 50 6.62 47.19 -7.80
C GLN A 50 6.30 47.40 -9.28
N LEU A 51 5.12 46.95 -9.68
CA LEU A 51 4.69 47.02 -11.08
C LEU A 51 3.88 48.28 -11.34
N ALA A 52 4.02 48.80 -12.57
CA ALA A 52 3.47 50.12 -12.91
C ALA A 52 3.96 51.10 -11.87
N TRP A 53 3.05 51.66 -11.09
CA TRP A 53 3.42 52.45 -9.92
C TRP A 53 2.78 51.86 -8.66
N THR A 54 2.60 50.54 -8.65
CA THR A 54 1.77 49.82 -7.70
C THR A 54 2.60 48.83 -6.90
N PRO A 55 2.49 48.83 -5.56
CA PRO A 55 3.19 47.84 -4.72
C PRO A 55 2.43 46.52 -4.66
N VAL A 56 3.09 45.44 -5.08
CA VAL A 56 2.47 44.12 -5.14
C VAL A 56 3.21 43.17 -4.20
N VAL A 57 2.46 42.30 -3.52
CA VAL A 57 3.01 41.13 -2.84
C VAL A 57 2.33 39.89 -3.41
N VAL A 58 3.15 38.92 -3.85
CA VAL A 58 2.66 37.65 -4.42
C VAL A 58 2.65 36.61 -3.31
N LEU A 59 1.57 35.81 -3.25
CA LEU A 59 1.39 34.83 -2.19
C LEU A 59 1.40 33.44 -2.81
N ASN A 60 2.20 32.53 -2.25
CA ASN A 60 2.44 31.22 -2.86
C ASN A 60 2.25 30.11 -1.84
N GLY A 61 1.58 29.03 -2.25
CA GLY A 61 1.32 27.92 -1.37
C GLY A 61 0.10 28.10 -0.47
N LEU A 62 -0.47 26.97 -0.05
CA LEU A 62 -1.68 26.98 0.76
C LEU A 62 -1.57 27.86 2.01
N ALA A 63 -0.43 27.79 2.71
CA ALA A 63 -0.35 28.40 4.04
C ALA A 63 -0.38 29.91 3.96
N ALA A 64 0.42 30.50 3.04
CA ALA A 64 0.35 31.95 2.82
C ALA A 64 -1.00 32.38 2.21
N VAL A 65 -1.54 31.63 1.23
CA VAL A 65 -2.84 32.03 0.68
C VAL A 65 -3.90 31.97 1.78
N ARG A 66 -3.90 30.90 2.57
CA ARG A 66 -4.90 30.76 3.63
C ARG A 66 -4.71 31.83 4.69
N GLU A 67 -3.46 32.02 5.14
CA GLU A 67 -3.23 33.04 6.15
C GLU A 67 -3.75 34.40 5.71
N ALA A 68 -3.48 34.77 4.44
CA ALA A 68 -3.90 36.08 3.97
C ALA A 68 -5.42 36.18 3.83
N LEU A 69 -6.04 35.19 3.18
CA LEU A 69 -7.43 35.31 2.74
C LEU A 69 -8.43 34.82 3.77
N VAL A 70 -8.01 33.98 4.71
CA VAL A 70 -8.92 33.47 5.73
C VAL A 70 -8.59 34.13 7.07
N THR A 71 -7.47 33.75 7.68
CA THR A 71 -7.07 34.29 8.97
C THR A 71 -7.15 35.81 8.98
N HIS A 72 -6.60 36.45 7.97
CA HIS A 72 -6.72 37.90 7.82
C HIS A 72 -7.83 38.29 6.84
N GLY A 73 -8.76 37.38 6.59
CA GLY A 73 -9.94 37.64 5.78
C GLY A 73 -10.51 39.05 5.79
N GLU A 74 -10.70 39.64 6.97
CA GLU A 74 -11.39 40.92 7.03
C GLU A 74 -10.58 42.05 6.41
N ASP A 75 -9.26 41.92 6.36
CA ASP A 75 -8.42 42.98 5.80
C ASP A 75 -7.84 42.66 4.43
N THR A 76 -8.26 41.56 3.80
CA THR A 76 -7.82 41.25 2.44
C THR A 76 -8.96 41.12 1.44
N ALA A 77 -10.18 41.48 1.82
CA ALA A 77 -11.34 41.27 0.95
C ALA A 77 -11.61 42.44 0.02
N ASP A 78 -10.73 43.44 -0.04
CA ASP A 78 -10.96 44.60 -0.88
C ASP A 78 -10.31 44.36 -2.24
N ARG A 79 -10.76 45.16 -3.24
CA ARG A 79 -10.24 45.12 -4.61
C ARG A 79 -9.39 46.34 -4.89
N PRO A 80 -8.30 46.21 -5.64
CA PRO A 80 -7.57 47.39 -6.11
C PRO A 80 -8.48 48.27 -6.94
N PRO A 81 -8.43 49.59 -6.73
CA PRO A 81 -9.23 50.48 -7.56
C PRO A 81 -8.81 50.34 -9.01
N VAL A 82 -9.77 50.58 -9.90
CA VAL A 82 -9.62 50.45 -11.35
C VAL A 82 -10.25 51.69 -11.98
N PRO A 83 -9.46 52.74 -12.22
CA PRO A 83 -10.05 54.00 -12.70
C PRO A 83 -10.88 53.87 -13.96
N ILE A 84 -10.50 53.01 -14.91
CA ILE A 84 -11.22 53.01 -16.18
C ILE A 84 -12.64 52.46 -16.07
N THR A 85 -12.99 51.68 -15.04
CA THR A 85 -14.38 51.30 -14.85
C THR A 85 -15.30 52.51 -14.76
N GLN A 86 -14.76 53.69 -14.47
CA GLN A 86 -15.48 54.95 -14.59
C GLN A 86 -16.25 55.00 -15.90
N ILE A 87 -15.65 54.47 -16.98
CA ILE A 87 -16.27 54.46 -18.29
C ILE A 87 -17.55 53.63 -18.33
N LEU A 88 -17.71 52.64 -17.45
CA LEU A 88 -18.81 51.70 -17.57
C LEU A 88 -19.93 51.92 -16.56
N GLY A 89 -20.08 53.13 -16.02
CA GLY A 89 -21.19 53.41 -15.14
C GLY A 89 -20.94 53.10 -13.68
N PHE A 90 -19.67 52.93 -13.31
CA PHE A 90 -19.30 52.61 -11.93
C PHE A 90 -19.45 53.82 -11.04
N GLY A 91 -20.08 53.63 -9.88
CA GLY A 91 -20.22 54.68 -8.91
C GLY A 91 -20.31 54.06 -7.54
N PRO A 92 -20.43 54.89 -6.51
CA PRO A 92 -20.38 54.35 -5.14
C PRO A 92 -21.48 53.35 -4.81
N ARG A 93 -22.63 53.41 -5.46
CA ARG A 93 -23.64 52.37 -5.28
C ARG A 93 -23.90 51.59 -6.57
N SER A 94 -22.93 51.63 -7.51
CA SER A 94 -23.02 50.91 -8.79
C SER A 94 -21.66 50.28 -9.11
N GLN A 95 -21.26 49.32 -8.30
CA GLN A 95 -19.96 48.70 -8.50
C GLN A 95 -20.08 47.24 -8.90
N GLY A 96 -21.30 46.75 -9.14
CA GLY A 96 -21.48 45.34 -9.33
C GLY A 96 -20.92 44.57 -8.14
N VAL A 97 -20.46 43.36 -8.41
CA VAL A 97 -19.95 42.47 -7.37
C VAL A 97 -18.46 42.20 -7.57
N PHE A 98 -18.05 41.88 -8.82
CA PHE A 98 -16.72 41.34 -9.07
C PHE A 98 -15.61 42.30 -8.65
N LEU A 99 -15.61 43.53 -9.18
CA LEU A 99 -14.58 44.49 -8.86
C LEU A 99 -15.00 45.47 -7.77
N ALA A 100 -16.17 45.31 -7.19
CA ALA A 100 -16.65 46.23 -6.17
C ALA A 100 -15.70 46.26 -4.97
N ARG A 101 -15.57 47.43 -4.37
CA ARG A 101 -14.75 47.57 -3.17
C ARG A 101 -15.42 46.87 -2.01
N TYR A 102 -14.60 46.38 -1.07
CA TYR A 102 -15.12 45.88 0.20
C TYR A 102 -15.93 46.98 0.88
N GLY A 103 -17.17 46.66 1.26
CA GLY A 103 -18.07 47.64 1.80
C GLY A 103 -19.51 47.24 1.54
N PRO A 104 -20.48 48.11 1.88
CA PRO A 104 -21.88 47.70 1.76
C PRO A 104 -22.33 47.47 0.33
N ALA A 105 -21.84 48.25 -0.62
CA ALA A 105 -22.22 48.04 -2.01
C ALA A 105 -21.82 46.63 -2.44
N TRP A 106 -20.59 46.21 -2.11
CA TRP A 106 -20.19 44.85 -2.43
C TRP A 106 -21.03 43.87 -1.66
N ARG A 107 -21.23 44.14 -0.38
CA ARG A 107 -21.81 43.12 0.49
C ARG A 107 -23.29 42.89 0.16
N GLU A 108 -24.02 43.95 -0.20
CA GLU A 108 -25.42 43.78 -0.54
C GLU A 108 -25.56 42.93 -1.79
N GLN A 109 -24.78 43.24 -2.85
CA GLN A 109 -24.89 42.46 -4.08
C GLN A 109 -24.35 41.05 -3.91
N ARG A 110 -23.32 40.88 -3.09
CA ARG A 110 -22.80 39.53 -2.84
C ARG A 110 -23.85 38.66 -2.15
N ARG A 111 -24.51 39.18 -1.11
CA ARG A 111 -25.56 38.41 -0.44
C ARG A 111 -26.74 38.13 -1.39
N PHE A 112 -27.12 39.14 -2.18
CA PHE A 112 -28.22 38.96 -3.13
C PHE A 112 -27.95 37.83 -4.12
N SER A 113 -26.77 37.86 -4.75
CA SER A 113 -26.43 36.87 -5.77
C SER A 113 -26.32 35.48 -5.15
N VAL A 114 -25.66 35.38 -3.99
CA VAL A 114 -25.50 34.10 -3.32
C VAL A 114 -26.86 33.50 -3.01
N SER A 115 -27.80 34.29 -2.49
CA SER A 115 -29.08 33.75 -2.05
C SER A 115 -30.01 33.51 -3.23
N THR A 116 -30.00 34.41 -4.22
CA THR A 116 -30.70 34.14 -5.48
C THR A 116 -30.25 32.83 -6.11
N LEU A 117 -28.94 32.56 -6.10
CA LEU A 117 -28.47 31.29 -6.67
C LEU A 117 -28.94 30.11 -5.82
N ARG A 118 -28.90 30.25 -4.49
CA ARG A 118 -29.45 29.22 -3.62
C ARG A 118 -30.92 28.98 -3.91
N ASN A 119 -31.72 30.04 -3.96
CA ASN A 119 -33.16 29.89 -4.16
C ASN A 119 -33.46 29.24 -5.50
N LEU A 120 -32.93 29.80 -6.59
CA LEU A 120 -33.14 29.20 -7.91
C LEU A 120 -32.72 27.74 -7.94
N GLY A 121 -31.85 27.31 -7.05
CA GLY A 121 -31.40 25.93 -6.99
C GLY A 121 -32.12 25.06 -5.98
N LEU A 122 -33.15 25.58 -5.33
CA LEU A 122 -33.95 24.81 -4.39
C LEU A 122 -35.40 24.81 -4.85
N GLY A 123 -36.21 24.00 -4.15
CA GLY A 123 -37.62 23.86 -4.46
C GLY A 123 -37.89 23.18 -5.79
N LYS A 124 -38.17 24.00 -6.80
CA LYS A 124 -38.41 23.51 -8.15
CA LYS A 124 -38.42 23.42 -8.11
C LYS A 124 -37.13 23.01 -8.82
N LYS A 125 -35.97 23.44 -8.32
CA LYS A 125 -34.64 23.12 -8.89
C LYS A 125 -34.51 23.66 -10.33
N SER A 126 -34.79 24.96 -10.48
CA SER A 126 -34.79 25.57 -11.80
C SER A 126 -33.41 25.51 -12.45
N LEU A 127 -32.35 25.90 -11.73
CA LEU A 127 -31.02 25.89 -12.35
C LEU A 127 -30.65 24.51 -12.84
N GLU A 128 -30.86 23.48 -12.02
CA GLU A 128 -30.53 22.13 -12.48
C GLU A 128 -31.30 21.77 -13.75
N GLN A 129 -32.58 22.15 -13.83
CA GLN A 129 -33.34 21.85 -15.05
C GLN A 129 -32.81 22.64 -16.24
N TRP A 130 -32.46 23.93 -16.06
CA TRP A 130 -31.89 24.67 -17.18
C TRP A 130 -30.57 24.05 -17.65
N VAL A 131 -29.73 23.61 -16.72
CA VAL A 131 -28.46 22.98 -17.11
C VAL A 131 -28.70 21.64 -17.79
N THR A 132 -29.60 20.82 -17.22
CA THR A 132 -29.98 19.55 -17.85
C THR A 132 -30.48 19.74 -19.27
N GLU A 133 -31.31 20.76 -19.51
CA GLU A 133 -31.79 20.96 -20.86
C GLU A 133 -30.66 21.41 -21.78
N GLU A 134 -29.77 22.27 -21.27
CA GLU A 134 -28.68 22.75 -22.12
C GLU A 134 -27.75 21.61 -22.47
N ALA A 135 -27.51 20.69 -21.51
CA ALA A 135 -26.70 19.50 -21.80
C ALA A 135 -27.30 18.66 -22.92
N ALA A 136 -28.63 18.49 -22.91
CA ALA A 136 -29.30 17.79 -24.00
C ALA A 136 -29.07 18.51 -25.32
N CYS A 137 -29.24 19.84 -25.33
CA CYS A 137 -28.97 20.60 -26.54
C CYS A 137 -27.52 20.46 -26.96
N LEU A 138 -26.61 20.42 -25.99
CA LEU A 138 -25.20 20.38 -26.32
C LEU A 138 -24.84 19.04 -26.95
N CYS A 139 -25.41 17.94 -26.43
CA CYS A 139 -25.22 16.63 -27.05
C CYS A 139 -25.74 16.60 -28.49
N ALA A 140 -26.92 17.21 -28.74
CA ALA A 140 -27.46 17.23 -30.10
C ALA A 140 -26.53 17.98 -31.04
N ALA A 141 -25.98 19.12 -30.60
CA ALA A 141 -25.05 19.82 -31.47
C ALA A 141 -23.79 19.01 -31.70
N PHE A 142 -23.42 18.13 -30.75
CA PHE A 142 -22.28 17.23 -30.95
C PHE A 142 -22.63 16.18 -31.99
N ALA A 143 -23.78 15.52 -31.84
CA ALA A 143 -24.23 14.54 -32.83
C ALA A 143 -24.20 15.10 -34.25
N ASN A 144 -24.71 16.31 -34.46
CA ASN A 144 -24.80 16.85 -35.81
C ASN A 144 -23.44 17.06 -36.46
N HIS A 145 -22.35 16.86 -35.74
CA HIS A 145 -21.07 16.94 -36.43
C HIS A 145 -20.72 15.61 -37.10
N SER A 146 -21.41 14.55 -36.72
CA SER A 146 -21.40 13.28 -37.46
C SER A 146 -19.97 12.74 -37.61
N GLY A 147 -19.23 12.72 -36.51
CA GLY A 147 -17.96 12.03 -36.49
C GLY A 147 -16.87 12.61 -37.38
N ARG A 148 -17.14 13.77 -37.97
CA ARG A 148 -16.08 14.55 -38.58
C ARG A 148 -15.35 15.35 -37.49
N PRO A 149 -14.07 15.66 -37.66
CA PRO A 149 -13.35 16.39 -36.61
C PRO A 149 -13.80 17.83 -36.49
N PHE A 150 -13.73 18.35 -35.26
CA PHE A 150 -14.10 19.75 -35.00
C PHE A 150 -13.49 20.23 -33.68
N ARG A 151 -13.28 21.54 -33.59
CA ARG A 151 -12.94 22.17 -32.32
C ARG A 151 -14.20 22.31 -31.47
N PRO A 152 -14.23 21.77 -30.25
CA PRO A 152 -15.45 21.87 -29.43
C PRO A 152 -15.64 23.19 -28.70
N ASN A 153 -14.69 24.14 -28.79
CA ASN A 153 -14.70 25.31 -27.92
C ASN A 153 -15.94 26.18 -28.11
N GLY A 154 -16.30 26.43 -29.38
CA GLY A 154 -17.40 27.33 -29.64
C GLY A 154 -18.72 26.82 -29.08
N LEU A 155 -18.95 25.53 -29.18
CA LEU A 155 -20.18 24.95 -28.65
C LEU A 155 -20.18 24.97 -27.13
N LEU A 156 -19.03 24.70 -26.51
CA LEU A 156 -18.98 24.78 -25.06
C LEU A 156 -19.25 26.21 -24.58
N ASP A 157 -18.68 27.19 -25.27
CA ASP A 157 -18.99 28.59 -24.98
C ASP A 157 -20.49 28.84 -24.99
N LYS A 158 -21.19 28.34 -26.02
CA LYS A 158 -22.61 28.66 -26.15
C LYS A 158 -23.43 27.99 -25.04
N ALA A 159 -23.17 26.70 -24.79
CA ALA A 159 -23.92 26.00 -23.75
C ALA A 159 -23.78 26.72 -22.41
N VAL A 160 -22.55 27.09 -22.03
CA VAL A 160 -22.30 27.73 -20.75
C VAL A 160 -22.88 29.14 -20.71
N SER A 161 -22.90 29.84 -21.85
CA SER A 161 -23.52 31.16 -21.90
C SER A 161 -25.02 31.05 -21.70
N ASN A 162 -25.64 30.04 -22.31
CA ASN A 162 -27.08 29.85 -22.12
C ASN A 162 -27.42 29.56 -20.67
N VAL A 163 -26.53 28.89 -19.93
CA VAL A 163 -26.79 28.71 -18.50
C VAL A 163 -26.82 30.06 -17.79
N ILE A 164 -25.87 30.95 -18.11
CA ILE A 164 -25.89 32.31 -17.55
C ILE A 164 -27.17 33.06 -17.96
N ALA A 165 -27.48 33.05 -19.27
CA ALA A 165 -28.73 33.67 -19.75
C ALA A 165 -29.93 33.13 -18.99
N SER A 166 -29.95 31.84 -18.72
CA SER A 166 -31.06 31.25 -17.97
C SER A 166 -31.09 31.80 -16.55
N LEU A 167 -29.94 31.78 -15.87
CA LEU A 167 -29.84 32.31 -14.52
C LEU A 167 -30.30 33.76 -14.47
N THR A 168 -29.84 34.57 -15.41
CA THR A 168 -30.02 35.99 -15.29
C THR A 168 -31.26 36.50 -16.01
N CYS A 169 -31.67 35.90 -17.12
CA CYS A 169 -32.84 36.39 -17.85
C CYS A 169 -33.94 35.36 -18.06
N GLY A 170 -33.77 34.13 -17.59
CA GLY A 170 -34.83 33.15 -17.74
C GLY A 170 -35.10 32.64 -19.14
N ARG A 171 -34.13 32.75 -20.04
CA ARG A 171 -34.27 32.22 -21.39
C ARG A 171 -32.94 31.58 -21.81
N ARG A 172 -32.96 30.88 -22.94
CA ARG A 172 -31.76 30.49 -23.66
C ARG A 172 -31.84 31.06 -25.08
N PHE A 173 -30.79 30.85 -25.86
CA PHE A 173 -30.73 31.25 -27.25
C PHE A 173 -30.35 30.05 -28.09
N GLU A 174 -30.96 29.96 -29.28
CA GLU A 174 -30.58 28.94 -30.25
C GLU A 174 -29.11 29.13 -30.65
N TYR A 175 -28.39 28.01 -30.86
CA TYR A 175 -26.94 28.14 -31.11
C TYR A 175 -26.62 28.91 -32.38
N ASP A 176 -27.58 29.10 -33.28
CA ASP A 176 -27.39 29.87 -34.50
C ASP A 176 -27.99 31.26 -34.43
N ASP A 177 -28.58 31.63 -33.30
CA ASP A 177 -29.19 32.94 -33.17
C ASP A 177 -28.14 34.03 -33.42
N PRO A 178 -28.44 35.02 -34.24
CA PRO A 178 -27.41 36.02 -34.60
C PRO A 178 -27.06 36.97 -33.47
N ARG A 179 -28.06 37.41 -32.71
CA ARG A 179 -27.77 38.23 -31.54
C ARG A 179 -26.86 37.48 -30.58
N PHE A 180 -27.18 36.22 -30.31
CA PHE A 180 -26.37 35.38 -29.43
C PHE A 180 -24.94 35.30 -29.93
N LEU A 181 -24.75 35.01 -31.22
CA LEU A 181 -23.40 35.03 -31.75
C LEU A 181 -22.75 36.39 -31.49
N ARG A 182 -23.50 37.47 -31.70
CA ARG A 182 -22.95 38.81 -31.49
C ARG A 182 -22.52 38.99 -30.04
N LEU A 183 -23.44 38.73 -29.10
CA LEU A 183 -23.12 38.81 -27.68
C LEU A 183 -21.87 37.99 -27.34
N LEU A 184 -21.74 36.81 -27.93
CA LEU A 184 -20.59 35.95 -27.66
C LEU A 184 -19.32 36.58 -28.18
N ASP A 185 -19.33 37.03 -29.44
CA ASP A 185 -18.12 37.59 -30.04
C ASP A 185 -17.67 38.83 -29.29
N LEU A 186 -18.61 39.71 -28.94
CA LEU A 186 -18.25 40.89 -28.17
C LEU A 186 -17.64 40.50 -26.83
N ALA A 187 -18.20 39.47 -26.20
CA ALA A 187 -17.65 38.98 -24.93
C ALA A 187 -16.22 38.50 -25.08
N GLN A 188 -15.93 37.77 -26.16
CA GLN A 188 -14.56 37.31 -26.38
C GLN A 188 -13.60 38.47 -26.61
N GLU A 189 -14.01 39.46 -27.42
CA GLU A 189 -13.16 40.62 -27.66
C GLU A 189 -12.95 41.41 -26.37
N GLY A 190 -14.00 41.57 -25.57
CA GLY A 190 -13.93 42.35 -24.34
C GLY A 190 -13.14 41.69 -23.23
N LEU A 191 -12.92 40.36 -23.32
CA LEU A 191 -11.95 39.72 -22.45
C LEU A 191 -10.53 40.11 -22.85
N LYS A 192 -10.28 40.20 -24.16
CA LYS A 192 -8.98 40.63 -24.64
C LYS A 192 -8.63 42.01 -24.12
N GLU A 193 -9.59 42.94 -24.15
CA GLU A 193 -9.31 44.28 -23.63
C GLU A 193 -8.90 44.28 -22.17
N GLU A 194 -9.32 43.27 -21.40
CA GLU A 194 -8.91 43.20 -19.99
C GLU A 194 -7.40 43.06 -19.85
N SER A 195 -6.75 42.44 -20.83
CA SER A 195 -5.30 42.32 -20.87
C SER A 195 -4.81 43.13 -22.07
N GLY A 196 -4.49 44.39 -21.82
CA GLY A 196 -3.93 45.22 -22.86
C GLY A 196 -2.83 46.13 -22.36
N PHE A 197 -1.84 46.39 -23.21
CA PHE A 197 -0.93 47.49 -22.93
C PHE A 197 -1.73 48.77 -22.70
N LEU A 198 -2.53 49.13 -23.70
CA LEU A 198 -3.38 50.33 -23.62
C LEU A 198 -4.15 50.34 -22.30
N ARG A 199 -4.92 49.27 -22.05
CA ARG A 199 -5.75 49.22 -20.84
C ARG A 199 -4.94 49.53 -19.60
N GLU A 200 -3.78 48.88 -19.44
CA GLU A 200 -2.97 49.16 -18.27
C GLU A 200 -2.44 50.58 -18.27
N VAL A 201 -2.27 51.19 -19.44
CA VAL A 201 -1.75 52.55 -19.50
C VAL A 201 -2.71 53.53 -18.86
N LEU A 202 -3.91 53.69 -19.44
CA LEU A 202 -4.85 54.66 -18.87
C LEU A 202 -5.24 54.25 -17.46
N ASN A 203 -5.31 52.95 -17.20
CA ASN A 203 -5.59 52.52 -15.84
C ASN A 203 -4.52 52.99 -14.88
N ALA A 204 -3.24 52.70 -15.20
CA ALA A 204 -2.15 53.09 -14.31
C ALA A 204 -2.02 54.60 -14.19
N VAL A 205 -2.30 55.33 -15.25
CA VAL A 205 -2.30 56.79 -15.10
C VAL A 205 -3.59 57.28 -15.75
N PRO A 206 -4.59 57.66 -14.95
CA PRO A 206 -5.97 57.78 -15.44
C PRO A 206 -6.30 59.14 -16.03
N VAL A 207 -5.41 60.14 -15.92
CA VAL A 207 -5.77 61.47 -16.39
C VAL A 207 -5.77 61.56 -17.92
N LEU A 208 -5.18 60.59 -18.62
CA LEU A 208 -5.27 60.51 -20.08
C LEU A 208 -6.63 60.08 -20.57
N LEU A 209 -7.63 59.93 -19.70
CA LEU A 209 -8.95 59.64 -20.21
C LEU A 209 -9.72 60.92 -20.56
N HIS A 210 -9.08 62.09 -20.43
CA HIS A 210 -9.65 63.32 -20.97
C HIS A 210 -9.50 63.39 -22.48
N ILE A 211 -8.57 62.61 -23.03
CA ILE A 211 -8.36 62.56 -24.48
C ILE A 211 -9.34 61.59 -25.15
N PRO A 212 -10.38 62.09 -25.82
CA PRO A 212 -11.46 61.20 -26.28
C PRO A 212 -11.00 60.10 -27.21
N ALA A 213 -9.91 60.30 -27.94
CA ALA A 213 -9.43 59.24 -28.80
C ALA A 213 -8.93 58.04 -28.01
N LEU A 214 -8.30 58.29 -26.85
CA LEU A 214 -7.87 57.16 -26.02
C LEU A 214 -9.04 56.55 -25.28
N ALA A 215 -9.81 57.39 -24.56
CA ALA A 215 -10.91 56.91 -23.73
C ALA A 215 -11.88 56.05 -24.51
N GLY A 216 -12.23 56.47 -25.73
CA GLY A 216 -13.21 55.72 -26.49
C GLY A 216 -12.77 54.35 -26.92
N LYS A 217 -11.47 54.02 -26.78
CA LYS A 217 -10.93 52.81 -27.41
C LYS A 217 -10.53 51.70 -26.45
N VAL A 218 -10.26 52.03 -25.19
CA VAL A 218 -9.78 51.03 -24.24
C VAL A 218 -10.80 49.91 -24.11
N LEU A 219 -12.03 50.26 -23.73
CA LEU A 219 -13.07 49.27 -23.56
C LEU A 219 -14.12 49.41 -24.66
N ARG A 220 -13.67 49.56 -25.91
CA ARG A 220 -14.59 49.61 -27.04
C ARG A 220 -15.58 48.45 -27.01
N PHE A 221 -15.06 47.22 -26.92
CA PHE A 221 -15.89 46.04 -27.05
C PHE A 221 -16.72 45.76 -25.82
N GLN A 222 -16.20 46.07 -24.64
CA GLN A 222 -17.01 45.91 -23.44
C GLN A 222 -18.25 46.78 -23.50
N LYS A 223 -18.08 48.05 -23.90
CA LYS A 223 -19.22 48.94 -24.05
C LYS A 223 -20.25 48.36 -25.01
N ALA A 224 -19.79 47.77 -26.11
CA ALA A 224 -20.71 47.16 -27.07
C ALA A 224 -21.37 45.93 -26.45
N PHE A 225 -20.59 45.13 -25.74
CA PHE A 225 -21.16 44.04 -24.96
C PHE A 225 -22.27 44.56 -24.06
N LEU A 226 -21.96 45.60 -23.25
CA LEU A 226 -22.96 46.18 -22.36
C LEU A 226 -24.18 46.68 -23.13
N THR A 227 -23.96 47.29 -24.29
CA THR A 227 -25.10 47.79 -25.08
C THR A 227 -26.02 46.65 -25.50
N GLN A 228 -25.43 45.52 -25.89
CA GLN A 228 -26.24 44.38 -26.29
C GLN A 228 -27.03 43.81 -25.11
N LEU A 229 -26.42 43.77 -23.91
CA LEU A 229 -27.16 43.33 -22.73
C LEU A 229 -28.31 44.26 -22.40
N ASP A 230 -28.05 45.57 -22.38
CA ASP A 230 -29.11 46.58 -22.20
C ASP A 230 -30.32 46.24 -23.06
N GLU A 231 -30.07 45.87 -24.32
CA GLU A 231 -31.17 45.51 -25.22
C GLU A 231 -31.92 44.29 -24.68
N LEU A 232 -31.18 43.26 -24.24
CA LEU A 232 -31.82 42.08 -23.67
C LEU A 232 -32.56 42.40 -22.39
N LEU A 233 -31.96 43.21 -21.51
CA LEU A 233 -32.64 43.55 -20.25
C LEU A 233 -33.92 44.33 -20.52
N THR A 234 -33.90 45.20 -21.54
CA THR A 234 -35.10 45.94 -21.92
C THR A 234 -36.21 44.99 -22.33
N GLU A 235 -35.88 44.02 -23.17
CA GLU A 235 -36.88 43.01 -23.54
C GLU A 235 -37.40 42.29 -22.30
N HIS A 236 -36.48 41.84 -21.44
CA HIS A 236 -36.88 41.09 -20.27
C HIS A 236 -37.79 41.95 -19.38
N ARG A 237 -37.50 43.24 -19.30
CA ARG A 237 -38.36 44.14 -18.54
C ARG A 237 -39.79 44.06 -19.04
N MET A 238 -39.97 43.92 -20.35
CA MET A 238 -41.32 43.90 -20.90
C MET A 238 -42.07 42.62 -20.53
N THR A 239 -41.38 41.49 -20.47
CA THR A 239 -42.08 40.21 -20.23
C THR A 239 -42.16 39.84 -18.75
N TRP A 240 -41.51 40.59 -17.87
CA TRP A 240 -41.52 40.27 -16.46
C TRP A 240 -42.93 40.39 -15.89
N ASP A 241 -43.33 39.37 -15.13
CA ASP A 241 -44.64 39.34 -14.48
C ASP A 241 -44.42 39.55 -12.98
N PRO A 242 -44.51 40.79 -12.48
CA PRO A 242 -44.21 41.05 -11.05
C PRO A 242 -45.25 40.51 -10.10
N ALA A 243 -46.34 39.93 -10.62
CA ALA A 243 -47.38 39.32 -9.83
C ALA A 243 -47.05 37.89 -9.48
N GLN A 244 -45.98 37.36 -10.04
CA GLN A 244 -45.49 36.02 -9.81
C GLN A 244 -44.11 36.08 -9.15
N PRO A 245 -43.73 35.04 -8.41
CA PRO A 245 -42.40 35.03 -7.82
C PRO A 245 -41.34 35.14 -8.91
N PRO A 246 -40.23 35.79 -8.62
CA PRO A 246 -39.20 35.98 -9.65
C PRO A 246 -38.72 34.65 -10.17
N ARG A 247 -38.60 34.53 -11.48
CA ARG A 247 -38.18 33.25 -12.02
C ARG A 247 -36.71 33.24 -12.39
N ASP A 248 -36.00 34.34 -12.19
CA ASP A 248 -34.58 34.42 -12.51
C ASP A 248 -33.98 35.62 -11.77
N LEU A 249 -32.68 35.83 -11.96
CA LEU A 249 -32.00 36.73 -11.05
C LEU A 249 -32.39 38.16 -11.35
N THR A 250 -32.54 38.49 -12.62
CA THR A 250 -32.89 39.85 -12.97
C THR A 250 -34.27 40.23 -12.44
N GLU A 251 -35.20 39.29 -12.42
CA GLU A 251 -36.50 39.58 -11.84
C GLU A 251 -36.38 39.83 -10.34
N ALA A 252 -35.70 38.94 -9.63
CA ALA A 252 -35.43 39.16 -8.20
C ALA A 252 -34.85 40.54 -7.98
N PHE A 253 -33.90 40.93 -8.84
CA PHE A 253 -33.25 42.23 -8.71
C PHE A 253 -34.27 43.34 -8.93
N LEU A 254 -35.08 43.22 -10.00
CA LEU A 254 -36.06 44.26 -10.31
C LEU A 254 -37.06 44.42 -9.18
N ALA A 255 -37.48 43.32 -8.56
CA ALA A 255 -38.34 43.42 -7.38
C ALA A 255 -37.66 44.22 -6.25
N GLU A 256 -36.38 43.94 -5.98
CA GLU A 256 -35.67 44.70 -4.95
C GLU A 256 -35.58 46.17 -5.31
N MET A 257 -35.34 46.46 -6.59
CA MET A 257 -35.25 47.84 -7.04
C MET A 257 -36.54 48.61 -6.77
N GLU A 258 -37.68 47.95 -6.95
CA GLU A 258 -38.97 48.60 -6.67
C GLU A 258 -39.09 48.95 -5.19
N LYS A 259 -38.75 48.00 -4.31
CA LYS A 259 -38.80 48.25 -2.87
C LYS A 259 -37.85 49.37 -2.46
N ALA A 260 -36.81 49.59 -3.25
CA ALA A 260 -35.75 50.54 -2.92
C ALA A 260 -35.95 51.93 -3.54
N LYS A 261 -37.07 52.20 -4.20
CA LYS A 261 -37.27 53.53 -4.75
C LYS A 261 -37.33 54.54 -3.61
N GLY A 262 -36.58 55.63 -3.76
CA GLY A 262 -36.46 56.61 -2.71
C GLY A 262 -35.37 56.33 -1.68
N ASN A 263 -34.63 55.23 -1.81
CA ASN A 263 -33.53 54.93 -0.89
C ASN A 263 -32.20 55.09 -1.61
N PRO A 264 -31.53 56.25 -1.50
CA PRO A 264 -30.26 56.43 -2.20
C PRO A 264 -29.14 55.55 -1.67
N GLU A 265 -29.33 54.83 -0.56
CA GLU A 265 -28.25 53.96 -0.09
C GLU A 265 -28.27 52.59 -0.76
N SER A 266 -29.36 52.24 -1.44
CA SER A 266 -29.47 50.93 -2.03
C SER A 266 -28.52 50.82 -3.23
N SER A 267 -27.99 49.61 -3.43
CA SER A 267 -27.27 49.24 -4.64
C SER A 267 -28.17 48.60 -5.70
N PHE A 268 -29.47 48.53 -5.45
CA PHE A 268 -30.43 47.99 -6.43
C PHE A 268 -30.96 49.15 -7.26
N ASN A 269 -30.30 49.43 -8.38
CA ASN A 269 -30.65 50.52 -9.25
C ASN A 269 -30.27 50.13 -10.68
N ASP A 270 -30.81 50.87 -11.65
CA ASP A 270 -30.65 50.44 -13.04
C ASP A 270 -29.19 50.43 -13.47
N GLU A 271 -28.37 51.32 -12.93
CA GLU A 271 -26.96 51.37 -13.33
C GLU A 271 -26.21 50.12 -12.88
N ASN A 272 -26.57 49.59 -11.72
CA ASN A 272 -25.92 48.43 -11.16
C ASN A 272 -26.49 47.13 -11.68
N LEU A 273 -27.76 47.12 -12.09
CA LEU A 273 -28.32 45.90 -12.67
C LEU A 273 -27.45 45.41 -13.82
N ARG A 274 -27.10 46.31 -14.74
CA ARG A 274 -26.36 45.89 -15.92
C ARG A 274 -24.91 45.53 -15.59
N ILE A 275 -24.35 46.09 -14.52
CA ILE A 275 -23.00 45.67 -14.17
C ILE A 275 -23.04 44.31 -13.48
N VAL A 276 -24.03 44.07 -12.64
CA VAL A 276 -24.13 42.78 -11.98
C VAL A 276 -24.32 41.68 -13.02
N VAL A 277 -25.24 41.91 -13.97
CA VAL A 277 -25.49 40.88 -14.97
C VAL A 277 -24.24 40.67 -15.83
N ALA A 278 -23.57 41.74 -16.23
CA ALA A 278 -22.35 41.60 -17.01
C ALA A 278 -21.22 40.92 -16.22
N ASP A 279 -21.15 41.13 -14.90
CA ASP A 279 -20.16 40.41 -14.10
C ASP A 279 -20.42 38.91 -14.11
N LEU A 280 -21.70 38.52 -14.03
CA LEU A 280 -22.03 37.10 -14.02
C LEU A 280 -21.66 36.44 -15.35
N PHE A 281 -21.92 37.10 -16.48
CA PHE A 281 -21.45 36.53 -17.74
C PHE A 281 -19.93 36.47 -17.78
N SER A 282 -19.29 37.59 -17.41
CA SER A 282 -17.84 37.72 -17.54
C SER A 282 -17.10 36.69 -16.70
N ALA A 283 -17.54 36.53 -15.46
CA ALA A 283 -16.87 35.62 -14.55
C ALA A 283 -17.27 34.16 -14.78
N GLY A 284 -18.42 33.90 -15.37
CA GLY A 284 -18.91 32.54 -15.38
C GLY A 284 -18.89 31.84 -16.72
N MET A 285 -18.63 32.56 -17.81
CA MET A 285 -18.62 31.94 -19.13
CA MET A 285 -18.61 31.99 -19.15
C MET A 285 -17.28 31.28 -19.43
N GLU A 286 -16.28 32.07 -19.80
CA GLU A 286 -15.00 31.50 -20.22
C GLU A 286 -14.40 30.57 -19.18
N THR A 287 -14.61 30.83 -17.88
CA THR A 287 -14.04 29.92 -16.89
C THR A 287 -14.63 28.52 -17.04
N THR A 288 -15.97 28.43 -17.09
CA THR A 288 -16.62 27.12 -17.09
C THR A 288 -16.35 26.41 -18.41
N SER A 289 -16.45 27.16 -19.51
CA SER A 289 -16.27 26.61 -20.84
C SER A 289 -14.83 26.15 -21.04
N THR A 290 -13.86 26.97 -20.63
CA THR A 290 -12.46 26.58 -20.77
C THR A 290 -12.17 25.34 -19.92
N THR A 291 -12.80 25.23 -18.73
CA THR A 291 -12.62 24.02 -17.93
C THR A 291 -13.13 22.80 -18.69
N LEU A 292 -14.32 22.90 -19.31
CA LEU A 292 -14.85 21.77 -20.06
C LEU A 292 -13.95 21.45 -21.24
N ALA A 293 -13.39 22.48 -21.89
CA ALA A 293 -12.46 22.26 -22.99
C ALA A 293 -11.24 21.48 -22.52
N TRP A 294 -10.73 21.80 -21.32
CA TRP A 294 -9.66 21.00 -20.73
C TRP A 294 -10.11 19.55 -20.53
N GLY A 295 -11.37 19.36 -20.09
CA GLY A 295 -11.83 18.02 -19.75
C GLY A 295 -11.88 17.09 -20.95
N LEU A 296 -12.42 17.59 -22.08
CA LEU A 296 -12.47 16.80 -23.30
C LEU A 296 -11.08 16.50 -23.82
N LEU A 297 -10.20 17.51 -23.85
CA LEU A 297 -8.81 17.28 -24.18
C LEU A 297 -8.20 16.17 -23.32
N LEU A 298 -8.33 16.29 -22.01
CA LEU A 298 -7.71 15.27 -21.15
C LEU A 298 -8.39 13.93 -21.32
N MET A 299 -9.59 13.90 -21.90
CA MET A 299 -10.26 12.63 -22.11
C MET A 299 -9.77 11.93 -23.38
N ILE A 300 -9.34 12.68 -24.39
CA ILE A 300 -8.79 12.04 -25.58
C ILE A 300 -7.30 11.74 -25.43
N LEU A 301 -6.57 12.51 -24.61
CA LEU A 301 -5.20 12.15 -24.26
C LEU A 301 -5.13 11.00 -23.28
N HIS A 302 -6.19 10.73 -22.54
CA HIS A 302 -6.19 9.69 -21.52
C HIS A 302 -7.42 8.82 -21.68
N PRO A 303 -7.54 8.13 -22.84
CA PRO A 303 -8.78 7.38 -23.14
C PRO A 303 -9.09 6.31 -22.11
N ASP A 304 -8.07 5.78 -21.43
CA ASP A 304 -8.32 4.84 -20.35
C ASP A 304 -9.17 5.48 -19.26
N VAL A 305 -8.84 6.72 -18.88
CA VAL A 305 -9.66 7.41 -17.87
C VAL A 305 -11.07 7.62 -18.41
N GLN A 306 -11.18 8.03 -19.69
CA GLN A 306 -12.50 8.19 -20.30
C GLN A 306 -13.34 6.92 -20.13
N ARG A 307 -12.79 5.77 -20.51
CA ARG A 307 -13.56 4.52 -20.46
C ARG A 307 -13.98 4.18 -19.04
N ARG A 308 -13.13 4.46 -18.06
CA ARG A 308 -13.50 4.14 -16.68
C ARG A 308 -14.59 5.08 -16.16
N VAL A 309 -14.61 6.33 -16.62
CA VAL A 309 -15.75 7.19 -16.31
C VAL A 309 -16.99 6.65 -17.01
N GLN A 310 -16.84 6.22 -18.27
CA GLN A 310 -17.99 5.65 -18.97
C GLN A 310 -18.50 4.40 -18.29
N GLN A 311 -17.59 3.59 -17.72
CA GLN A 311 -18.01 2.45 -16.93
C GLN A 311 -18.87 2.87 -15.75
N GLU A 312 -18.39 3.84 -14.97
CA GLU A 312 -19.14 4.25 -13.78
C GLU A 312 -20.46 4.91 -14.16
N ILE A 313 -20.48 5.60 -15.30
CA ILE A 313 -21.72 6.20 -15.81
C ILE A 313 -22.75 5.11 -16.09
N ASP A 314 -22.35 4.11 -16.90
CA ASP A 314 -23.22 3.00 -17.25
C ASP A 314 -23.73 2.26 -16.01
N ASP A 315 -22.86 2.12 -15.00
CA ASP A 315 -23.21 1.28 -13.87
C ASP A 315 -24.05 2.03 -12.85
N VAL A 316 -23.96 3.35 -12.81
CA VAL A 316 -24.73 4.13 -11.85
C VAL A 316 -25.98 4.76 -12.46
N ILE A 317 -25.96 5.12 -13.75
CA ILE A 317 -26.99 5.93 -14.37
C ILE A 317 -27.64 5.22 -15.54
N GLY A 318 -26.85 4.55 -16.37
CA GLY A 318 -27.31 3.92 -17.61
C GLY A 318 -26.83 4.69 -18.82
N GLN A 319 -27.27 4.22 -19.99
CA GLN A 319 -26.99 4.92 -21.24
C GLN A 319 -28.19 5.73 -21.73
N VAL A 320 -29.31 5.68 -21.01
CA VAL A 320 -30.55 6.33 -21.44
C VAL A 320 -30.84 7.59 -20.64
N ARG A 321 -31.01 7.46 -19.33
CA ARG A 321 -31.50 8.55 -18.50
C ARG A 321 -30.52 9.72 -18.47
N ARG A 322 -31.06 10.93 -18.29
CA ARG A 322 -30.19 12.09 -18.15
C ARG A 322 -29.55 12.11 -16.77
N PRO A 323 -28.26 12.46 -16.69
CA PRO A 323 -27.62 12.59 -15.37
C PRO A 323 -28.31 13.67 -14.54
N GLU A 324 -28.39 13.41 -13.25
CA GLU A 324 -28.92 14.33 -12.25
C GLU A 324 -27.84 14.61 -11.21
N MET A 325 -28.01 15.69 -10.44
CA MET A 325 -27.00 16.02 -9.44
C MET A 325 -26.90 14.96 -8.37
N GLY A 326 -28.02 14.32 -8.03
CA GLY A 326 -28.02 13.29 -7.01
C GLY A 326 -27.18 12.08 -7.38
N ASP A 327 -26.86 11.93 -8.65
CA ASP A 327 -25.92 10.89 -9.07
C ASP A 327 -24.52 11.14 -8.51
N GLN A 328 -24.09 12.42 -8.46
CA GLN A 328 -22.68 12.73 -8.25
C GLN A 328 -22.13 12.06 -7.00
N ALA A 329 -22.90 12.04 -5.91
CA ALA A 329 -22.50 11.41 -4.65
C ALA A 329 -22.31 9.90 -4.77
N HIS A 330 -22.70 9.28 -5.88
CA HIS A 330 -22.47 7.86 -6.10
C HIS A 330 -21.45 7.62 -7.20
N MET A 331 -20.72 8.65 -7.61
CA MET A 331 -19.76 8.54 -8.73
C MET A 331 -18.42 9.14 -8.31
N PRO A 332 -17.75 8.50 -7.35
CA PRO A 332 -16.49 9.07 -6.83
C PRO A 332 -15.41 9.18 -7.88
N TYR A 333 -15.40 8.30 -8.88
CA TYR A 333 -14.34 8.35 -9.88
C TYR A 333 -14.55 9.52 -10.84
N THR A 334 -15.79 9.69 -11.33
CA THR A 334 -16.09 10.83 -12.20
C THR A 334 -15.89 12.14 -11.45
N THR A 335 -16.26 12.17 -10.17
CA THR A 335 -16.02 13.35 -9.36
C THR A 335 -14.52 13.60 -9.23
N ALA A 336 -13.75 12.54 -8.96
CA ALA A 336 -12.30 12.64 -8.92
C ALA A 336 -11.76 13.22 -10.22
N VAL A 337 -12.24 12.71 -11.35
CA VAL A 337 -11.73 13.13 -12.67
C VAL A 337 -12.01 14.60 -12.92
N ILE A 338 -13.20 15.07 -12.55
CA ILE A 338 -13.57 16.46 -12.78
C ILE A 338 -12.73 17.37 -11.90
N HIS A 339 -12.56 17.00 -10.62
CA HIS A 339 -11.64 17.73 -9.75
C HIS A 339 -10.25 17.77 -10.35
N GLU A 340 -9.77 16.64 -10.88
CA GLU A 340 -8.43 16.61 -11.46
C GLU A 340 -8.34 17.44 -12.74
N VAL A 341 -9.43 17.53 -13.52
CA VAL A 341 -9.41 18.43 -14.68
C VAL A 341 -9.16 19.86 -14.23
N GLN A 342 -9.87 20.29 -13.17
CA GLN A 342 -9.75 21.63 -12.62
C GLN A 342 -8.36 21.91 -12.06
N ARG A 343 -7.80 20.95 -11.32
CA ARG A 343 -6.49 21.14 -10.70
C ARG A 343 -5.40 21.20 -11.76
N PHE A 344 -5.42 20.23 -12.68
CA PHE A 344 -4.41 20.16 -13.73
C PHE A 344 -4.60 21.29 -14.73
N GLY A 345 -5.86 21.54 -15.14
CA GLY A 345 -6.13 22.58 -16.12
C GLY A 345 -5.73 23.96 -15.62
N ASP A 346 -5.96 24.23 -14.33
CA ASP A 346 -5.36 25.35 -13.62
C ASP A 346 -5.67 26.68 -14.33
N ILE A 347 -6.96 26.93 -14.59
CA ILE A 347 -7.32 27.95 -15.56
C ILE A 347 -7.25 29.39 -15.03
N VAL A 348 -7.16 29.59 -13.72
CA VAL A 348 -6.98 30.92 -13.13
C VAL A 348 -5.72 30.90 -12.28
N PRO A 349 -4.54 30.88 -12.88
CA PRO A 349 -3.35 30.53 -12.08
C PRO A 349 -2.99 31.60 -11.07
N LEU A 350 -3.20 32.86 -11.40
CA LEU A 350 -2.85 33.97 -10.51
C LEU A 350 -4.09 34.60 -9.89
N GLY A 351 -5.20 33.89 -9.89
CA GLY A 351 -6.43 34.30 -9.26
C GLY A 351 -6.90 35.65 -9.76
N VAL A 352 -7.54 36.39 -8.85
CA VAL A 352 -8.02 37.75 -9.07
C VAL A 352 -7.43 38.60 -7.95
N THR A 353 -6.89 39.78 -8.30
CA THR A 353 -6.16 40.55 -7.29
C THR A 353 -7.08 41.05 -6.18
N HIS A 354 -6.52 41.08 -4.98
CA HIS A 354 -7.07 41.66 -3.78
C HIS A 354 -6.27 42.91 -3.40
N MET A 355 -6.75 43.64 -2.39
CA MET A 355 -6.01 44.73 -1.77
C MET A 355 -6.19 44.70 -0.26
N THR A 356 -5.12 45.02 0.47
CA THR A 356 -5.17 45.01 1.93
C THR A 356 -5.87 46.26 2.46
N SER A 357 -6.78 46.08 3.43
CA SER A 357 -7.45 47.21 4.07
C SER A 357 -6.60 47.76 5.21
N ARG A 358 -6.28 46.92 6.18
CA ARG A 358 -5.35 47.27 7.25
C ARG A 358 -4.01 46.60 6.99
N ASP A 359 -3.03 46.93 7.80
CA ASP A 359 -1.75 46.22 7.73
C ASP A 359 -1.92 44.86 8.38
N ILE A 360 -1.12 43.90 7.93
CA ILE A 360 -1.23 42.50 8.36
C ILE A 360 0.14 41.85 8.25
N GLU A 361 0.26 40.64 8.75
CA GLU A 361 1.48 39.89 8.52
C GLU A 361 1.14 38.50 7.99
N VAL A 362 1.98 38.01 7.08
CA VAL A 362 1.80 36.73 6.43
C VAL A 362 3.15 36.02 6.42
N GLN A 363 3.20 34.80 6.97
CA GLN A 363 4.45 34.05 7.09
C GLN A 363 5.56 34.94 7.65
N GLY A 364 5.24 35.66 8.72
CA GLY A 364 6.19 36.58 9.33
C GLY A 364 6.34 37.97 8.70
N PHE A 365 6.35 38.06 7.37
CA PHE A 365 6.58 39.35 6.73
C PHE A 365 5.40 40.30 6.96
N ARG A 366 5.69 41.60 6.90
CA ARG A 366 4.70 42.64 7.15
C ARG A 366 4.19 43.15 5.81
N ILE A 367 2.89 43.36 5.72
CA ILE A 367 2.25 43.78 4.47
C ILE A 367 1.44 45.04 4.75
N PRO A 368 1.88 46.19 4.24
CA PRO A 368 1.20 47.45 4.58
C PRO A 368 -0.16 47.56 3.90
N LYS A 369 -1.02 48.37 4.51
CA LYS A 369 -2.30 48.73 3.93
C LYS A 369 -2.09 49.26 2.52
N GLY A 370 -3.07 48.99 1.64
CA GLY A 370 -3.01 49.45 0.26
C GLY A 370 -2.18 48.59 -0.67
N THR A 371 -1.66 47.46 -0.20
CA THR A 371 -0.86 46.56 -1.03
C THR A 371 -1.77 45.68 -1.90
N THR A 372 -1.48 45.62 -3.21
CA THR A 372 -2.17 44.68 -4.09
C THR A 372 -1.65 43.27 -3.84
N LEU A 373 -2.53 42.36 -3.39
CA LEU A 373 -2.19 40.95 -3.25
C LEU A 373 -2.49 40.17 -4.52
N ILE A 374 -1.54 39.34 -4.92
CA ILE A 374 -1.74 38.36 -5.97
C ILE A 374 -1.68 36.98 -5.32
N THR A 375 -2.77 36.22 -5.44
CA THR A 375 -2.85 34.86 -4.90
C THR A 375 -2.43 33.89 -6.01
N ASN A 376 -1.32 33.19 -5.81
CA ASN A 376 -0.85 32.26 -6.83
C ASN A 376 -1.55 30.92 -6.60
N LEU A 377 -2.76 30.79 -7.15
CA LEU A 377 -3.53 29.56 -6.99
C LEU A 377 -2.80 28.38 -7.62
N SER A 378 -2.12 28.60 -8.74
CA SER A 378 -1.38 27.53 -9.38
C SER A 378 -0.38 26.89 -8.42
N SER A 379 0.28 27.70 -7.59
CA SER A 379 1.22 27.16 -6.63
C SER A 379 0.51 26.33 -5.55
N VAL A 380 -0.77 26.56 -5.32
CA VAL A 380 -1.54 25.69 -4.43
C VAL A 380 -1.94 24.40 -5.14
N LEU A 381 -2.51 24.55 -6.35
CA LEU A 381 -2.99 23.38 -7.11
C LEU A 381 -1.84 22.49 -7.56
N LYS A 382 -0.61 23.01 -7.59
CA LYS A 382 0.51 22.24 -8.11
C LYS A 382 1.66 22.16 -7.12
N ASP A 383 1.37 22.36 -5.83
CA ASP A 383 2.37 22.25 -4.78
C ASP A 383 2.94 20.83 -4.72
N GLU A 384 4.26 20.72 -4.85
CA GLU A 384 4.90 19.41 -4.89
C GLU A 384 4.91 18.72 -3.52
N ALA A 385 4.72 19.46 -2.42
CA ALA A 385 4.66 18.79 -1.12
C ALA A 385 3.28 18.26 -0.77
N VAL A 386 2.25 18.61 -1.54
CA VAL A 386 0.87 18.19 -1.26
C VAL A 386 0.43 17.07 -2.21
N TRP A 387 0.57 17.30 -3.50
CA TRP A 387 0.11 16.37 -4.52
C TRP A 387 1.20 15.38 -4.89
N GLU A 388 0.77 14.16 -5.19
CA GLU A 388 1.67 13.06 -5.52
C GLU A 388 2.46 13.35 -6.78
N LYS A 389 1.77 13.72 -7.87
CA LYS A 389 2.42 14.09 -9.13
C LYS A 389 1.76 15.32 -9.71
N PRO A 390 2.14 16.50 -9.20
CA PRO A 390 1.36 17.72 -9.51
C PRO A 390 1.37 18.12 -10.97
N PHE A 391 2.35 17.66 -11.76
CA PHE A 391 2.42 18.03 -13.17
C PHE A 391 1.92 16.94 -14.12
N ARG A 392 1.30 15.90 -13.60
CA ARG A 392 0.65 14.90 -14.44
C ARG A 392 -0.86 14.96 -14.23
N PHE A 393 -1.60 14.41 -15.19
CA PHE A 393 -3.04 14.26 -15.02
C PHE A 393 -3.31 12.92 -14.33
N HIS A 394 -3.89 12.97 -13.14
CA HIS A 394 -3.87 11.86 -12.20
C HIS A 394 -5.10 11.85 -11.31
N PRO A 395 -6.20 11.21 -11.73
CA PRO A 395 -7.44 11.31 -10.94
C PRO A 395 -7.30 10.83 -9.51
N GLU A 396 -6.35 9.92 -9.24
CA GLU A 396 -6.12 9.44 -7.87
C GLU A 396 -5.62 10.53 -6.93
N HIS A 397 -5.40 11.76 -7.42
CA HIS A 397 -5.23 12.89 -6.50
C HIS A 397 -6.46 13.13 -5.64
N PHE A 398 -7.62 12.64 -6.06
CA PHE A 398 -8.86 12.84 -5.31
C PHE A 398 -9.49 11.51 -4.90
N LEU A 399 -8.71 10.42 -4.99
CA LEU A 399 -9.18 9.08 -4.65
C LEU A 399 -8.28 8.49 -3.58
N ASP A 400 -8.87 7.78 -2.62
CA ASP A 400 -8.08 6.96 -1.73
C ASP A 400 -8.05 5.53 -2.27
N ALA A 401 -7.23 4.69 -1.63
CA ALA A 401 -7.04 3.33 -2.16
C ALA A 401 -8.36 2.55 -2.26
N GLN A 402 -9.37 2.87 -1.42
CA GLN A 402 -10.67 2.21 -1.58
C GLN A 402 -11.48 2.76 -2.74
N GLY A 403 -11.04 3.83 -3.37
CA GLY A 403 -11.86 4.49 -4.35
C GLY A 403 -12.83 5.49 -3.80
N HIS A 404 -12.74 5.84 -2.51
CA HIS A 404 -13.52 6.96 -2.00
C HIS A 404 -12.95 8.27 -2.52
N PHE A 405 -13.85 9.18 -2.92
CA PHE A 405 -13.45 10.52 -3.29
C PHE A 405 -12.96 11.26 -2.06
N VAL A 406 -11.81 11.92 -2.18
CA VAL A 406 -11.32 12.81 -1.13
C VAL A 406 -10.90 14.13 -1.76
N LYS A 407 -11.16 15.22 -1.05
CA LYS A 407 -10.83 16.55 -1.57
C LYS A 407 -9.78 17.18 -0.68
N PRO A 408 -8.51 17.25 -1.12
CA PRO A 408 -7.48 17.88 -0.29
C PRO A 408 -7.74 19.37 -0.10
N GLU A 409 -7.27 19.91 1.03
CA GLU A 409 -7.48 21.32 1.34
C GLU A 409 -6.84 22.23 0.31
N ALA A 410 -5.79 21.76 -0.37
CA ALA A 410 -5.15 22.55 -1.40
C ALA A 410 -5.96 22.60 -2.69
N PHE A 411 -7.15 22.02 -2.73
CA PHE A 411 -7.97 22.17 -3.94
C PHE A 411 -8.68 23.53 -3.79
N LEU A 412 -8.09 24.57 -4.40
CA LEU A 412 -8.62 25.94 -4.30
C LEU A 412 -8.72 26.63 -5.66
N PRO A 413 -9.31 25.97 -6.68
CA PRO A 413 -9.44 26.65 -7.97
C PRO A 413 -10.39 27.83 -7.90
N PHE A 414 -11.13 27.98 -6.80
CA PHE A 414 -12.08 29.07 -6.62
C PHE A 414 -11.61 30.11 -5.60
N SER A 415 -10.32 30.06 -5.21
CA SER A 415 -9.76 30.90 -4.15
C SER A 415 -10.37 30.56 -2.80
N ALA A 416 -10.36 31.50 -1.86
CA ALA A 416 -10.83 31.26 -0.50
C ALA A 416 -11.21 32.59 0.13
N GLY A 417 -11.95 32.52 1.23
CA GLY A 417 -12.30 33.74 1.94
C GLY A 417 -13.54 34.40 1.41
N ARG A 418 -13.72 35.64 1.87
CA ARG A 418 -14.97 36.36 1.67
C ARG A 418 -15.29 36.51 0.19
N ARG A 419 -14.25 36.61 -0.64
CA ARG A 419 -14.35 36.92 -2.05
C ARG A 419 -14.29 35.70 -2.93
N ALA A 420 -14.12 34.51 -2.36
CA ALA A 420 -14.05 33.29 -3.15
C ALA A 420 -15.28 33.18 -4.06
N CYS A 421 -15.05 32.62 -5.25
CA CYS A 421 -16.04 32.57 -6.31
C CYS A 421 -17.45 32.32 -5.79
N LEU A 422 -18.38 33.23 -6.07
CA LEU A 422 -19.76 33.00 -5.65
C LEU A 422 -20.48 32.03 -6.58
N GLY A 423 -19.95 31.80 -7.78
CA GLY A 423 -20.59 30.90 -8.70
C GLY A 423 -20.21 29.44 -8.52
N GLU A 424 -19.34 29.12 -7.55
CA GLU A 424 -18.87 27.75 -7.39
C GLU A 424 -19.98 26.70 -7.40
N PRO A 425 -21.10 26.85 -6.68
CA PRO A 425 -22.11 25.78 -6.73
C PRO A 425 -22.68 25.58 -8.12
N LEU A 426 -22.91 26.66 -8.87
CA LEU A 426 -23.39 26.53 -10.24
C LEU A 426 -22.33 25.90 -11.16
N ALA A 427 -21.05 26.29 -10.99
CA ALA A 427 -20.00 25.69 -11.81
C ALA A 427 -19.86 24.19 -11.52
N ARG A 428 -19.94 23.79 -10.25
CA ARG A 428 -19.87 22.37 -9.93
C ARG A 428 -21.01 21.62 -10.61
N MET A 429 -22.19 22.23 -10.61
CA MET A 429 -23.34 21.60 -11.27
C MET A 429 -23.12 21.55 -12.77
N GLU A 430 -22.59 22.62 -13.36
CA GLU A 430 -22.36 22.63 -14.80
C GLU A 430 -21.28 21.61 -15.21
N LEU A 431 -20.16 21.57 -14.49
CA LEU A 431 -19.09 20.68 -14.88
C LEU A 431 -19.55 19.22 -14.81
N PHE A 432 -20.18 18.82 -13.72
CA PHE A 432 -20.65 17.45 -13.59
C PHE A 432 -21.70 17.12 -14.67
N LEU A 433 -22.75 17.94 -14.79
CA LEU A 433 -23.84 17.61 -15.72
C LEU A 433 -23.40 17.66 -17.18
N PHE A 434 -22.66 18.70 -17.59
CA PHE A 434 -22.21 18.73 -18.99
C PHE A 434 -21.19 17.63 -19.28
N PHE A 435 -20.22 17.43 -18.37
CA PHE A 435 -19.17 16.45 -18.62
C PHE A 435 -19.72 15.03 -18.62
N THR A 436 -20.58 14.67 -17.66
CA THR A 436 -21.11 13.31 -17.68
C THR A 436 -22.09 13.10 -18.83
N SER A 437 -22.96 14.08 -19.12
CA SER A 437 -23.87 13.89 -20.27
C SER A 437 -23.08 13.65 -21.55
N LEU A 438 -21.98 14.38 -21.74
CA LEU A 438 -21.21 14.23 -22.95
C LEU A 438 -20.57 12.84 -23.05
N LEU A 439 -19.84 12.43 -22.00
CA LEU A 439 -19.22 11.11 -22.04
C LEU A 439 -20.24 9.98 -21.97
N GLN A 440 -21.47 10.27 -21.55
CA GLN A 440 -22.53 9.27 -21.58
C GLN A 440 -22.90 8.90 -23.00
N HIS A 441 -22.88 9.86 -23.91
CA HIS A 441 -23.39 9.67 -25.27
C HIS A 441 -22.30 9.60 -26.32
N PHE A 442 -21.04 9.90 -25.98
CA PHE A 442 -20.01 9.92 -27.00
C PHE A 442 -18.72 9.28 -26.49
N SER A 443 -17.91 8.85 -27.45
CA SER A 443 -16.51 8.48 -27.23
C SER A 443 -15.65 9.51 -27.92
N PHE A 444 -14.70 10.06 -27.19
CA PHE A 444 -13.88 11.13 -27.74
C PHE A 444 -12.47 10.60 -28.03
N SER A 445 -11.88 11.12 -29.10
CA SER A 445 -10.59 10.59 -29.54
C SER A 445 -9.85 11.65 -30.35
N VAL A 446 -8.52 11.59 -30.29
CA VAL A 446 -7.73 12.36 -31.26
C VAL A 446 -8.12 11.90 -32.66
N PRO A 447 -8.28 12.79 -33.64
CA PRO A 447 -8.66 12.32 -34.98
C PRO A 447 -7.47 11.71 -35.72
N THR A 448 -7.74 10.65 -36.47
CA THR A 448 -6.68 9.93 -37.17
C THR A 448 -5.85 10.88 -38.03
N GLY A 449 -4.54 10.80 -37.87
CA GLY A 449 -3.65 11.52 -38.74
C GLY A 449 -3.30 12.90 -38.27
N GLN A 450 -3.52 13.20 -37.00
CA GLN A 450 -3.16 14.50 -36.49
C GLN A 450 -2.30 14.33 -35.25
N PRO A 451 -1.41 15.28 -34.97
CA PRO A 451 -0.53 15.14 -33.81
C PRO A 451 -1.33 15.07 -32.52
N ARG A 452 -0.84 14.24 -31.61
CA ARG A 452 -1.30 14.24 -30.23
C ARG A 452 -1.32 15.68 -29.73
N PRO A 453 -2.47 16.20 -29.29
CA PRO A 453 -2.50 17.59 -28.81
C PRO A 453 -1.58 17.77 -27.61
N SER A 454 -1.03 18.97 -27.48
CA SER A 454 -0.22 19.31 -26.32
C SER A 454 -1.09 19.48 -25.07
N HIS A 455 -0.53 19.11 -23.92
CA HIS A 455 -1.20 19.35 -22.65
C HIS A 455 -0.70 20.62 -21.95
N HIS A 456 -0.01 21.49 -22.67
CA HIS A 456 0.45 22.75 -22.11
C HIS A 456 -0.51 23.87 -22.52
N GLY A 457 -0.89 24.71 -21.55
CA GLY A 457 -1.86 25.75 -21.80
C GLY A 457 -1.23 27.00 -22.36
N VAL A 458 -2.08 27.94 -22.76
CA VAL A 458 -1.65 29.24 -23.23
C VAL A 458 -2.23 30.29 -22.30
N PHE A 459 -1.37 31.06 -21.63
CA PHE A 459 -1.82 32.05 -20.66
C PHE A 459 -2.35 33.30 -21.34
N ALA A 460 -3.53 33.74 -20.92
CA ALA A 460 -4.09 35.02 -21.36
C ALA A 460 -5.20 35.43 -20.38
N PHE A 461 -4.80 35.79 -19.16
CA PHE A 461 -5.69 35.92 -18.01
C PHE A 461 -6.18 34.54 -17.59
N LEU A 462 -6.88 33.83 -18.47
CA LEU A 462 -7.22 32.43 -18.27
C LEU A 462 -6.26 31.56 -19.05
N VAL A 463 -5.99 30.36 -18.53
CA VAL A 463 -5.14 29.40 -19.21
C VAL A 463 -6.01 28.38 -19.94
N SER A 464 -5.88 28.35 -21.25
CA SER A 464 -6.69 27.53 -22.13
C SER A 464 -5.84 26.45 -22.77
N PRO A 465 -6.44 25.29 -23.05
CA PRO A 465 -5.72 24.27 -23.83
C PRO A 465 -5.27 24.85 -25.16
N SER A 466 -4.09 24.45 -25.61
CA SER A 466 -3.71 24.71 -26.99
C SER A 466 -4.83 24.26 -27.93
N PRO A 467 -5.10 24.99 -29.02
CA PRO A 467 -6.21 24.62 -29.90
C PRO A 467 -6.02 23.21 -30.43
N TYR A 468 -7.12 22.46 -30.44
CA TYR A 468 -7.11 21.05 -30.78
C TYR A 468 -8.46 20.72 -31.39
N GLU A 469 -8.55 19.55 -32.03
CA GLU A 469 -9.78 19.03 -32.60
C GLU A 469 -9.99 17.62 -32.10
N LEU A 470 -11.22 17.13 -32.17
CA LEU A 470 -11.53 15.81 -31.65
C LEU A 470 -12.61 15.17 -32.51
N CYS A 471 -12.80 13.86 -32.32
CA CYS A 471 -13.93 13.15 -32.90
C CYS A 471 -14.86 12.73 -31.78
N ALA A 472 -16.15 12.96 -32.01
CA ALA A 472 -17.22 12.57 -31.09
C ALA A 472 -18.00 11.49 -31.79
N VAL A 473 -17.90 10.26 -31.30
CA VAL A 473 -18.55 9.13 -31.92
C VAL A 473 -19.61 8.64 -30.94
N PRO A 474 -20.88 8.54 -31.35
CA PRO A 474 -21.91 8.06 -30.43
C PRO A 474 -21.61 6.66 -29.92
N ARG A 475 -22.12 6.36 -28.73
CA ARG A 475 -21.92 5.07 -28.08
C ARG A 475 -23.10 4.13 -28.24
N HIS A 476 -24.14 4.51 -28.97
CA HIS A 476 -25.28 3.62 -29.24
C HIS A 476 -26.22 4.16 -30.30
N GLY B 9 -32.62 -34.55 -6.89
CA GLY B 9 -31.82 -33.48 -6.32
C GLY B 9 -30.76 -33.97 -5.34
N LYS B 10 -29.56 -33.40 -5.45
CA LYS B 10 -28.42 -33.83 -4.65
C LYS B 10 -28.61 -33.48 -3.17
N LEU B 11 -28.13 -34.36 -2.28
CA LEU B 11 -28.21 -34.05 -0.86
C LEU B 11 -26.83 -33.76 -0.29
N PRO B 12 -26.73 -32.85 0.69
CA PRO B 12 -25.42 -32.40 1.17
C PRO B 12 -24.62 -33.53 1.81
N PRO B 13 -23.30 -33.58 1.57
CA PRO B 13 -22.48 -34.62 2.18
C PRO B 13 -22.43 -34.48 3.68
N GLY B 14 -21.97 -35.53 4.34
CA GLY B 14 -21.84 -35.54 5.79
C GLY B 14 -21.43 -36.89 6.32
N PRO B 15 -21.04 -36.95 7.59
CA PRO B 15 -20.68 -38.25 8.20
C PRO B 15 -21.90 -39.11 8.46
N LEU B 16 -21.77 -40.40 8.13
CA LEU B 16 -22.89 -41.34 8.14
C LEU B 16 -23.40 -41.69 9.55
N GLN B 30 -19.35 -31.14 23.76
CA GLN B 30 -19.75 -29.92 24.45
C GLN B 30 -19.30 -28.67 23.67
N ASN B 31 -18.03 -28.62 23.30
CA ASN B 31 -17.45 -27.48 22.56
C ASN B 31 -17.69 -27.70 21.07
N THR B 32 -18.91 -27.39 20.64
CA THR B 32 -19.43 -27.68 19.30
C THR B 32 -18.88 -26.81 18.17
N PRO B 33 -18.67 -25.49 18.35
CA PRO B 33 -18.22 -24.68 17.20
C PRO B 33 -16.96 -25.21 16.53
N TYR B 34 -16.01 -25.73 17.30
CA TYR B 34 -14.78 -26.24 16.70
C TYR B 34 -15.00 -27.53 15.92
N CYS B 35 -15.97 -28.36 16.33
CA CYS B 35 -16.28 -29.57 15.59
C CYS B 35 -16.84 -29.25 14.21
N PHE B 36 -17.76 -28.29 14.13
CA PHE B 36 -18.34 -27.93 12.85
C PHE B 36 -17.31 -27.32 11.92
N ASP B 37 -16.28 -26.67 12.48
CA ASP B 37 -15.21 -26.14 11.65
C ASP B 37 -14.40 -27.25 10.99
N GLN B 38 -14.21 -28.37 11.70
CA GLN B 38 -13.54 -29.52 11.09
C GLN B 38 -14.44 -30.20 10.07
N LEU B 39 -15.75 -30.29 10.33
CA LEU B 39 -16.64 -30.89 9.34
C LEU B 39 -16.77 -30.03 8.09
N ARG B 40 -16.59 -28.70 8.20
CA ARG B 40 -16.57 -27.90 6.98
C ARG B 40 -15.33 -28.22 6.17
N ARG B 41 -14.20 -28.43 6.85
CA ARG B 41 -12.97 -28.80 6.15
C ARG B 41 -13.13 -30.15 5.45
N ARG B 42 -13.85 -31.09 6.09
CA ARG B 42 -14.05 -32.41 5.48
C ARG B 42 -15.01 -32.35 4.29
N PHE B 43 -16.23 -31.83 4.51
CA PHE B 43 -17.31 -31.98 3.54
C PHE B 43 -17.71 -30.68 2.85
N GLY B 44 -17.06 -29.57 3.16
CA GLY B 44 -17.41 -28.33 2.48
C GLY B 44 -18.41 -27.47 3.23
N ASP B 45 -18.91 -26.47 2.50
CA ASP B 45 -19.65 -25.40 3.14
C ASP B 45 -21.09 -25.77 3.45
N VAL B 46 -21.62 -26.85 2.87
CA VAL B 46 -22.99 -27.28 3.10
C VAL B 46 -22.96 -28.77 3.39
N PHE B 47 -22.94 -29.15 4.67
CA PHE B 47 -22.92 -30.54 5.08
C PHE B 47 -24.12 -30.86 5.98
N SER B 48 -24.36 -32.16 6.15
CA SER B 48 -25.57 -32.64 6.82
C SER B 48 -25.23 -33.43 8.07
N LEU B 49 -26.28 -33.67 8.87
CA LEU B 49 -26.19 -34.34 10.15
C LEU B 49 -27.59 -34.82 10.52
N GLN B 50 -27.65 -35.89 11.31
CA GLN B 50 -28.89 -36.37 11.94
C GLN B 50 -28.55 -36.44 13.42
N LEU B 51 -28.83 -35.36 14.14
CA LEU B 51 -28.45 -35.22 15.53
C LEU B 51 -29.66 -35.44 16.42
N ALA B 52 -29.45 -36.17 17.52
CA ALA B 52 -30.58 -36.71 18.27
C ALA B 52 -31.50 -37.38 17.26
N TRP B 53 -32.70 -36.85 17.08
CA TRP B 53 -33.67 -37.44 16.14
C TRP B 53 -34.03 -36.48 15.01
N THR B 54 -33.18 -35.48 14.74
CA THR B 54 -33.51 -34.35 13.89
C THR B 54 -32.60 -34.29 12.66
N PRO B 55 -33.16 -34.01 11.45
CA PRO B 55 -32.31 -33.86 10.25
C PRO B 55 -31.74 -32.46 10.08
N VAL B 56 -30.42 -32.33 10.18
CA VAL B 56 -29.76 -31.03 10.28
C VAL B 56 -28.91 -30.81 9.04
N VAL B 57 -28.92 -29.57 8.53
CA VAL B 57 -27.99 -29.11 7.50
C VAL B 57 -27.27 -27.88 8.03
N VAL B 58 -25.94 -27.86 7.94
CA VAL B 58 -25.13 -26.75 8.46
C VAL B 58 -24.71 -25.89 7.29
N LEU B 59 -24.75 -24.57 7.47
CA LEU B 59 -24.43 -23.62 6.42
C LEU B 59 -23.22 -22.82 6.86
N ASN B 60 -22.23 -22.70 5.97
CA ASN B 60 -20.91 -22.16 6.28
C ASN B 60 -20.51 -21.15 5.23
N GLY B 61 -20.01 -19.99 5.65
CA GLY B 61 -19.59 -18.99 4.71
C GLY B 61 -20.73 -18.08 4.27
N LEU B 62 -20.40 -16.85 3.94
CA LEU B 62 -21.41 -15.86 3.58
C LEU B 62 -22.32 -16.36 2.46
N ALA B 63 -21.75 -17.06 1.48
CA ALA B 63 -22.52 -17.36 0.27
C ALA B 63 -23.62 -18.38 0.54
N ALA B 64 -23.31 -19.43 1.30
CA ALA B 64 -24.39 -20.37 1.68
C ALA B 64 -25.38 -19.74 2.67
N VAL B 65 -24.90 -18.96 3.65
CA VAL B 65 -25.83 -18.35 4.60
C VAL B 65 -26.75 -17.38 3.87
N ARG B 66 -26.19 -16.62 2.93
CA ARG B 66 -26.98 -15.61 2.21
CA ARG B 66 -26.99 -15.62 2.23
C ARG B 66 -28.01 -16.28 1.31
N GLU B 67 -27.62 -17.34 0.61
CA GLU B 67 -28.53 -18.03 -0.30
C GLU B 67 -29.70 -18.64 0.45
N ALA B 68 -29.43 -19.26 1.60
CA ALA B 68 -30.54 -19.80 2.38
C ALA B 68 -31.43 -18.68 2.92
N LEU B 69 -30.82 -17.69 3.59
CA LEU B 69 -31.60 -16.74 4.38
C LEU B 69 -32.15 -15.57 3.56
N VAL B 70 -31.51 -15.21 2.46
CA VAL B 70 -31.98 -14.07 1.68
C VAL B 70 -32.66 -14.55 0.41
N THR B 71 -31.87 -15.16 -0.49
CA THR B 71 -32.42 -15.69 -1.73
C THR B 71 -33.64 -16.57 -1.47
N HIS B 72 -33.52 -17.53 -0.56
CA HIS B 72 -34.68 -18.35 -0.20
C HIS B 72 -35.30 -17.91 1.12
N GLY B 73 -35.17 -16.62 1.47
CA GLY B 73 -35.77 -16.04 2.65
C GLY B 73 -37.19 -16.43 3.00
N GLU B 74 -38.08 -16.49 2.00
CA GLU B 74 -39.47 -16.88 2.23
C GLU B 74 -39.58 -18.32 2.70
N ASP B 75 -38.63 -19.18 2.31
CA ASP B 75 -38.73 -20.59 2.63
C ASP B 75 -37.86 -20.99 3.81
N THR B 76 -37.12 -20.04 4.41
CA THR B 76 -36.24 -20.37 5.52
C THR B 76 -36.52 -19.56 6.79
N ALA B 77 -37.62 -18.83 6.85
CA ALA B 77 -37.86 -17.96 8.00
C ALA B 77 -38.65 -18.65 9.10
N ASP B 78 -38.88 -19.96 9.01
CA ASP B 78 -39.57 -20.70 10.07
C ASP B 78 -38.56 -21.14 11.13
N ARG B 79 -39.10 -21.39 12.44
CA ARG B 79 -38.35 -21.99 13.54
C ARG B 79 -38.73 -23.46 13.69
N PRO B 80 -37.83 -24.30 14.18
CA PRO B 80 -38.23 -25.66 14.52
C PRO B 80 -39.26 -25.66 15.65
N PRO B 81 -40.21 -26.58 15.62
CA PRO B 81 -41.14 -26.70 16.73
C PRO B 81 -40.44 -27.11 18.02
N VAL B 82 -40.98 -26.60 19.13
CA VAL B 82 -40.42 -26.89 20.45
C VAL B 82 -41.58 -27.27 21.36
N PRO B 83 -41.97 -28.56 21.38
CA PRO B 83 -43.09 -28.99 22.24
C PRO B 83 -43.05 -28.52 23.68
N ILE B 84 -41.88 -28.49 24.33
CA ILE B 84 -41.88 -28.10 25.75
C ILE B 84 -42.35 -26.66 25.98
N THR B 85 -42.35 -25.81 24.95
CA THR B 85 -42.83 -24.44 25.16
C THR B 85 -44.27 -24.40 25.62
N GLN B 86 -45.02 -25.49 25.44
CA GLN B 86 -46.39 -25.57 25.95
C GLN B 86 -46.44 -25.28 27.45
N ILE B 87 -45.37 -25.61 28.18
CA ILE B 87 -45.28 -25.33 29.62
C ILE B 87 -45.36 -23.84 29.91
N LEU B 88 -44.98 -22.97 28.96
CA LEU B 88 -44.97 -21.54 29.21
C LEU B 88 -46.16 -20.82 28.55
N GLY B 89 -47.22 -21.56 28.22
CA GLY B 89 -48.40 -20.93 27.67
C GLY B 89 -48.34 -20.59 26.21
N PHE B 90 -47.55 -21.33 25.42
CA PHE B 90 -47.48 -21.11 23.99
C PHE B 90 -48.75 -21.62 23.29
N GLY B 91 -49.27 -20.82 22.39
CA GLY B 91 -50.41 -21.23 21.60
C GLY B 91 -50.36 -20.54 20.25
N PRO B 92 -51.31 -20.86 19.37
CA PRO B 92 -51.26 -20.33 18.00
C PRO B 92 -51.31 -18.81 17.92
N ARG B 93 -51.79 -18.14 18.95
CA ARG B 93 -51.76 -16.68 19.01
C ARG B 93 -50.89 -16.17 20.15
N SER B 94 -50.14 -17.06 20.82
CA SER B 94 -49.22 -16.70 21.91
C SER B 94 -47.88 -17.41 21.69
N GLN B 95 -47.11 -16.95 20.71
CA GLN B 95 -45.83 -17.55 20.40
C GLN B 95 -44.66 -16.60 20.62
N GLY B 96 -44.90 -15.40 21.15
CA GLY B 96 -43.87 -14.40 21.21
C GLY B 96 -43.36 -14.09 19.82
N VAL B 97 -42.07 -13.72 19.76
CA VAL B 97 -41.39 -13.40 18.52
C VAL B 97 -40.26 -14.38 18.25
N PHE B 98 -39.46 -14.70 19.28
CA PHE B 98 -38.17 -15.38 19.07
C PHE B 98 -38.35 -16.78 18.48
N LEU B 99 -39.17 -17.62 19.12
CA LEU B 99 -39.40 -18.98 18.60
C LEU B 99 -40.74 -19.11 17.90
N ALA B 100 -41.45 -18.01 17.69
CA ALA B 100 -42.68 -18.06 16.91
C ALA B 100 -42.44 -18.72 15.56
N ARG B 101 -43.39 -19.56 15.15
CA ARG B 101 -43.40 -20.12 13.80
C ARG B 101 -43.61 -19.02 12.77
N TYR B 102 -43.06 -19.22 11.57
CA TYR B 102 -43.30 -18.27 10.50
C TYR B 102 -44.81 -18.26 10.22
N GLY B 103 -45.36 -17.07 10.05
CA GLY B 103 -46.79 -16.92 9.94
C GLY B 103 -47.29 -15.73 10.74
N PRO B 104 -48.62 -15.56 10.79
CA PRO B 104 -49.16 -14.24 11.19
C PRO B 104 -48.88 -13.89 12.65
N ALA B 105 -48.89 -14.88 13.54
CA ALA B 105 -48.52 -14.60 14.92
C ALA B 105 -47.10 -14.04 15.01
N TRP B 106 -46.16 -14.59 14.24
CA TRP B 106 -44.81 -14.04 14.24
C TRP B 106 -44.79 -12.66 13.59
N ARG B 107 -45.43 -12.52 12.43
CA ARG B 107 -45.33 -11.27 11.67
C ARG B 107 -45.92 -10.09 12.42
N GLU B 108 -47.07 -10.29 13.07
CA GLU B 108 -47.69 -9.23 13.86
C GLU B 108 -46.80 -8.81 15.03
N GLN B 109 -46.28 -9.77 15.79
CA GLN B 109 -45.40 -9.37 16.90
C GLN B 109 -44.08 -8.79 16.39
N ARG B 110 -43.60 -9.30 15.24
CA ARG B 110 -42.34 -8.80 14.68
C ARG B 110 -42.45 -7.34 14.27
N ARG B 111 -43.53 -7.00 13.53
CA ARG B 111 -43.73 -5.61 13.13
C ARG B 111 -43.99 -4.69 14.32
N PHE B 112 -44.77 -5.17 15.29
CA PHE B 112 -45.01 -4.39 16.50
C PHE B 112 -43.69 -4.05 17.19
N SER B 113 -42.83 -5.05 17.40
CA SER B 113 -41.61 -4.77 18.14
C SER B 113 -40.66 -3.88 17.34
N VAL B 114 -40.55 -4.14 16.03
CA VAL B 114 -39.67 -3.34 15.18
C VAL B 114 -40.10 -1.88 15.17
N SER B 115 -41.41 -1.63 15.01
CA SER B 115 -41.85 -0.24 14.89
C SER B 115 -41.93 0.43 16.24
N THR B 116 -42.21 -0.33 17.31
CA THR B 116 -42.17 0.25 18.64
C THR B 116 -40.75 0.65 19.00
N LEU B 117 -39.78 -0.19 18.66
CA LEU B 117 -38.39 0.20 18.89
C LEU B 117 -38.04 1.45 18.11
N ARG B 118 -38.56 1.56 16.88
CA ARG B 118 -38.23 2.72 16.06
C ARG B 118 -38.82 3.97 16.66
N ASN B 119 -40.09 3.91 17.08
CA ASN B 119 -40.77 5.11 17.57
C ASN B 119 -40.13 5.58 18.87
N LEU B 120 -39.88 4.66 19.81
CA LEU B 120 -39.18 5.02 21.04
C LEU B 120 -37.78 5.56 20.77
N GLY B 121 -37.23 5.30 19.59
CA GLY B 121 -35.96 5.84 19.17
C GLY B 121 -36.04 7.10 18.33
N LEU B 122 -37.25 7.57 18.04
CA LEU B 122 -37.48 8.81 17.30
C LEU B 122 -38.05 9.86 18.26
N GLY B 123 -38.20 11.08 17.73
CA GLY B 123 -38.80 12.20 18.43
C GLY B 123 -38.04 12.68 19.64
N LYS B 124 -38.65 12.49 20.83
CA LYS B 124 -37.97 12.82 22.07
CA LYS B 124 -37.97 12.81 22.07
C LYS B 124 -36.76 11.91 22.32
N LYS B 125 -36.72 10.73 21.68
CA LYS B 125 -35.62 9.76 21.76
C LYS B 125 -35.44 9.20 23.18
N SER B 126 -36.52 8.64 23.70
CA SER B 126 -36.52 7.96 24.99
C SER B 126 -35.37 6.94 25.09
N LEU B 127 -35.27 6.06 24.10
CA LEU B 127 -34.32 4.95 24.15
C LEU B 127 -32.89 5.43 24.43
N GLU B 128 -32.42 6.40 23.65
CA GLU B 128 -31.07 6.88 23.86
C GLU B 128 -30.93 7.61 25.19
N GLN B 129 -31.96 8.30 25.64
CA GLN B 129 -31.88 8.91 26.95
C GLN B 129 -31.74 7.84 28.03
N TRP B 130 -32.55 6.77 27.97
CA TRP B 130 -32.44 5.69 28.92
C TRP B 130 -31.05 5.04 28.90
N VAL B 131 -30.46 4.86 27.71
CA VAL B 131 -29.14 4.26 27.62
C VAL B 131 -28.07 5.23 28.17
N THR B 132 -28.16 6.51 27.79
CA THR B 132 -27.25 7.51 28.32
C THR B 132 -27.29 7.54 29.85
N GLU B 133 -28.49 7.54 30.45
CA GLU B 133 -28.57 7.55 31.90
C GLU B 133 -28.03 6.26 32.49
N GLU B 134 -28.25 5.14 31.80
CA GLU B 134 -27.76 3.88 32.37
C GLU B 134 -26.23 3.83 32.34
N ALA B 135 -25.62 4.35 31.26
CA ALA B 135 -24.15 4.44 31.19
C ALA B 135 -23.57 5.27 32.34
N ALA B 136 -24.24 6.36 32.71
CA ALA B 136 -23.77 7.14 33.86
C ALA B 136 -23.83 6.30 35.12
N CYS B 137 -24.97 5.65 35.37
CA CYS B 137 -25.06 4.75 36.52
C CYS B 137 -23.96 3.71 36.49
N LEU B 138 -23.60 3.21 35.30
CA LEU B 138 -22.59 2.17 35.18
C LEU B 138 -21.20 2.73 35.46
N CYS B 139 -20.87 3.90 34.89
CA CYS B 139 -19.62 4.57 35.24
C CYS B 139 -19.49 4.75 36.75
N ALA B 140 -20.57 5.18 37.42
CA ALA B 140 -20.51 5.40 38.87
C ALA B 140 -20.24 4.11 39.64
N ALA B 141 -20.91 3.02 39.28
CA ALA B 141 -20.64 1.75 39.94
C ALA B 141 -19.23 1.23 39.64
N PHE B 142 -18.66 1.61 38.48
CA PHE B 142 -17.25 1.33 38.22
C PHE B 142 -16.35 2.20 39.13
N ALA B 143 -16.61 3.51 39.20
CA ALA B 143 -15.83 4.36 40.10
C ALA B 143 -15.80 3.79 41.52
N ASN B 144 -16.96 3.37 42.04
CA ASN B 144 -16.99 2.90 43.41
C ASN B 144 -16.15 1.65 43.67
N HIS B 145 -15.56 1.04 42.64
CA HIS B 145 -14.63 -0.04 42.92
C HIS B 145 -13.22 0.47 43.16
N SER B 146 -13.08 1.78 43.40
CA SER B 146 -11.87 2.45 43.88
C SER B 146 -10.57 1.83 43.36
N GLY B 147 -10.51 1.52 42.06
CA GLY B 147 -9.28 0.97 41.52
C GLY B 147 -8.86 -0.35 42.11
N ARG B 148 -9.76 -1.08 42.73
CA ARG B 148 -9.43 -2.45 43.11
C ARG B 148 -9.88 -3.42 42.01
N PRO B 149 -9.16 -4.51 41.80
CA PRO B 149 -9.49 -5.42 40.68
C PRO B 149 -10.85 -6.07 40.90
N PHE B 150 -11.64 -6.13 39.83
CA PHE B 150 -12.96 -6.75 39.94
C PHE B 150 -13.38 -7.35 38.61
N ARG B 151 -14.20 -8.39 38.69
CA ARG B 151 -14.90 -8.94 37.53
C ARG B 151 -16.00 -7.96 37.10
N PRO B 152 -15.96 -7.43 35.87
CA PRO B 152 -16.99 -6.46 35.45
C PRO B 152 -18.27 -7.08 34.93
N ASN B 153 -18.35 -8.41 34.82
CA ASN B 153 -19.49 -9.03 34.16
C ASN B 153 -20.81 -8.70 34.84
N GLY B 154 -20.81 -8.67 36.17
CA GLY B 154 -22.06 -8.46 36.88
C GLY B 154 -22.66 -7.11 36.62
N LEU B 155 -21.85 -6.05 36.71
CA LEU B 155 -22.36 -4.71 36.44
C LEU B 155 -22.86 -4.56 35.01
N LEU B 156 -22.18 -5.18 34.03
CA LEU B 156 -22.61 -5.04 32.65
C LEU B 156 -23.96 -5.71 32.45
N ASP B 157 -24.12 -6.92 33.00
CA ASP B 157 -25.41 -7.60 33.05
C ASP B 157 -26.50 -6.67 33.56
N LYS B 158 -26.23 -5.95 34.65
CA LYS B 158 -27.25 -5.09 35.26
C LYS B 158 -27.54 -3.87 34.40
N ALA B 159 -26.51 -3.19 33.91
CA ALA B 159 -26.78 -2.01 33.08
C ALA B 159 -27.59 -2.40 31.84
N VAL B 160 -27.26 -3.54 31.23
CA VAL B 160 -27.89 -3.97 29.98
C VAL B 160 -29.31 -4.46 30.24
N SER B 161 -29.54 -5.09 31.40
CA SER B 161 -30.88 -5.49 31.79
C SER B 161 -31.76 -4.28 32.08
N ASN B 162 -31.21 -3.21 32.64
CA ASN B 162 -31.99 -1.99 32.87
C ASN B 162 -32.42 -1.35 31.55
N VAL B 163 -31.60 -1.41 30.50
CA VAL B 163 -32.03 -0.84 29.22
C VAL B 163 -33.28 -1.57 28.71
N ILE B 164 -33.28 -2.90 28.79
CA ILE B 164 -34.47 -3.66 28.41
C ILE B 164 -35.64 -3.34 29.33
N ALA B 165 -35.41 -3.33 30.65
CA ALA B 165 -36.43 -2.90 31.60
C ALA B 165 -37.00 -1.54 31.22
N SER B 166 -36.15 -0.65 30.71
CA SER B 166 -36.66 0.66 30.31
C SER B 166 -37.47 0.55 29.04
N LEU B 167 -36.98 -0.24 28.08
CA LEU B 167 -37.70 -0.43 26.83
C LEU B 167 -39.10 -1.00 27.10
N THR B 168 -39.16 -2.04 27.92
CA THR B 168 -40.38 -2.81 28.12
C THR B 168 -41.28 -2.24 29.21
N CYS B 169 -40.74 -1.73 30.32
CA CYS B 169 -41.56 -1.34 31.47
C CYS B 169 -41.43 0.13 31.85
N GLY B 170 -40.62 0.91 31.13
CA GLY B 170 -40.47 2.31 31.46
C GLY B 170 -39.83 2.59 32.81
N ARG B 171 -39.04 1.66 33.34
CA ARG B 171 -38.34 1.86 34.60
C ARG B 171 -36.96 1.21 34.57
N ARG B 172 -36.09 1.64 35.47
CA ARG B 172 -34.89 0.86 35.77
C ARG B 172 -34.97 0.37 37.21
N PHE B 173 -34.00 -0.45 37.58
CA PHE B 173 -33.86 -0.94 38.94
C PHE B 173 -32.51 -0.53 39.52
N GLU B 174 -32.49 -0.30 40.82
CA GLU B 174 -31.24 -0.09 41.57
C GLU B 174 -30.39 -1.36 41.54
N TYR B 175 -29.08 -1.20 41.33
CA TYR B 175 -28.20 -2.37 41.19
C TYR B 175 -28.23 -3.32 42.38
N ASP B 176 -28.74 -2.90 43.54
CA ASP B 176 -28.93 -3.80 44.67
C ASP B 176 -30.39 -4.17 44.92
N ASP B 177 -31.30 -3.84 44.00
CA ASP B 177 -32.68 -4.24 44.19
C ASP B 177 -32.73 -5.76 44.28
N PRO B 178 -33.34 -6.33 45.32
CA PRO B 178 -33.37 -7.79 45.45
C PRO B 178 -34.23 -8.49 44.40
N ARG B 179 -35.25 -7.82 43.87
CA ARG B 179 -36.02 -8.46 42.80
C ARG B 179 -35.26 -8.42 41.49
N PHE B 180 -34.57 -7.32 41.25
CA PHE B 180 -33.70 -7.19 40.09
C PHE B 180 -32.68 -8.32 40.06
N LEU B 181 -32.01 -8.54 41.19
CA LEU B 181 -31.00 -9.61 41.23
C LEU B 181 -31.62 -10.97 41.01
N ARG B 182 -32.78 -11.23 41.65
CA ARG B 182 -33.47 -12.50 41.43
C ARG B 182 -33.86 -12.66 39.97
N LEU B 183 -34.49 -11.63 39.40
CA LEU B 183 -34.74 -11.61 37.96
C LEU B 183 -33.49 -11.98 37.17
N LEU B 184 -32.34 -11.39 37.54
CA LEU B 184 -31.12 -11.67 36.78
C LEU B 184 -30.62 -13.07 37.07
N ASP B 185 -30.69 -13.51 38.33
CA ASP B 185 -30.32 -14.88 38.64
C ASP B 185 -31.17 -15.87 37.87
N LEU B 186 -32.49 -15.66 37.86
CA LEU B 186 -33.38 -16.60 37.17
C LEU B 186 -33.08 -16.63 35.68
N ALA B 187 -32.69 -15.50 35.09
CA ALA B 187 -32.35 -15.48 33.67
C ALA B 187 -31.15 -16.37 33.37
N GLN B 188 -30.09 -16.26 34.20
CA GLN B 188 -28.87 -17.04 34.01
C GLN B 188 -29.18 -18.53 33.92
N GLU B 189 -29.85 -19.07 34.94
CA GLU B 189 -30.24 -20.47 34.91
C GLU B 189 -31.12 -20.77 33.69
N GLY B 190 -31.98 -19.82 33.32
CA GLY B 190 -32.95 -20.08 32.26
C GLY B 190 -32.33 -20.42 30.92
N LEU B 191 -31.20 -19.78 30.59
CA LEU B 191 -30.53 -20.16 29.34
C LEU B 191 -29.96 -21.56 29.45
N LYS B 192 -29.41 -21.91 30.62
CA LYS B 192 -28.93 -23.28 30.83
C LYS B 192 -29.97 -24.31 30.41
N GLU B 193 -31.24 -24.08 30.81
CA GLU B 193 -32.33 -24.98 30.44
C GLU B 193 -32.56 -25.05 28.94
N GLU B 194 -31.91 -24.18 28.16
CA GLU B 194 -31.95 -24.27 26.70
C GLU B 194 -31.07 -25.39 26.15
N SER B 195 -30.29 -26.06 27.01
CA SER B 195 -29.49 -27.21 26.63
C SER B 195 -29.65 -28.30 27.68
N GLY B 196 -29.42 -29.55 27.24
CA GLY B 196 -29.52 -30.71 28.12
C GLY B 196 -30.31 -31.81 27.45
N PHE B 197 -29.95 -33.05 27.76
CA PHE B 197 -30.61 -34.19 27.11
C PHE B 197 -32.09 -34.27 27.46
N LEU B 198 -32.45 -33.82 28.66
CA LEU B 198 -33.86 -33.87 29.08
C LEU B 198 -34.75 -33.08 28.12
N ARG B 199 -34.33 -31.86 27.79
CA ARG B 199 -35.02 -31.10 26.75
C ARG B 199 -35.20 -31.92 25.48
N GLU B 200 -34.14 -32.64 25.09
CA GLU B 200 -34.16 -33.37 23.83
C GLU B 200 -35.17 -34.51 23.85
N VAL B 201 -35.21 -35.26 24.94
CA VAL B 201 -36.13 -36.39 25.00
C VAL B 201 -37.56 -35.90 25.10
N LEU B 202 -37.79 -34.81 25.83
CA LEU B 202 -39.15 -34.31 26.00
C LEU B 202 -39.69 -33.70 24.70
N ASN B 203 -38.85 -32.95 23.97
CA ASN B 203 -39.28 -32.42 22.68
C ASN B 203 -39.54 -33.54 21.68
N ALA B 204 -38.66 -34.55 21.66
CA ALA B 204 -38.85 -35.68 20.74
C ALA B 204 -40.20 -36.36 20.98
N VAL B 205 -40.51 -36.68 22.23
CA VAL B 205 -41.75 -37.40 22.51
C VAL B 205 -42.54 -36.64 23.59
N PRO B 206 -43.41 -35.71 23.17
CA PRO B 206 -44.13 -34.86 24.12
C PRO B 206 -44.88 -35.61 25.22
N VAL B 207 -45.19 -36.89 24.99
CA VAL B 207 -46.01 -37.67 25.92
C VAL B 207 -45.44 -37.63 27.33
N LEU B 208 -44.12 -37.62 27.47
CA LEU B 208 -43.50 -37.64 28.79
C LEU B 208 -43.80 -36.40 29.63
N LEU B 209 -44.33 -35.33 29.06
CA LEU B 209 -44.67 -34.18 29.88
C LEU B 209 -45.94 -34.42 30.71
N HIS B 210 -46.65 -35.52 30.48
CA HIS B 210 -47.74 -35.89 31.38
C HIS B 210 -47.18 -36.35 32.72
N ILE B 211 -45.98 -36.93 32.73
CA ILE B 211 -45.22 -37.18 33.94
C ILE B 211 -44.89 -35.84 34.59
N PRO B 212 -45.49 -35.50 35.74
CA PRO B 212 -45.27 -34.16 36.30
C PRO B 212 -43.85 -33.92 36.81
N ALA B 213 -43.17 -34.94 37.33
CA ALA B 213 -41.82 -34.71 37.83
C ALA B 213 -40.85 -34.39 36.69
N LEU B 214 -41.12 -34.88 35.48
CA LEU B 214 -40.32 -34.45 34.34
C LEU B 214 -40.73 -33.07 33.87
N ALA B 215 -42.04 -32.80 33.81
CA ALA B 215 -42.50 -31.47 33.39
C ALA B 215 -42.00 -30.38 34.32
N GLY B 216 -42.04 -30.63 35.63
CA GLY B 216 -41.63 -29.63 36.61
C GLY B 216 -40.15 -29.29 36.59
N LYS B 217 -39.31 -30.14 36.01
CA LYS B 217 -37.87 -29.90 36.01
C LYS B 217 -37.35 -29.24 34.74
N VAL B 218 -37.95 -29.54 33.59
CA VAL B 218 -37.34 -29.19 32.31
C VAL B 218 -37.21 -27.67 32.16
N LEU B 219 -38.19 -26.91 32.64
CA LEU B 219 -38.16 -25.46 32.50
C LEU B 219 -38.42 -24.77 33.84
N ARG B 220 -37.99 -25.39 34.94
CA ARG B 220 -38.18 -24.82 36.27
C ARG B 220 -37.86 -23.33 36.31
N PHE B 221 -36.63 -22.96 35.93
CA PHE B 221 -36.17 -21.58 36.09
C PHE B 221 -36.87 -20.63 35.12
N GLN B 222 -37.02 -21.01 33.85
CA GLN B 222 -37.74 -20.15 32.92
C GLN B 222 -39.16 -19.88 33.42
N LYS B 223 -39.77 -20.87 34.08
CA LYS B 223 -41.07 -20.64 34.71
C LYS B 223 -40.94 -19.67 35.88
N ALA B 224 -39.84 -19.74 36.64
CA ALA B 224 -39.66 -18.84 37.76
C ALA B 224 -39.39 -17.42 37.28
N PHE B 225 -38.54 -17.29 36.26
CA PHE B 225 -38.36 -16.03 35.54
C PHE B 225 -39.70 -15.43 35.14
N LEU B 226 -40.49 -16.16 34.35
CA LEU B 226 -41.78 -15.65 33.90
C LEU B 226 -42.66 -15.19 35.07
N THR B 227 -42.61 -15.93 36.19
CA THR B 227 -43.37 -15.54 37.38
C THR B 227 -42.93 -14.18 37.92
N GLN B 228 -41.62 -13.94 37.97
CA GLN B 228 -41.12 -12.62 38.39
C GLN B 228 -41.57 -11.54 37.41
N LEU B 229 -41.59 -11.85 36.11
CA LEU B 229 -42.06 -10.87 35.13
C LEU B 229 -43.51 -10.50 35.38
N ASP B 230 -44.37 -11.52 35.56
CA ASP B 230 -45.78 -11.30 35.91
C ASP B 230 -45.93 -10.30 37.04
N GLU B 231 -45.17 -10.51 38.12
CA GLU B 231 -45.21 -9.55 39.23
C GLU B 231 -44.94 -8.15 38.72
N LEU B 232 -43.88 -7.99 37.92
CA LEU B 232 -43.56 -6.66 37.42
C LEU B 232 -44.65 -6.17 36.46
N LEU B 233 -45.16 -7.06 35.59
CA LEU B 233 -46.19 -6.60 34.66
C LEU B 233 -47.45 -6.17 35.41
N THR B 234 -47.80 -6.88 36.48
CA THR B 234 -48.97 -6.49 37.26
C THR B 234 -48.81 -5.10 37.85
N GLU B 235 -47.62 -4.78 38.36
CA GLU B 235 -47.40 -3.44 38.87
C GLU B 235 -47.49 -2.41 37.75
N HIS B 236 -46.84 -2.68 36.62
CA HIS B 236 -46.88 -1.72 35.52
C HIS B 236 -48.32 -1.43 35.12
N ARG B 237 -49.17 -2.47 35.08
CA ARG B 237 -50.56 -2.27 34.69
C ARG B 237 -51.22 -1.26 35.60
N MET B 238 -50.85 -1.27 36.89
CA MET B 238 -51.43 -0.33 37.82
C MET B 238 -51.01 1.10 37.51
N THR B 239 -49.76 1.32 37.08
CA THR B 239 -49.31 2.69 36.91
C THR B 239 -49.52 3.22 35.51
N TRP B 240 -50.04 2.40 34.60
CA TRP B 240 -50.20 2.81 33.21
C TRP B 240 -51.25 3.92 33.12
N ASP B 241 -50.87 5.01 32.47
CA ASP B 241 -51.81 6.08 32.19
C ASP B 241 -52.24 5.98 30.74
N PRO B 242 -53.38 5.35 30.44
CA PRO B 242 -53.77 5.16 29.02
C PRO B 242 -54.23 6.42 28.33
N ALA B 243 -54.40 7.53 29.04
CA ALA B 243 -54.76 8.82 28.45
C ALA B 243 -53.56 9.53 27.87
N GLN B 244 -52.38 9.00 28.09
CA GLN B 244 -51.16 9.49 27.53
C GLN B 244 -50.62 8.49 26.51
N PRO B 245 -49.85 8.96 25.53
CA PRO B 245 -49.26 8.03 24.56
C PRO B 245 -48.39 7.01 25.27
N PRO B 246 -48.31 5.79 24.74
CA PRO B 246 -47.47 4.76 25.36
C PRO B 246 -46.05 5.25 25.54
N ARG B 247 -45.53 5.13 26.74
CA ARG B 247 -44.16 5.56 26.93
C ARG B 247 -43.18 4.38 26.87
N ASP B 248 -43.66 3.17 26.61
CA ASP B 248 -42.80 2.01 26.60
C ASP B 248 -43.53 0.88 25.91
N LEU B 249 -42.82 -0.24 25.72
CA LEU B 249 -43.33 -1.24 24.79
C LEU B 249 -44.51 -1.97 25.39
N THR B 250 -44.47 -2.21 26.70
CA THR B 250 -45.60 -2.91 27.31
C THR B 250 -46.85 -2.06 27.25
N GLU B 251 -46.71 -0.75 27.38
CA GLU B 251 -47.88 0.12 27.29
C GLU B 251 -48.43 0.12 25.87
N ALA B 252 -47.54 0.31 24.88
CA ALA B 252 -47.96 0.15 23.48
C ALA B 252 -48.68 -1.18 23.28
N PHE B 253 -48.15 -2.25 23.88
CA PHE B 253 -48.78 -3.56 23.73
C PHE B 253 -50.15 -3.58 24.40
N LEU B 254 -50.27 -2.99 25.60
CA LEU B 254 -51.54 -2.99 26.31
C LEU B 254 -52.59 -2.20 25.55
N ALA B 255 -52.20 -1.10 24.92
CA ALA B 255 -53.15 -0.33 24.12
C ALA B 255 -53.64 -1.14 22.92
N GLU B 256 -52.76 -1.92 22.30
CA GLU B 256 -53.20 -2.83 21.25
C GLU B 256 -54.12 -3.91 21.79
N MET B 257 -53.88 -4.39 23.02
CA MET B 257 -54.78 -5.42 23.56
C MET B 257 -56.20 -4.90 23.67
N GLU B 258 -56.38 -3.64 24.09
CA GLU B 258 -57.70 -3.05 24.15
C GLU B 258 -58.39 -3.10 22.79
N LYS B 259 -57.74 -2.54 21.75
CA LYS B 259 -58.35 -2.50 20.42
C LYS B 259 -58.68 -3.90 19.93
N ALA B 260 -57.91 -4.88 20.35
CA ALA B 260 -58.04 -6.26 19.91
C ALA B 260 -59.07 -7.04 20.72
N LYS B 261 -59.78 -6.40 21.64
CA LYS B 261 -60.75 -7.13 22.44
C LYS B 261 -61.96 -7.52 21.59
N GLY B 262 -62.28 -8.81 21.60
CA GLY B 262 -63.23 -9.38 20.68
C GLY B 262 -62.61 -10.07 19.47
N ASN B 263 -61.30 -9.87 19.25
CA ASN B 263 -60.64 -10.44 18.07
C ASN B 263 -59.83 -11.67 18.43
N PRO B 264 -60.37 -12.88 18.28
CA PRO B 264 -59.59 -14.08 18.63
C PRO B 264 -58.42 -14.35 17.68
N GLU B 265 -58.29 -13.62 16.58
CA GLU B 265 -57.17 -13.80 15.66
C GLU B 265 -55.94 -13.01 16.09
N SER B 266 -56.10 -12.10 17.04
CA SER B 266 -55.02 -11.21 17.43
C SER B 266 -53.98 -11.98 18.23
N SER B 267 -52.72 -11.59 18.05
CA SER B 267 -51.64 -12.05 18.91
C SER B 267 -51.45 -11.15 20.12
N PHE B 268 -52.20 -10.05 20.23
CA PHE B 268 -52.12 -9.15 21.38
C PHE B 268 -53.04 -9.62 22.49
N ASN B 269 -52.52 -10.46 23.38
CA ASN B 269 -53.30 -10.99 24.50
C ASN B 269 -52.40 -11.16 25.73
N ASP B 270 -53.01 -11.41 26.89
CA ASP B 270 -52.23 -11.46 28.13
C ASP B 270 -51.17 -12.56 28.11
N GLU B 271 -51.49 -13.71 27.51
CA GLU B 271 -50.52 -14.81 27.55
C GLU B 271 -49.33 -14.54 26.65
N ASN B 272 -49.52 -13.71 25.61
CA ASN B 272 -48.44 -13.36 24.69
C ASN B 272 -47.62 -12.19 25.18
N LEU B 273 -48.21 -11.29 25.97
CA LEU B 273 -47.45 -10.16 26.52
C LEU B 273 -46.27 -10.65 27.36
N ARG B 274 -46.50 -11.67 28.19
CA ARG B 274 -45.39 -12.12 29.03
C ARG B 274 -44.35 -12.88 28.21
N ILE B 275 -44.76 -13.58 27.14
CA ILE B 275 -43.78 -14.23 26.29
C ILE B 275 -42.97 -13.20 25.49
N VAL B 276 -43.64 -12.19 24.95
CA VAL B 276 -42.94 -11.18 24.18
C VAL B 276 -41.96 -10.41 25.06
N VAL B 277 -42.36 -10.07 26.29
CA VAL B 277 -41.42 -9.37 27.15
C VAL B 277 -40.30 -10.32 27.60
N ALA B 278 -40.61 -11.59 27.87
CA ALA B 278 -39.53 -12.53 28.22
C ALA B 278 -38.55 -12.72 27.04
N ASP B 279 -39.03 -12.73 25.81
CA ASP B 279 -38.16 -12.85 24.65
C ASP B 279 -37.18 -11.68 24.54
N LEU B 280 -37.63 -10.45 24.83
CA LEU B 280 -36.77 -9.29 24.71
C LEU B 280 -35.64 -9.35 25.74
N PHE B 281 -35.97 -9.64 27.00
CA PHE B 281 -34.94 -9.86 28.01
C PHE B 281 -34.00 -10.98 27.59
N SER B 282 -34.56 -12.16 27.24
CA SER B 282 -33.73 -13.32 26.92
C SER B 282 -32.79 -13.04 25.76
N ALA B 283 -33.30 -12.35 24.74
CA ALA B 283 -32.50 -12.12 23.54
C ALA B 283 -31.54 -10.93 23.70
N GLY B 284 -31.88 -9.94 24.50
CA GLY B 284 -31.12 -8.71 24.52
C GLY B 284 -30.19 -8.50 25.70
N MET B 285 -30.33 -9.33 26.73
CA MET B 285 -29.50 -9.21 27.93
CA MET B 285 -29.49 -9.16 27.91
C MET B 285 -28.10 -9.76 27.67
N GLU B 286 -27.97 -11.08 27.74
CA GLU B 286 -26.66 -11.72 27.75
C GLU B 286 -25.88 -11.49 26.46
N THR B 287 -26.55 -11.24 25.34
CA THR B 287 -25.83 -10.94 24.11
C THR B 287 -25.07 -9.64 24.23
N THR B 288 -25.80 -8.57 24.56
CA THR B 288 -25.20 -7.25 24.69
C THR B 288 -24.16 -7.24 25.81
N SER B 289 -24.47 -7.89 26.91
CA SER B 289 -23.58 -7.89 28.06
C SER B 289 -22.28 -8.61 27.76
N THR B 290 -22.39 -9.80 27.15
CA THR B 290 -21.19 -10.58 26.85
C THR B 290 -20.33 -9.84 25.83
N THR B 291 -20.98 -9.18 24.86
CA THR B 291 -20.22 -8.36 23.91
C THR B 291 -19.42 -7.28 24.64
N LEU B 292 -20.04 -6.56 25.58
CA LEU B 292 -19.30 -5.55 26.35
C LEU B 292 -18.20 -6.20 27.18
N ALA B 293 -18.48 -7.37 27.76
CA ALA B 293 -17.42 -8.09 28.47
C ALA B 293 -16.23 -8.41 27.55
N TRP B 294 -16.51 -8.88 26.31
CA TRP B 294 -15.43 -9.09 25.33
C TRP B 294 -14.68 -7.79 25.07
N GLY B 295 -15.41 -6.66 25.01
CA GLY B 295 -14.80 -5.41 24.64
C GLY B 295 -13.76 -4.94 25.63
N LEU B 296 -14.09 -4.99 26.92
CA LEU B 296 -13.14 -4.57 27.94
C LEU B 296 -11.98 -5.55 28.04
N LEU B 297 -12.25 -6.86 27.96
CA LEU B 297 -11.15 -7.82 27.91
C LEU B 297 -10.18 -7.49 26.77
N LEU B 298 -10.70 -7.21 25.57
CA LEU B 298 -9.82 -6.90 24.44
C LEU B 298 -9.12 -5.56 24.62
N MET B 299 -9.70 -4.65 25.42
CA MET B 299 -9.05 -3.37 25.67
C MET B 299 -7.89 -3.50 26.66
N ILE B 300 -7.95 -4.45 27.60
CA ILE B 300 -6.79 -4.60 28.49
C ILE B 300 -5.73 -5.48 27.82
N LEU B 301 -6.13 -6.45 26.98
CA LEU B 301 -5.16 -7.17 26.19
C LEU B 301 -4.55 -6.30 25.09
N HIS B 302 -5.20 -5.23 24.67
CA HIS B 302 -4.68 -4.38 23.58
C HIS B 302 -4.71 -2.91 23.97
N PRO B 303 -3.94 -2.52 25.00
CA PRO B 303 -4.01 -1.14 25.51
C PRO B 303 -3.68 -0.09 24.46
N ASP B 304 -2.87 -0.43 23.47
CA ASP B 304 -2.62 0.50 22.37
C ASP B 304 -3.92 0.86 21.67
N VAL B 305 -4.79 -0.13 21.44
CA VAL B 305 -6.09 0.16 20.86
C VAL B 305 -6.92 1.00 21.84
N GLN B 306 -6.91 0.63 23.13
CA GLN B 306 -7.62 1.40 24.12
C GLN B 306 -7.23 2.87 24.05
N ARG B 307 -5.91 3.15 23.97
CA ARG B 307 -5.44 4.53 24.00
C ARG B 307 -5.85 5.29 22.74
N ARG B 308 -5.78 4.63 21.58
CA ARG B 308 -6.20 5.29 20.35
CA ARG B 308 -6.19 5.30 20.36
C ARG B 308 -7.70 5.57 20.35
N VAL B 309 -8.49 4.69 20.97
CA VAL B 309 -9.91 5.02 21.14
C VAL B 309 -10.04 6.25 22.04
N GLN B 310 -9.26 6.28 23.13
CA GLN B 310 -9.35 7.40 24.06
C GLN B 310 -8.91 8.70 23.40
N GLN B 311 -7.89 8.65 22.53
CA GLN B 311 -7.57 9.79 21.66
C GLN B 311 -8.85 10.30 20.98
N GLU B 312 -9.42 9.48 20.10
CA GLU B 312 -10.58 9.88 19.31
C GLU B 312 -11.73 10.39 20.18
N ILE B 313 -11.92 9.83 21.38
CA ILE B 313 -12.94 10.35 22.28
C ILE B 313 -12.63 11.81 22.64
N ASP B 314 -11.39 12.06 23.09
CA ASP B 314 -10.98 13.41 23.44
C ASP B 314 -11.09 14.36 22.25
N ASP B 315 -10.68 13.92 21.05
CA ASP B 315 -10.72 14.80 19.89
C ASP B 315 -12.16 15.11 19.45
N VAL B 316 -13.11 14.21 19.68
CA VAL B 316 -14.45 14.38 19.15
C VAL B 316 -15.45 14.82 20.22
N ILE B 317 -15.29 14.34 21.46
CA ILE B 317 -16.32 14.48 22.49
C ILE B 317 -15.84 15.35 23.64
N GLY B 318 -14.59 15.19 24.06
CA GLY B 318 -14.09 15.78 25.28
C GLY B 318 -14.08 14.75 26.40
N GLN B 319 -13.64 15.21 27.56
CA GLN B 319 -13.58 14.34 28.73
C GLN B 319 -14.70 14.63 29.74
N VAL B 320 -15.54 15.64 29.47
CA VAL B 320 -16.58 16.03 30.41
C VAL B 320 -17.95 15.58 29.89
N ARG B 321 -18.31 16.03 28.70
CA ARG B 321 -19.64 15.79 28.15
C ARG B 321 -19.86 14.31 27.81
N ARG B 322 -21.11 13.87 27.97
CA ARG B 322 -21.53 12.50 27.73
C ARG B 322 -21.60 12.21 26.23
N PRO B 323 -21.15 11.02 25.81
CA PRO B 323 -21.25 10.66 24.39
C PRO B 323 -22.70 10.60 23.93
N GLU B 324 -22.90 10.86 22.64
CA GLU B 324 -24.20 10.83 22.02
C GLU B 324 -24.13 10.02 20.73
N MET B 325 -25.28 9.49 20.28
CA MET B 325 -25.26 8.70 19.06
C MET B 325 -24.78 9.49 17.86
N GLY B 326 -24.94 10.82 17.89
CA GLY B 326 -24.47 11.64 16.79
C GLY B 326 -22.96 11.70 16.68
N ASP B 327 -22.25 11.33 17.74
CA ASP B 327 -20.80 11.27 17.70
C ASP B 327 -20.28 10.08 16.90
N GLN B 328 -21.08 9.02 16.75
CA GLN B 328 -20.53 7.77 16.21
C GLN B 328 -20.02 7.99 14.78
N ALA B 329 -20.76 8.76 13.98
CA ALA B 329 -20.36 9.01 12.60
C ALA B 329 -19.07 9.81 12.49
N HIS B 330 -18.64 10.47 13.57
CA HIS B 330 -17.36 11.16 13.60
C HIS B 330 -16.28 10.38 14.32
N MET B 331 -16.50 9.09 14.59
CA MET B 331 -15.53 8.26 15.30
C MET B 331 -15.35 6.93 14.56
N PRO B 332 -14.78 6.99 13.36
CA PRO B 332 -14.62 5.74 12.59
C PRO B 332 -13.74 4.72 13.28
N TYR B 333 -12.75 5.16 14.04
CA TYR B 333 -11.85 4.22 14.69
C TYR B 333 -12.54 3.50 15.84
N THR B 334 -13.33 4.24 16.63
CA THR B 334 -14.06 3.61 17.73
C THR B 334 -15.15 2.70 17.18
N THR B 335 -15.75 3.10 16.05
CA THR B 335 -16.73 2.26 15.41
C THR B 335 -16.07 0.98 14.89
N ALA B 336 -14.84 1.10 14.40
CA ALA B 336 -14.13 -0.08 13.91
C ALA B 336 -13.84 -1.03 15.05
N VAL B 337 -13.42 -0.49 16.20
CA VAL B 337 -13.06 -1.31 17.35
C VAL B 337 -14.27 -2.07 17.86
N ILE B 338 -15.40 -1.38 17.97
CA ILE B 338 -16.63 -2.02 18.42
C ILE B 338 -17.03 -3.13 17.46
N HIS B 339 -16.98 -2.85 16.14
CA HIS B 339 -17.26 -3.87 15.14
C HIS B 339 -16.28 -5.03 15.25
N GLU B 340 -15.01 -4.74 15.53
CA GLU B 340 -14.06 -5.84 15.66
C GLU B 340 -14.27 -6.60 16.95
N VAL B 341 -14.81 -5.95 18.00
CA VAL B 341 -15.13 -6.68 19.22
C VAL B 341 -16.20 -7.73 18.94
N GLN B 342 -17.23 -7.36 18.17
CA GLN B 342 -18.31 -8.30 17.85
C GLN B 342 -17.82 -9.40 16.90
N ARG B 343 -16.97 -9.04 15.93
CA ARG B 343 -16.47 -10.03 14.98
C ARG B 343 -15.53 -11.02 15.68
N PHE B 344 -14.55 -10.50 16.40
CA PHE B 344 -13.62 -11.37 17.09
C PHE B 344 -14.31 -12.15 18.20
N GLY B 345 -15.14 -11.46 19.00
CA GLY B 345 -15.77 -12.12 20.14
C GLY B 345 -16.75 -13.19 19.71
N ASP B 346 -17.51 -12.92 18.64
CA ASP B 346 -18.19 -13.98 17.89
C ASP B 346 -19.16 -14.75 18.81
N ILE B 347 -20.06 -14.00 19.46
CA ILE B 347 -20.71 -14.55 20.64
C ILE B 347 -21.86 -15.51 20.34
N VAL B 348 -22.38 -15.53 19.11
CA VAL B 348 -23.42 -16.49 18.72
C VAL B 348 -22.90 -17.30 17.55
N PRO B 349 -21.90 -18.16 17.77
CA PRO B 349 -21.24 -18.82 16.64
C PRO B 349 -22.18 -19.58 15.73
N LEU B 350 -23.21 -20.20 16.29
CA LEU B 350 -24.10 -21.03 15.49
C LEU B 350 -25.48 -20.40 15.32
N GLY B 351 -25.63 -19.12 15.64
CA GLY B 351 -26.87 -18.45 15.34
C GLY B 351 -28.03 -19.03 16.13
N VAL B 352 -29.22 -18.91 15.55
CA VAL B 352 -30.43 -19.52 16.09
C VAL B 352 -31.02 -20.36 14.98
N THR B 353 -31.42 -21.60 15.30
CA THR B 353 -31.83 -22.53 14.25
C THR B 353 -33.03 -21.99 13.47
N HIS B 354 -33.01 -22.21 12.16
CA HIS B 354 -34.15 -22.02 11.27
C HIS B 354 -34.68 -23.40 10.83
N MET B 355 -35.82 -23.37 10.16
CA MET B 355 -36.39 -24.57 9.54
C MET B 355 -36.92 -24.22 8.16
N THR B 356 -36.66 -25.09 7.18
CA THR B 356 -37.16 -24.88 5.83
C THR B 356 -38.63 -25.27 5.77
N SER B 357 -39.46 -24.38 5.28
CA SER B 357 -40.88 -24.64 5.11
C SER B 357 -41.23 -25.12 3.70
N ARG B 358 -40.24 -25.17 2.80
CA ARG B 358 -40.39 -25.76 1.48
C ARG B 358 -39.05 -26.35 1.09
N ASP B 359 -39.03 -27.11 0.00
CA ASP B 359 -37.78 -27.59 -0.56
C ASP B 359 -37.01 -26.42 -1.18
N ILE B 360 -35.70 -26.41 -0.99
CA ILE B 360 -34.83 -25.34 -1.50
C ILE B 360 -33.53 -25.97 -1.96
N GLU B 361 -32.74 -25.17 -2.68
CA GLU B 361 -31.40 -25.58 -3.10
C GLU B 361 -30.40 -24.53 -2.70
N VAL B 362 -29.28 -24.98 -2.12
CA VAL B 362 -28.21 -24.11 -1.64
C VAL B 362 -26.88 -24.70 -2.07
N GLN B 363 -26.00 -23.85 -2.61
CA GLN B 363 -24.74 -24.24 -3.23
C GLN B 363 -24.89 -25.51 -4.06
N GLY B 364 -26.00 -25.63 -4.77
CA GLY B 364 -26.29 -26.77 -5.59
C GLY B 364 -27.03 -27.90 -4.90
N PHE B 365 -26.82 -28.10 -3.60
CA PHE B 365 -27.43 -29.25 -2.95
C PHE B 365 -28.93 -29.02 -2.76
N ARG B 366 -29.65 -30.12 -2.58
CA ARG B 366 -31.08 -30.06 -2.28
C ARG B 366 -31.24 -30.13 -0.78
N ILE B 367 -32.05 -29.22 -0.23
CA ILE B 367 -32.37 -29.20 1.18
C ILE B 367 -33.89 -29.40 1.27
N PRO B 368 -34.35 -30.54 1.74
CA PRO B 368 -35.80 -30.81 1.72
C PRO B 368 -36.53 -30.02 2.78
N LYS B 369 -37.84 -29.91 2.57
CA LYS B 369 -38.74 -29.24 3.50
C LYS B 369 -38.62 -29.85 4.90
N GLY B 370 -38.79 -28.99 5.91
CA GLY B 370 -38.75 -29.44 7.28
C GLY B 370 -37.37 -29.74 7.82
N THR B 371 -36.32 -29.33 7.12
CA THR B 371 -34.97 -29.49 7.64
C THR B 371 -34.60 -28.38 8.61
N THR B 372 -33.93 -28.75 9.71
CA THR B 372 -33.41 -27.78 10.64
C THR B 372 -32.13 -27.20 10.08
N LEU B 373 -32.12 -25.89 9.83
CA LEU B 373 -30.93 -25.21 9.34
C LEU B 373 -30.13 -24.60 10.49
N ILE B 374 -28.82 -24.79 10.45
CA ILE B 374 -27.90 -24.13 11.35
C ILE B 374 -27.05 -23.17 10.55
N THR B 375 -27.12 -21.88 10.88
CA THR B 375 -26.30 -20.84 10.24
C THR B 375 -25.01 -20.69 11.05
N ASN B 376 -23.90 -21.18 10.50
CA ASN B 376 -22.60 -21.07 11.18
C ASN B 376 -22.12 -19.63 11.03
N LEU B 377 -22.58 -18.77 11.93
CA LEU B 377 -22.22 -17.35 11.88
C LEU B 377 -20.72 -17.17 12.10
N SER B 378 -20.14 -17.99 12.98
CA SER B 378 -18.68 -17.99 13.18
C SER B 378 -17.92 -18.14 11.87
N SER B 379 -18.33 -19.09 11.03
CA SER B 379 -17.63 -19.28 9.77
C SER B 379 -17.73 -18.08 8.84
N VAL B 380 -18.67 -17.17 9.09
CA VAL B 380 -18.75 -15.95 8.27
C VAL B 380 -17.85 -14.85 8.84
N LEU B 381 -17.88 -14.69 10.17
CA LEU B 381 -17.11 -13.67 10.87
C LEU B 381 -15.63 -13.98 10.84
N LYS B 382 -15.28 -15.25 10.67
CA LYS B 382 -13.89 -15.69 10.76
C LYS B 382 -13.40 -16.27 9.45
N ASP B 383 -14.09 -15.98 8.34
CA ASP B 383 -13.74 -16.55 7.04
C ASP B 383 -12.36 -16.07 6.60
N GLU B 384 -11.47 -17.02 6.34
CA GLU B 384 -10.09 -16.70 5.96
C GLU B 384 -9.99 -16.10 4.56
N ALA B 385 -10.99 -16.32 3.70
CA ALA B 385 -11.01 -15.72 2.37
C ALA B 385 -11.39 -14.26 2.39
N VAL B 386 -12.13 -13.80 3.40
CA VAL B 386 -12.70 -12.46 3.44
C VAL B 386 -11.88 -11.52 4.32
N TRP B 387 -11.47 -11.98 5.50
CA TRP B 387 -10.83 -11.14 6.50
C TRP B 387 -9.32 -11.32 6.44
N GLU B 388 -8.61 -10.22 6.69
CA GLU B 388 -7.17 -10.19 6.57
C GLU B 388 -6.52 -11.15 7.56
N LYS B 389 -6.90 -11.07 8.82
CA LYS B 389 -6.33 -11.94 9.86
C LYS B 389 -7.45 -12.32 10.82
N PRO B 390 -8.32 -13.24 10.42
CA PRO B 390 -9.56 -13.49 11.18
C PRO B 390 -9.37 -14.00 12.60
N PHE B 391 -8.23 -14.61 12.94
CA PHE B 391 -8.06 -15.11 14.30
C PHE B 391 -7.31 -14.14 15.22
N ARG B 392 -7.06 -12.93 14.76
CA ARG B 392 -6.48 -11.87 15.56
C ARG B 392 -7.50 -10.78 15.81
N PHE B 393 -7.30 -10.02 16.88
CA PHE B 393 -8.08 -8.81 17.12
C PHE B 393 -7.43 -7.68 16.34
N HIS B 394 -8.14 -7.14 15.36
CA HIS B 394 -7.54 -6.31 14.33
C HIS B 394 -8.55 -5.27 13.86
N PRO B 395 -8.61 -4.11 14.53
CA PRO B 395 -9.63 -3.09 14.18
C PRO B 395 -9.60 -2.65 12.73
N GLU B 396 -8.47 -2.79 12.04
CA GLU B 396 -8.38 -2.39 10.63
C GLU B 396 -9.16 -3.31 9.69
N HIS B 397 -9.75 -4.40 10.19
CA HIS B 397 -10.75 -5.14 9.40
C HIS B 397 -11.92 -4.25 8.98
N PHE B 398 -12.13 -3.13 9.67
CA PHE B 398 -13.25 -2.23 9.41
C PHE B 398 -12.74 -0.84 9.05
N LEU B 399 -11.45 -0.74 8.72
CA LEU B 399 -10.84 0.52 8.30
C LEU B 399 -10.17 0.34 6.97
N ASP B 400 -10.21 1.39 6.17
CA ASP B 400 -9.36 1.46 5.00
C ASP B 400 -8.14 2.31 5.31
N ALA B 401 -7.17 2.30 4.38
CA ALA B 401 -5.90 2.98 4.63
C ALA B 401 -6.08 4.46 4.93
N GLN B 402 -7.14 5.08 4.39
CA GLN B 402 -7.42 6.48 4.74
C GLN B 402 -7.98 6.63 6.14
N GLY B 403 -8.30 5.53 6.82
CA GLY B 403 -8.94 5.61 8.12
C GLY B 403 -10.44 5.74 8.09
N HIS B 404 -11.08 5.65 6.92
CA HIS B 404 -12.53 5.59 6.89
C HIS B 404 -13.03 4.24 7.43
N PHE B 405 -14.16 4.31 8.13
CA PHE B 405 -14.84 3.09 8.54
C PHE B 405 -15.44 2.41 7.33
N VAL B 406 -15.26 1.09 7.25
CA VAL B 406 -15.88 0.28 6.21
C VAL B 406 -16.49 -0.94 6.86
N LYS B 407 -17.65 -1.35 6.38
CA LYS B 407 -18.34 -2.53 6.92
C LYS B 407 -18.43 -3.61 5.87
N PRO B 408 -17.56 -4.63 5.88
CA PRO B 408 -17.69 -5.71 4.89
C PRO B 408 -19.04 -6.39 5.01
N GLU B 409 -19.48 -7.02 3.92
CA GLU B 409 -20.74 -7.73 3.88
CA GLU B 409 -20.76 -7.71 3.92
C GLU B 409 -20.72 -9.00 4.73
N ALA B 410 -19.53 -9.52 5.02
CA ALA B 410 -19.38 -10.65 5.91
C ALA B 410 -19.55 -10.28 7.38
N PHE B 411 -19.83 -9.01 7.71
CA PHE B 411 -20.15 -8.65 9.09
C PHE B 411 -21.60 -9.04 9.37
N LEU B 412 -21.80 -10.26 9.85
CA LEU B 412 -23.14 -10.77 10.08
C LEU B 412 -23.35 -11.27 11.50
N PRO B 413 -22.93 -10.54 12.55
CA PRO B 413 -23.17 -11.06 13.91
C PRO B 413 -24.65 -11.14 14.29
N PHE B 414 -25.54 -10.48 13.54
CA PHE B 414 -26.96 -10.46 13.82
C PHE B 414 -27.73 -11.34 12.83
N SER B 415 -27.04 -12.22 12.11
CA SER B 415 -27.62 -13.03 11.04
C SER B 415 -28.19 -12.14 9.94
N ALA B 416 -29.11 -12.68 9.15
CA ALA B 416 -29.61 -12.00 7.96
C ALA B 416 -30.99 -12.53 7.66
N GLY B 417 -31.71 -11.82 6.79
CA GLY B 417 -33.06 -12.24 6.40
C GLY B 417 -34.14 -11.76 7.35
N ARG B 418 -35.31 -12.37 7.16
CA ARG B 418 -36.52 -11.92 7.83
C ARG B 418 -36.44 -12.09 9.34
N ARG B 419 -35.67 -13.07 9.81
CA ARG B 419 -35.53 -13.33 11.23
C ARG B 419 -34.29 -12.66 11.82
N ALA B 420 -33.53 -11.92 11.02
CA ALA B 420 -32.35 -11.26 11.56
C ALA B 420 -32.72 -10.40 12.76
N CYS B 421 -31.80 -10.36 13.74
CA CYS B 421 -32.01 -9.74 15.04
C CYS B 421 -32.81 -8.44 14.92
N LEU B 422 -33.97 -8.38 15.58
CA LEU B 422 -34.72 -7.12 15.56
C LEU B 422 -34.17 -6.08 16.53
N GLY B 423 -33.23 -6.46 17.38
CA GLY B 423 -32.68 -5.54 18.35
C GLY B 423 -31.41 -4.88 17.91
N GLU B 424 -30.89 -5.22 16.72
CA GLU B 424 -29.65 -4.64 16.19
C GLU B 424 -29.54 -3.14 16.42
N PRO B 425 -30.54 -2.30 16.05
CA PRO B 425 -30.37 -0.86 16.31
C PRO B 425 -30.19 -0.53 17.77
N LEU B 426 -30.97 -1.16 18.65
CA LEU B 426 -30.78 -0.89 20.07
C LEU B 426 -29.41 -1.40 20.52
N ALA B 427 -29.02 -2.61 20.08
CA ALA B 427 -27.70 -3.14 20.43
C ALA B 427 -26.59 -2.22 19.98
N ARG B 428 -26.69 -1.68 18.74
CA ARG B 428 -25.68 -0.76 18.24
C ARG B 428 -25.56 0.44 19.17
N MET B 429 -26.70 0.94 19.63
CA MET B 429 -26.71 2.07 20.54
C MET B 429 -26.08 1.72 21.88
N GLU B 430 -26.44 0.58 22.45
CA GLU B 430 -25.86 0.22 23.74
C GLU B 430 -24.35 0.02 23.62
N LEU B 431 -23.88 -0.63 22.55
CA LEU B 431 -22.45 -0.87 22.46
C LEU B 431 -21.67 0.45 22.35
N PHE B 432 -22.12 1.36 21.48
CA PHE B 432 -21.42 2.62 21.34
C PHE B 432 -21.44 3.41 22.65
N LEU B 433 -22.65 3.69 23.18
CA LEU B 433 -22.74 4.56 24.37
C LEU B 433 -22.08 3.94 25.59
N PHE B 434 -22.30 2.63 25.85
CA PHE B 434 -21.69 2.03 27.03
C PHE B 434 -20.18 1.94 26.89
N PHE B 435 -19.70 1.56 25.71
CA PHE B 435 -18.29 1.34 25.52
C PHE B 435 -17.56 2.68 25.53
N THR B 436 -18.11 3.67 24.85
CA THR B 436 -17.44 4.96 24.75
C THR B 436 -17.49 5.71 26.07
N SER B 437 -18.62 5.64 26.80
CA SER B 437 -18.69 6.25 28.13
C SER B 437 -17.66 5.63 29.06
N LEU B 438 -17.49 4.30 28.98
CA LEU B 438 -16.56 3.63 29.88
C LEU B 438 -15.12 4.02 29.59
N LEU B 439 -14.73 4.00 28.31
CA LEU B 439 -13.33 4.31 28.00
C LEU B 439 -13.06 5.80 28.13
N GLN B 440 -14.08 6.64 27.96
CA GLN B 440 -13.90 8.06 28.19
C GLN B 440 -13.51 8.35 29.63
N HIS B 441 -14.12 7.67 30.60
CA HIS B 441 -13.92 7.98 32.00
C HIS B 441 -12.92 7.07 32.70
N PHE B 442 -12.39 6.04 32.03
CA PHE B 442 -11.53 5.10 32.72
C PHE B 442 -10.43 4.58 31.82
N SER B 443 -9.35 4.16 32.46
CA SER B 443 -8.29 3.38 31.83
C SER B 443 -8.34 2.00 32.44
N PHE B 444 -8.41 1.00 31.58
CA PHE B 444 -8.59 -0.37 32.03
C PHE B 444 -7.26 -1.09 31.83
N SER B 445 -6.94 -2.01 32.74
CA SER B 445 -5.67 -2.71 32.65
C SER B 445 -5.76 -4.06 33.34
N VAL B 446 -4.85 -4.96 32.95
CA VAL B 446 -4.68 -6.24 33.66
C VAL B 446 -4.19 -5.96 35.08
N PRO B 447 -4.75 -6.61 36.11
CA PRO B 447 -4.30 -6.32 37.48
C PRO B 447 -2.88 -6.84 37.71
N THR B 448 -2.06 -6.00 38.35
CA THR B 448 -0.67 -6.35 38.63
C THR B 448 -0.55 -7.71 39.27
N GLY B 449 0.40 -8.50 38.78
CA GLY B 449 0.61 -9.82 39.34
C GLY B 449 -0.41 -10.83 38.89
N GLN B 450 -1.16 -10.53 37.85
CA GLN B 450 -2.08 -11.55 37.42
C GLN B 450 -1.70 -12.06 36.03
N PRO B 451 -1.99 -13.32 35.74
CA PRO B 451 -1.75 -13.83 34.39
C PRO B 451 -2.50 -13.01 33.35
N ARG B 452 -1.89 -12.86 32.18
CA ARG B 452 -2.61 -12.29 31.06
C ARG B 452 -3.82 -13.17 30.78
N PRO B 453 -5.04 -12.63 30.87
CA PRO B 453 -6.22 -13.48 30.67
C PRO B 453 -6.28 -13.99 29.23
N SER B 454 -6.84 -15.18 29.09
CA SER B 454 -7.03 -15.79 27.77
C SER B 454 -8.00 -14.97 26.91
N HIS B 455 -7.77 -15.03 25.60
CA HIS B 455 -8.71 -14.50 24.62
C HIS B 455 -9.55 -15.58 23.97
N HIS B 456 -9.45 -16.82 24.45
CA HIS B 456 -10.27 -17.91 23.94
C HIS B 456 -11.55 -17.97 24.76
N GLY B 457 -12.69 -17.99 24.07
CA GLY B 457 -13.96 -17.98 24.78
C GLY B 457 -14.31 -19.33 25.36
N VAL B 458 -15.37 -19.35 26.16
CA VAL B 458 -15.98 -20.59 26.63
C VAL B 458 -17.36 -20.71 25.97
N PHE B 459 -17.57 -21.80 25.25
CA PHE B 459 -18.84 -22.02 24.56
C PHE B 459 -19.87 -22.68 25.46
N ALA B 460 -21.04 -22.02 25.58
CA ALA B 460 -22.20 -22.58 26.26
C ALA B 460 -23.46 -21.88 25.76
N PHE B 461 -23.83 -22.16 24.49
CA PHE B 461 -24.82 -21.38 23.76
C PHE B 461 -24.20 -20.07 23.27
N LEU B 462 -24.01 -19.11 24.18
CA LEU B 462 -23.18 -17.95 23.91
C LEU B 462 -21.71 -18.30 24.13
N VAL B 463 -20.84 -17.57 23.47
CA VAL B 463 -19.39 -17.67 23.72
C VAL B 463 -18.95 -16.47 24.57
N SER B 464 -18.56 -16.75 25.79
CA SER B 464 -18.18 -15.73 26.74
C SER B 464 -16.68 -15.73 26.95
N PRO B 465 -16.08 -14.57 27.23
CA PRO B 465 -14.66 -14.56 27.58
C PRO B 465 -14.43 -15.40 28.83
N SER B 466 -13.24 -16.00 28.92
CA SER B 466 -12.87 -16.70 30.14
C SER B 466 -12.89 -15.72 31.32
N PRO B 467 -13.13 -16.19 32.53
CA PRO B 467 -13.22 -15.26 33.65
C PRO B 467 -11.95 -14.43 33.77
N TYR B 468 -12.12 -13.14 33.99
CA TYR B 468 -10.99 -12.24 34.13
C TYR B 468 -11.39 -11.11 35.06
N GLU B 469 -10.38 -10.40 35.57
CA GLU B 469 -10.56 -9.20 36.36
C GLU B 469 -9.84 -8.06 35.67
N LEU B 470 -10.24 -6.85 36.00
CA LEU B 470 -9.52 -5.69 35.49
C LEU B 470 -9.46 -4.65 36.60
N CYS B 471 -8.58 -3.68 36.44
CA CYS B 471 -8.58 -2.49 37.26
C CYS B 471 -9.09 -1.37 36.39
N ALA B 472 -10.04 -0.61 36.92
CA ALA B 472 -10.55 0.59 36.27
C ALA B 472 -10.02 1.78 37.03
N VAL B 473 -9.21 2.60 36.39
CA VAL B 473 -8.58 3.75 37.00
C VAL B 473 -9.12 4.99 36.31
N PRO B 474 -9.61 5.99 37.04
CA PRO B 474 -10.14 7.20 36.38
C PRO B 474 -9.08 7.90 35.53
N ARG B 475 -9.57 8.76 34.64
CA ARG B 475 -8.74 9.56 33.74
C ARG B 475 -8.76 11.04 34.10
N HIS B 476 -9.40 11.43 35.20
CA HIS B 476 -9.42 12.81 35.68
C HIS B 476 -9.10 12.89 37.17
N GLY C 9 8.98 -33.10 40.57
CA GLY C 9 8.41 -32.49 39.38
C GLY C 9 6.97 -32.91 39.10
N LYS C 10 6.26 -32.06 38.36
CA LYS C 10 4.84 -32.26 38.09
C LYS C 10 4.64 -32.76 36.65
N LEU C 11 4.00 -33.92 36.50
CA LEU C 11 3.85 -34.55 35.19
C LEU C 11 2.80 -33.83 34.34
N PRO C 12 2.88 -33.98 33.02
CA PRO C 12 1.91 -33.30 32.14
C PRO C 12 0.51 -33.89 32.29
N PRO C 13 -0.51 -33.04 32.28
CA PRO C 13 -1.89 -33.53 32.41
C PRO C 13 -2.33 -34.34 31.21
N GLY C 14 -3.34 -35.17 31.41
CA GLY C 14 -3.88 -36.01 30.37
C GLY C 14 -5.01 -36.87 30.88
N PRO C 15 -5.79 -37.46 29.98
CA PRO C 15 -6.89 -38.33 30.41
C PRO C 15 -6.39 -39.54 31.18
N LEU C 16 -7.35 -40.31 31.70
CA LEU C 16 -7.09 -41.58 32.37
C LEU C 16 -7.48 -42.72 31.44
N PRO C 17 -6.63 -43.75 31.26
CA PRO C 17 -6.95 -44.78 30.25
C PRO C 17 -8.00 -45.80 30.71
N ASN C 31 -9.20 -38.17 11.78
CA ASN C 31 -8.82 -39.17 12.77
C ASN C 31 -7.99 -38.53 13.88
N THR C 32 -6.71 -38.92 13.96
CA THR C 32 -5.84 -38.56 15.08
C THR C 32 -5.38 -37.10 15.06
N PRO C 33 -4.89 -36.56 13.93
CA PRO C 33 -4.50 -35.14 13.94
C PRO C 33 -5.58 -34.22 14.48
N TYR C 34 -6.85 -34.45 14.13
CA TYR C 34 -7.93 -33.61 14.64
C TYR C 34 -8.15 -33.83 16.13
N CYS C 35 -7.91 -35.05 16.61
CA CYS C 35 -8.20 -35.38 18.00
C CYS C 35 -7.27 -34.60 18.93
N PHE C 36 -5.96 -34.63 18.66
CA PHE C 36 -4.97 -33.95 19.51
C PHE C 36 -5.30 -32.48 19.73
N ASP C 37 -6.01 -31.84 18.79
CA ASP C 37 -6.44 -30.46 19.00
C ASP C 37 -7.51 -30.36 20.09
N GLN C 38 -8.43 -31.32 20.11
CA GLN C 38 -9.42 -31.35 21.19
C GLN C 38 -8.75 -31.54 22.54
N LEU C 39 -7.87 -32.55 22.65
CA LEU C 39 -7.13 -32.78 23.90
C LEU C 39 -6.27 -31.58 24.23
N ARG C 40 -5.66 -30.98 23.22
CA ARG C 40 -4.81 -29.82 23.48
C ARG C 40 -5.62 -28.65 24.03
N ARG C 41 -6.84 -28.47 23.53
CA ARG C 41 -7.70 -27.41 24.03
C ARG C 41 -8.05 -27.63 25.50
N ARG C 42 -8.36 -28.87 25.87
CA ARG C 42 -8.59 -29.19 27.27
C ARG C 42 -7.32 -28.99 28.10
N PHE C 43 -6.25 -29.71 27.75
CA PHE C 43 -5.13 -29.93 28.64
C PHE C 43 -3.94 -28.97 28.43
N GLY C 44 -3.85 -28.29 27.30
CA GLY C 44 -2.77 -27.34 27.08
C GLY C 44 -1.73 -27.88 26.12
N ASP C 45 -0.64 -27.11 26.01
CA ASP C 45 0.36 -27.35 24.98
C ASP C 45 1.12 -28.67 25.17
N VAL C 46 1.21 -29.20 26.39
CA VAL C 46 1.99 -30.40 26.69
C VAL C 46 1.12 -31.33 27.52
N PHE C 47 0.98 -32.58 27.07
CA PHE C 47 0.03 -33.47 27.74
C PHE C 47 0.36 -34.93 27.50
N SER C 48 -0.19 -35.79 28.36
CA SER C 48 0.22 -37.17 28.52
C SER C 48 -0.85 -38.12 28.01
N LEU C 49 -0.41 -39.24 27.41
CA LEU C 49 -1.27 -40.31 26.94
C LEU C 49 -0.62 -41.65 27.29
N GLN C 50 -1.43 -42.72 27.26
CA GLN C 50 -0.94 -44.07 27.57
C GLN C 50 -1.48 -45.02 26.51
N LEU C 51 -0.64 -45.34 25.53
CA LEU C 51 -1.05 -46.13 24.37
C LEU C 51 -0.21 -47.40 24.28
N ALA C 52 -0.87 -48.50 23.89
CA ALA C 52 -0.35 -49.83 24.14
C ALA C 52 0.07 -49.89 25.61
N TRP C 53 1.36 -49.90 25.88
CA TRP C 53 1.84 -49.80 27.25
C TRP C 53 2.95 -48.77 27.37
N THR C 54 2.88 -47.71 26.55
CA THR C 54 3.94 -46.73 26.39
C THR C 54 3.50 -45.38 26.95
N PRO C 55 4.31 -44.74 27.81
CA PRO C 55 4.01 -43.35 28.22
C PRO C 55 4.40 -42.37 27.12
N VAL C 56 3.43 -41.60 26.64
CA VAL C 56 3.56 -40.70 25.51
C VAL C 56 3.28 -39.29 25.99
N VAL C 57 4.12 -38.33 25.61
CA VAL C 57 3.81 -36.92 25.78
C VAL C 57 3.75 -36.27 24.41
N VAL C 58 2.68 -35.51 24.16
CA VAL C 58 2.49 -34.79 22.90
C VAL C 58 2.93 -33.33 23.08
N LEU C 59 3.68 -32.82 22.12
CA LEU C 59 4.17 -31.45 22.12
C LEU C 59 3.43 -30.65 21.06
N ASN C 60 2.79 -29.56 21.48
CA ASN C 60 2.06 -28.69 20.55
C ASN C 60 2.60 -27.28 20.61
N GLY C 61 2.64 -26.62 19.44
CA GLY C 61 3.17 -25.28 19.35
C GLY C 61 4.69 -25.19 19.36
N LEU C 62 5.19 -24.16 18.69
CA LEU C 62 6.63 -23.98 18.51
C LEU C 62 7.40 -23.97 19.82
N ALA C 63 6.81 -23.38 20.87
CA ALA C 63 7.54 -23.23 22.12
C ALA C 63 7.82 -24.58 22.77
N ALA C 64 6.81 -25.44 22.86
CA ALA C 64 7.02 -26.77 23.39
C ALA C 64 7.98 -27.57 22.51
N VAL C 65 7.81 -27.48 21.18
CA VAL C 65 8.67 -28.24 20.27
C VAL C 65 10.10 -27.73 20.34
N ARG C 66 10.27 -26.40 20.31
CA ARG C 66 11.63 -25.86 20.38
C ARG C 66 12.30 -26.22 21.71
N GLU C 67 11.54 -26.17 22.80
CA GLU C 67 12.12 -26.46 24.12
C GLU C 67 12.61 -27.90 24.20
N ALA C 68 11.76 -28.87 23.83
CA ALA C 68 12.17 -30.27 23.85
C ALA C 68 13.34 -30.52 22.90
N LEU C 69 13.21 -30.10 21.64
CA LEU C 69 14.13 -30.59 20.63
C LEU C 69 15.39 -29.74 20.48
N VAL C 70 15.36 -28.47 20.88
CA VAL C 70 16.53 -27.62 20.73
C VAL C 70 17.19 -27.36 22.08
N THR C 71 16.52 -26.60 22.95
CA THR C 71 17.05 -26.33 24.28
C THR C 71 17.52 -27.61 24.95
N HIS C 72 16.61 -28.59 25.11
CA HIS C 72 16.99 -29.89 25.67
C HIS C 72 17.34 -30.93 24.60
N GLY C 73 17.85 -30.48 23.44
CA GLY C 73 18.08 -31.40 22.34
C GLY C 73 19.01 -32.54 22.66
N GLU C 74 19.94 -32.34 23.58
CA GLU C 74 20.86 -33.41 23.96
C GLU C 74 20.14 -34.61 24.55
N ASP C 75 18.96 -34.40 25.12
CA ASP C 75 18.28 -35.47 25.82
C ASP C 75 17.01 -35.92 25.14
N THR C 76 16.65 -35.35 23.99
CA THR C 76 15.46 -35.75 23.24
C THR C 76 15.79 -36.30 21.84
N ALA C 77 17.04 -36.68 21.58
CA ALA C 77 17.45 -37.12 20.25
C ALA C 77 17.44 -38.64 20.10
N ASP C 78 16.70 -39.34 20.95
CA ASP C 78 16.58 -40.79 20.91
C ASP C 78 15.33 -41.21 20.14
N ARG C 79 15.34 -42.44 19.69
CA ARG C 79 14.19 -43.05 19.08
C ARG C 79 13.67 -44.15 19.98
N PRO C 80 12.36 -44.33 20.09
CA PRO C 80 11.85 -45.46 20.85
C PRO C 80 12.28 -46.76 20.21
N PRO C 81 12.53 -47.78 21.03
CA PRO C 81 12.85 -49.09 20.47
C PRO C 81 11.68 -49.62 19.67
N VAL C 82 11.99 -50.24 18.53
CA VAL C 82 10.99 -50.86 17.68
C VAL C 82 11.45 -52.31 17.50
N PRO C 83 10.89 -53.26 18.27
CA PRO C 83 11.42 -54.62 18.24
C PRO C 83 11.30 -55.31 16.88
N ILE C 84 10.31 -54.93 16.08
CA ILE C 84 10.06 -55.63 14.82
C ILE C 84 11.14 -55.41 13.76
N THR C 85 12.03 -54.43 13.94
CA THR C 85 13.15 -54.31 13.02
C THR C 85 14.22 -55.37 13.25
N GLN C 86 14.03 -56.25 14.23
CA GLN C 86 14.85 -57.46 14.32
C GLN C 86 14.80 -58.22 13.00
N ILE C 87 13.62 -58.26 12.37
CA ILE C 87 13.48 -58.97 11.10
C ILE C 87 14.42 -58.41 10.05
N LEU C 88 14.53 -57.08 9.96
CA LEU C 88 15.30 -56.44 8.91
C LEU C 88 16.81 -56.37 9.21
N GLY C 89 17.31 -57.07 10.21
CA GLY C 89 18.75 -57.14 10.42
C GLY C 89 19.32 -56.03 11.27
N PHE C 90 18.61 -55.66 12.33
CA PHE C 90 19.01 -54.54 13.17
C PHE C 90 19.89 -55.00 14.33
N GLY C 91 21.08 -54.40 14.45
CA GLY C 91 22.00 -54.72 15.52
C GLY C 91 22.70 -53.49 16.04
N PRO C 92 23.50 -53.64 17.10
CA PRO C 92 24.08 -52.47 17.77
C PRO C 92 24.86 -51.52 16.86
N ARG C 93 25.60 -52.05 15.88
CA ARG C 93 26.26 -51.22 14.87
C ARG C 93 25.64 -51.42 13.49
N SER C 94 24.33 -51.65 13.46
CA SER C 94 23.59 -52.02 12.25
C SER C 94 22.20 -51.39 12.30
N GLN C 95 22.13 -50.10 12.56
CA GLN C 95 20.84 -49.47 12.84
C GLN C 95 20.40 -48.50 11.75
N GLY C 96 21.15 -48.39 10.66
CA GLY C 96 20.67 -47.36 9.79
C GLY C 96 20.85 -46.00 10.44
N VAL C 97 20.04 -45.04 9.98
CA VAL C 97 20.18 -43.70 10.51
C VAL C 97 18.83 -43.23 11.04
N PHE C 98 17.75 -43.68 10.40
CA PHE C 98 16.43 -43.11 10.65
C PHE C 98 15.87 -43.54 12.00
N LEU C 99 15.90 -44.85 12.30
CA LEU C 99 15.45 -45.36 13.60
C LEU C 99 16.59 -45.65 14.57
N ALA C 100 17.83 -45.35 14.20
CA ALA C 100 18.93 -45.65 15.12
C ALA C 100 18.71 -44.96 16.46
N ARG C 101 19.11 -45.65 17.53
CA ARG C 101 19.12 -45.04 18.85
C ARG C 101 20.21 -43.98 18.93
N TYR C 102 19.95 -42.93 19.71
CA TYR C 102 20.97 -41.93 19.97
C TYR C 102 22.24 -42.64 20.44
N GLY C 103 23.36 -42.28 19.86
CA GLY C 103 24.59 -42.96 20.16
C GLY C 103 25.55 -42.96 18.99
N PRO C 104 26.65 -43.70 19.13
CA PRO C 104 27.69 -43.65 18.09
C PRO C 104 27.23 -44.23 16.76
N ALA C 105 26.51 -45.36 16.78
CA ALA C 105 25.94 -45.89 15.54
C ALA C 105 25.11 -44.83 14.81
N TRP C 106 24.20 -44.13 15.50
CA TRP C 106 23.45 -43.07 14.83
C TRP C 106 24.37 -41.93 14.39
N ARG C 107 25.26 -41.47 15.26
CA ARG C 107 26.01 -40.25 14.98
C ARG C 107 27.03 -40.45 13.84
N GLU C 108 27.65 -41.63 13.76
CA GLU C 108 28.55 -41.89 12.65
C GLU C 108 27.81 -41.87 11.31
N GLN C 109 26.68 -42.57 11.23
CA GLN C 109 25.92 -42.60 9.98
C GLN C 109 25.33 -41.23 9.65
N ARG C 110 24.86 -40.50 10.68
CA ARG C 110 24.31 -39.18 10.48
C ARG C 110 25.36 -38.25 9.87
N ARG C 111 26.57 -38.23 10.44
CA ARG C 111 27.61 -37.38 9.90
C ARG C 111 28.02 -37.82 8.51
N PHE C 112 28.06 -39.13 8.28
CA PHE C 112 28.46 -39.62 6.96
C PHE C 112 27.48 -39.17 5.88
N SER C 113 26.18 -39.44 6.07
CA SER C 113 25.19 -39.02 5.06
C SER C 113 25.17 -37.51 4.88
N VAL C 114 25.23 -36.76 5.99
CA VAL C 114 25.18 -35.30 5.88
C VAL C 114 26.35 -34.79 5.06
N SER C 115 27.57 -35.29 5.34
CA SER C 115 28.74 -34.76 4.61
C SER C 115 28.80 -35.34 3.21
N THR C 116 28.48 -36.63 3.05
CA THR C 116 28.35 -37.21 1.72
C THR C 116 27.40 -36.38 0.87
N LEU C 117 26.24 -35.98 1.42
CA LEU C 117 25.33 -35.13 0.65
C LEU C 117 25.98 -33.80 0.32
N ARG C 118 26.71 -33.23 1.29
CA ARG C 118 27.33 -31.93 1.08
C ARG C 118 28.38 -32.01 -0.01
N ASN C 119 29.21 -33.04 0.03
CA ASN C 119 30.32 -33.13 -0.93
C ASN C 119 29.83 -33.45 -2.32
N LEU C 120 28.88 -34.38 -2.46
CA LEU C 120 28.28 -34.63 -3.77
C LEU C 120 27.70 -33.34 -4.35
N GLY C 121 27.06 -32.54 -3.51
CA GLY C 121 26.52 -31.27 -3.95
C GLY C 121 27.56 -30.17 -3.90
N LEU C 122 28.79 -30.50 -4.30
CA LEU C 122 29.87 -29.54 -4.29
C LEU C 122 30.88 -29.92 -5.37
N GLY C 123 31.68 -28.93 -5.77
CA GLY C 123 32.61 -29.08 -6.87
C GLY C 123 31.90 -29.30 -8.18
N LYS C 124 31.84 -30.55 -8.63
CA LYS C 124 31.10 -30.90 -9.83
CA LYS C 124 31.11 -30.88 -9.84
C LYS C 124 29.61 -30.57 -9.70
N LYS C 125 29.10 -30.45 -8.47
CA LYS C 125 27.67 -30.28 -8.20
C LYS C 125 26.89 -31.41 -8.86
N SER C 126 27.26 -32.64 -8.53
CA SER C 126 26.69 -33.80 -9.20
C SER C 126 25.21 -33.97 -8.87
N LEU C 127 24.84 -33.80 -7.60
CA LEU C 127 23.43 -33.99 -7.25
C LEU C 127 22.55 -32.98 -7.95
N GLU C 128 23.00 -31.72 -8.04
CA GLU C 128 22.20 -30.77 -8.78
C GLU C 128 22.10 -31.16 -10.25
N GLN C 129 23.16 -31.77 -10.78
CA GLN C 129 23.12 -32.21 -12.17
C GLN C 129 22.19 -33.40 -12.35
N TRP C 130 22.23 -34.37 -11.43
CA TRP C 130 21.31 -35.49 -11.50
C TRP C 130 19.86 -35.02 -11.43
N VAL C 131 19.57 -34.03 -10.57
CA VAL C 131 18.20 -33.55 -10.42
C VAL C 131 17.75 -32.79 -11.66
N THR C 132 18.60 -31.89 -12.16
CA THR C 132 18.30 -31.19 -13.41
C THR C 132 17.96 -32.17 -14.52
N GLU C 133 18.79 -33.20 -14.70
CA GLU C 133 18.50 -34.19 -15.74
C GLU C 133 17.16 -34.86 -15.47
N GLU C 134 16.91 -35.27 -14.22
CA GLU C 134 15.61 -35.90 -13.94
C GLU C 134 14.45 -34.95 -14.23
N ALA C 135 14.60 -33.65 -13.94
CA ALA C 135 13.53 -32.71 -14.25
C ALA C 135 13.23 -32.68 -15.75
N ALA C 136 14.25 -32.78 -16.59
CA ALA C 136 14.04 -32.88 -18.04
C ALA C 136 13.27 -34.14 -18.39
N CYS C 137 13.66 -35.28 -17.84
CA CYS C 137 12.94 -36.52 -18.14
C CYS C 137 11.52 -36.46 -17.61
N LEU C 138 11.31 -35.73 -16.51
CA LEU C 138 9.96 -35.56 -15.98
C LEU C 138 9.13 -34.69 -16.92
N CYS C 139 9.68 -33.54 -17.32
CA CYS C 139 8.98 -32.67 -18.27
C CYS C 139 8.57 -33.43 -19.53
N ALA C 140 9.49 -34.24 -20.09
CA ALA C 140 9.19 -34.98 -21.30
C ALA C 140 8.12 -36.04 -21.06
N ALA C 141 8.09 -36.67 -19.89
CA ALA C 141 6.98 -37.57 -19.62
C ALA C 141 5.65 -36.80 -19.54
N PHE C 142 5.67 -35.59 -18.97
CA PHE C 142 4.46 -34.80 -18.91
C PHE C 142 3.99 -34.44 -20.32
N ALA C 143 4.91 -33.98 -21.18
CA ALA C 143 4.56 -33.66 -22.57
C ALA C 143 3.97 -34.86 -23.29
N ASN C 144 4.46 -36.06 -23.00
CA ASN C 144 3.92 -37.21 -23.71
C ASN C 144 2.48 -37.51 -23.33
N HIS C 145 1.95 -36.82 -22.32
CA HIS C 145 0.53 -36.91 -21.95
C HIS C 145 -0.29 -35.82 -22.62
N SER C 146 0.14 -35.35 -23.80
CA SER C 146 -0.38 -34.12 -24.39
C SER C 146 -1.89 -34.10 -24.42
N GLY C 147 -2.46 -33.11 -23.74
CA GLY C 147 -3.89 -32.92 -23.74
C GLY C 147 -4.63 -34.21 -23.47
N ARG C 148 -4.44 -34.73 -22.30
CA ARG C 148 -5.23 -35.84 -21.80
C ARG C 148 -5.15 -35.71 -20.29
N PRO C 149 -6.28 -35.69 -19.60
CA PRO C 149 -6.23 -35.59 -18.14
C PRO C 149 -5.50 -36.78 -17.56
N PHE C 150 -4.66 -36.51 -16.54
CA PHE C 150 -3.93 -37.60 -15.90
C PHE C 150 -3.57 -37.23 -14.46
N ARG C 151 -3.50 -38.26 -13.63
CA ARG C 151 -2.96 -38.14 -12.29
C ARG C 151 -1.44 -38.04 -12.38
N PRO C 152 -0.82 -36.94 -11.93
CA PRO C 152 0.65 -36.84 -12.02
C PRO C 152 1.40 -37.62 -10.94
N ASN C 153 0.70 -38.24 -9.99
CA ASN C 153 1.33 -38.85 -8.83
C ASN C 153 2.42 -39.86 -9.23
N GLY C 154 2.11 -40.74 -10.18
CA GLY C 154 3.03 -41.81 -10.52
C GLY C 154 4.32 -41.30 -11.13
N LEU C 155 4.23 -40.29 -12.00
CA LEU C 155 5.43 -39.73 -12.58
C LEU C 155 6.28 -38.99 -11.54
N LEU C 156 5.65 -38.32 -10.59
CA LEU C 156 6.42 -37.64 -9.57
C LEU C 156 7.18 -38.65 -8.72
N ASP C 157 6.53 -39.75 -8.35
CA ASP C 157 7.17 -40.81 -7.61
C ASP C 157 8.43 -41.31 -8.32
N LYS C 158 8.33 -41.54 -9.62
CA LYS C 158 9.48 -42.09 -10.35
C LYS C 158 10.61 -41.07 -10.43
N ALA C 159 10.28 -39.82 -10.72
CA ALA C 159 11.32 -38.80 -10.80
C ALA C 159 12.02 -38.66 -9.46
N VAL C 160 11.26 -38.71 -8.37
CA VAL C 160 11.84 -38.52 -7.04
C VAL C 160 12.64 -39.76 -6.63
N SER C 161 12.12 -40.95 -6.95
CA SER C 161 12.89 -42.17 -6.73
C SER C 161 14.21 -42.14 -7.49
N ASN C 162 14.19 -41.63 -8.73
CA ASN C 162 15.44 -41.61 -9.49
C ASN C 162 16.46 -40.69 -8.85
N VAL C 163 16.02 -39.63 -8.16
CA VAL C 163 17.00 -38.78 -7.46
C VAL C 163 17.68 -39.59 -6.37
N ILE C 164 16.92 -40.40 -5.62
CA ILE C 164 17.54 -41.18 -4.54
C ILE C 164 18.44 -42.26 -5.13
N ALA C 165 18.00 -42.89 -6.22
CA ALA C 165 18.83 -43.85 -6.94
C ALA C 165 20.14 -43.23 -7.38
N SER C 166 20.10 -41.97 -7.86
CA SER C 166 21.32 -41.30 -8.28
C SER C 166 22.23 -41.05 -7.09
N LEU C 167 21.64 -40.55 -6.01
CA LEU C 167 22.39 -40.27 -4.79
C LEU C 167 23.07 -41.53 -4.26
N THR C 168 22.32 -42.63 -4.21
CA THR C 168 22.85 -43.80 -3.53
C THR C 168 23.64 -44.71 -4.49
N CYS C 169 23.17 -44.88 -5.74
CA CYS C 169 23.75 -45.91 -6.60
C CYS C 169 24.38 -45.38 -7.88
N GLY C 170 24.37 -44.06 -8.12
CA GLY C 170 25.01 -43.51 -9.30
C GLY C 170 24.28 -43.73 -10.62
N ARG C 171 22.98 -43.98 -10.59
CA ARG C 171 22.27 -44.30 -11.82
C ARG C 171 20.80 -43.88 -11.70
N ARG C 172 20.14 -43.80 -12.85
CA ARG C 172 18.69 -43.71 -12.89
C ARG C 172 18.12 -44.92 -13.61
N PHE C 173 16.80 -45.01 -13.58
CA PHE C 173 16.03 -46.03 -14.26
C PHE C 173 15.03 -45.38 -15.21
N GLU C 174 14.82 -46.00 -16.37
CA GLU C 174 13.79 -45.54 -17.30
C GLU C 174 12.42 -45.69 -16.67
N TYR C 175 11.53 -44.73 -16.96
CA TYR C 175 10.20 -44.71 -16.34
C TYR C 175 9.38 -45.97 -16.65
N ASP C 176 9.81 -46.79 -17.61
CA ASP C 176 9.14 -48.05 -17.95
C ASP C 176 9.96 -49.29 -17.57
N ASP C 177 11.03 -49.12 -16.83
CA ASP C 177 11.90 -50.23 -16.47
C ASP C 177 11.15 -51.20 -15.57
N PRO C 178 11.00 -52.47 -15.95
CA PRO C 178 10.22 -53.40 -15.11
C PRO C 178 10.74 -53.53 -13.69
N ARG C 179 12.07 -53.51 -13.51
CA ARG C 179 12.65 -53.57 -12.17
C ARG C 179 12.27 -52.34 -11.36
N PHE C 180 12.51 -51.15 -11.93
CA PHE C 180 12.12 -49.88 -11.31
C PHE C 180 10.70 -49.92 -10.81
N LEU C 181 9.75 -50.29 -11.67
CA LEU C 181 8.35 -50.34 -11.27
C LEU C 181 8.15 -51.27 -10.09
N ARG C 182 8.83 -52.42 -10.10
CA ARG C 182 8.69 -53.38 -9.02
C ARG C 182 9.18 -52.78 -7.70
N LEU C 183 10.39 -52.22 -7.70
CA LEU C 183 10.88 -51.48 -6.55
C LEU C 183 9.86 -50.46 -6.07
N LEU C 184 9.39 -49.60 -6.98
CA LEU C 184 8.41 -48.58 -6.63
C LEU C 184 7.15 -49.19 -6.05
N ASP C 185 6.59 -50.22 -6.70
CA ASP C 185 5.40 -50.85 -6.18
C ASP C 185 5.67 -51.52 -4.83
N LEU C 186 6.87 -52.06 -4.65
CA LEU C 186 7.21 -52.73 -3.39
C LEU C 186 7.37 -51.73 -2.26
N ALA C 187 7.95 -50.56 -2.53
CA ALA C 187 8.00 -49.49 -1.55
C ALA C 187 6.63 -48.89 -1.30
N GLN C 188 5.74 -48.92 -2.29
CA GLN C 188 4.35 -48.51 -2.09
C GLN C 188 3.65 -49.41 -1.09
N GLU C 189 3.83 -50.73 -1.23
CA GLU C 189 3.14 -51.67 -0.35
C GLU C 189 3.71 -51.64 1.07
N GLY C 190 5.04 -51.60 1.20
CA GLY C 190 5.68 -51.53 2.51
C GLY C 190 5.49 -50.22 3.22
N LEU C 191 4.94 -49.21 2.52
CA LEU C 191 4.42 -48.03 3.19
C LEU C 191 3.30 -48.40 4.14
N LYS C 192 2.32 -49.16 3.62
CA LYS C 192 1.15 -49.56 4.40
C LYS C 192 1.52 -50.48 5.56
N GLU C 193 2.63 -51.21 5.45
CA GLU C 193 3.03 -52.06 6.56
C GLU C 193 3.56 -51.26 7.75
N GLU C 194 4.09 -50.05 7.51
CA GLU C 194 4.48 -49.19 8.62
C GLU C 194 3.27 -48.66 9.37
N SER C 195 2.08 -48.72 8.75
CA SER C 195 0.83 -48.31 9.37
C SER C 195 -0.10 -49.53 9.29
N GLY C 196 0.11 -50.48 10.18
CA GLY C 196 -0.77 -51.63 10.29
C GLY C 196 -1.08 -51.88 11.75
N PHE C 197 -2.32 -52.30 12.01
CA PHE C 197 -2.60 -52.72 13.37
C PHE C 197 -1.87 -54.02 13.67
N LEU C 198 -1.82 -54.93 12.68
CA LEU C 198 -0.98 -56.10 12.83
C LEU C 198 0.41 -55.69 13.25
N ARG C 199 1.15 -55.03 12.35
CA ARG C 199 2.49 -54.52 12.68
C ARG C 199 2.51 -53.85 14.05
N GLU C 200 1.49 -53.06 14.38
CA GLU C 200 1.46 -52.42 15.70
C GLU C 200 1.30 -53.45 16.81
N VAL C 201 0.64 -54.58 16.54
CA VAL C 201 0.47 -55.60 17.57
C VAL C 201 1.79 -56.30 17.87
N LEU C 202 2.41 -56.91 16.85
CA LEU C 202 3.65 -57.64 17.08
C LEU C 202 4.72 -56.72 17.63
N ASN C 203 4.82 -55.50 17.09
CA ASN C 203 5.77 -54.54 17.65
C ASN C 203 5.52 -54.32 19.13
N ALA C 204 4.23 -54.28 19.53
CA ALA C 204 3.88 -54.02 20.91
C ALA C 204 4.09 -55.26 21.79
N VAL C 205 3.82 -56.45 21.27
CA VAL C 205 4.15 -57.65 22.02
C VAL C 205 5.12 -58.47 21.18
N PRO C 206 6.42 -58.14 21.25
CA PRO C 206 7.42 -58.72 20.33
C PRO C 206 7.56 -60.21 20.49
N VAL C 207 6.89 -60.79 21.49
CA VAL C 207 7.11 -62.21 21.74
C VAL C 207 6.30 -63.02 20.74
N LEU C 208 5.25 -62.44 20.17
CA LEU C 208 4.51 -63.04 19.07
C LEU C 208 5.39 -63.29 17.84
N LEU C 209 6.59 -62.74 17.81
CA LEU C 209 7.50 -62.91 16.68
C LEU C 209 8.14 -64.28 16.65
N HIS C 210 8.05 -65.05 17.75
CA HIS C 210 8.48 -66.44 17.72
C HIS C 210 7.57 -67.27 16.82
N ILE C 211 6.31 -66.86 16.67
CA ILE C 211 5.36 -67.53 15.79
C ILE C 211 5.75 -67.28 14.33
N PRO C 212 6.28 -68.28 13.63
CA PRO C 212 6.81 -68.03 12.27
C PRO C 212 5.77 -67.59 11.26
N ALA C 213 4.48 -67.72 11.55
CA ALA C 213 3.45 -67.29 10.63
C ALA C 213 3.15 -65.79 10.78
N LEU C 214 2.96 -65.33 12.01
CA LEU C 214 2.79 -63.91 12.27
C LEU C 214 3.95 -63.12 11.67
N ALA C 215 5.17 -63.51 12.02
CA ALA C 215 6.38 -62.85 11.51
C ALA C 215 6.60 -63.10 10.03
N GLY C 216 6.15 -64.23 9.50
CA GLY C 216 6.24 -64.46 8.06
C GLY C 216 5.61 -63.35 7.24
N LYS C 217 4.40 -62.94 7.62
CA LYS C 217 3.60 -62.05 6.80
C LYS C 217 3.44 -60.64 7.37
N VAL C 218 4.25 -60.26 8.36
CA VAL C 218 4.19 -58.87 8.83
C VAL C 218 4.65 -57.99 7.68
N LEU C 219 5.97 -58.00 7.45
CA LEU C 219 6.60 -57.14 6.45
C LEU C 219 7.08 -57.95 5.26
N ARG C 220 6.16 -58.70 4.68
CA ARG C 220 6.41 -59.31 3.39
C ARG C 220 7.00 -58.29 2.43
N PHE C 221 6.40 -57.10 2.36
CA PHE C 221 6.72 -56.15 1.31
C PHE C 221 7.94 -55.30 1.63
N GLN C 222 8.19 -54.98 2.89
CA GLN C 222 9.46 -54.33 3.20
C GLN C 222 10.61 -55.30 3.00
N LYS C 223 10.44 -56.54 3.44
CA LYS C 223 11.48 -57.55 3.21
C LYS C 223 11.77 -57.71 1.72
N ALA C 224 10.72 -57.68 0.88
CA ALA C 224 10.91 -57.86 -0.55
C ALA C 224 11.52 -56.63 -1.22
N PHE C 225 11.19 -55.44 -0.73
CA PHE C 225 11.86 -54.24 -1.20
C PHE C 225 13.35 -54.32 -0.89
N LEU C 226 13.69 -54.69 0.35
CA LEU C 226 15.10 -54.85 0.73
C LEU C 226 15.79 -55.88 -0.17
N THR C 227 15.09 -56.96 -0.52
CA THR C 227 15.68 -57.97 -1.37
C THR C 227 16.00 -57.42 -2.76
N GLN C 228 15.15 -56.53 -3.30
CA GLN C 228 15.53 -55.93 -4.57
C GLN C 228 16.68 -54.95 -4.40
N LEU C 229 16.72 -54.24 -3.28
CA LEU C 229 17.87 -53.39 -2.98
C LEU C 229 19.17 -54.19 -2.98
N ASP C 230 19.15 -55.39 -2.38
CA ASP C 230 20.37 -56.21 -2.34
C ASP C 230 20.87 -56.48 -3.76
N GLU C 231 19.97 -56.80 -4.68
CA GLU C 231 20.38 -57.12 -6.04
C GLU C 231 20.96 -55.89 -6.74
N LEU C 232 20.35 -54.71 -6.52
CA LEU C 232 20.94 -53.51 -7.12
C LEU C 232 22.28 -53.18 -6.47
N LEU C 233 22.41 -53.39 -5.16
CA LEU C 233 23.70 -53.14 -4.50
C LEU C 233 24.78 -54.12 -4.98
N THR C 234 24.43 -55.39 -5.17
CA THR C 234 25.37 -56.34 -5.74
C THR C 234 25.86 -55.89 -7.11
N GLU C 235 24.94 -55.50 -7.99
CA GLU C 235 25.37 -54.99 -9.29
C GLU C 235 26.28 -53.79 -9.12
N HIS C 236 25.91 -52.88 -8.22
CA HIS C 236 26.71 -51.68 -8.05
C HIS C 236 28.13 -52.04 -7.58
N ARG C 237 28.26 -53.05 -6.72
CA ARG C 237 29.58 -53.44 -6.24
C ARG C 237 30.47 -53.84 -7.40
N MET C 238 29.91 -54.59 -8.37
CA MET C 238 30.67 -54.98 -9.54
C MET C 238 31.21 -53.78 -10.30
N THR C 239 30.40 -52.74 -10.51
CA THR C 239 30.82 -51.63 -11.37
C THR C 239 31.65 -50.56 -10.65
N TRP C 240 31.82 -50.64 -9.34
CA TRP C 240 32.52 -49.60 -8.59
C TRP C 240 34.01 -49.62 -8.91
N ASP C 241 34.57 -48.45 -9.22
CA ASP C 241 36.00 -48.29 -9.41
C ASP C 241 36.61 -47.63 -8.17
N PRO C 242 37.17 -48.38 -7.24
CA PRO C 242 37.74 -47.75 -6.03
C PRO C 242 38.92 -46.85 -6.34
N ALA C 243 39.53 -46.99 -7.51
CA ALA C 243 40.63 -46.13 -7.90
C ALA C 243 40.19 -44.69 -8.12
N GLN C 244 38.92 -44.46 -8.35
CA GLN C 244 38.46 -43.10 -8.51
C GLN C 244 37.76 -42.63 -7.24
N PRO C 245 37.69 -41.31 -7.02
CA PRO C 245 36.90 -40.81 -5.89
C PRO C 245 35.47 -41.27 -6.00
N PRO C 246 34.81 -41.57 -4.88
CA PRO C 246 33.43 -42.06 -4.94
C PRO C 246 32.55 -41.09 -5.71
N ARG C 247 31.66 -41.62 -6.53
CA ARG C 247 30.74 -40.79 -7.29
CA ARG C 247 30.75 -40.77 -7.27
C ARG C 247 29.30 -40.87 -6.78
N ASP C 248 29.06 -41.61 -5.70
CA ASP C 248 27.74 -41.70 -5.12
C ASP C 248 27.91 -42.22 -3.71
N LEU C 249 26.79 -42.30 -2.97
CA LEU C 249 26.90 -42.50 -1.52
C LEU C 249 27.22 -43.95 -1.17
N THR C 250 26.72 -44.90 -1.96
CA THR C 250 27.09 -46.29 -1.70
C THR C 250 28.60 -46.51 -1.87
N GLU C 251 29.20 -45.84 -2.86
CA GLU C 251 30.65 -45.97 -3.06
C GLU C 251 31.42 -45.39 -1.89
N ALA C 252 31.11 -44.13 -1.51
CA ALA C 252 31.72 -43.55 -0.31
C ALA C 252 31.57 -44.49 0.88
N PHE C 253 30.39 -45.08 1.04
CA PHE C 253 30.19 -46.02 2.13
C PHE C 253 31.11 -47.22 1.99
N LEU C 254 31.20 -47.77 0.77
CA LEU C 254 32.07 -48.93 0.53
C LEU C 254 33.52 -48.61 0.84
N ALA C 255 34.00 -47.43 0.43
CA ALA C 255 35.35 -47.02 0.81
C ALA C 255 35.54 -46.99 2.33
N GLU C 256 34.55 -46.49 3.08
CA GLU C 256 34.70 -46.48 4.54
C GLU C 256 34.69 -47.90 5.09
N MET C 257 33.88 -48.79 4.51
CA MET C 257 33.84 -50.18 4.95
C MET C 257 35.21 -50.82 4.81
N GLU C 258 35.93 -50.52 3.73
CA GLU C 258 37.29 -51.02 3.55
C GLU C 258 38.21 -50.51 4.65
N LYS C 259 38.12 -49.22 4.98
CA LYS C 259 38.97 -48.68 6.03
C LYS C 259 38.61 -49.30 7.38
N ALA C 260 37.37 -49.71 7.56
CA ALA C 260 36.93 -50.20 8.85
C ALA C 260 37.12 -51.70 9.03
N LYS C 261 37.74 -52.38 8.07
CA LYS C 261 37.98 -53.80 8.25
C LYS C 261 38.89 -54.00 9.46
N GLY C 262 38.47 -54.88 10.37
CA GLY C 262 39.17 -55.08 11.62
C GLY C 262 38.65 -54.25 12.78
N ASN C 263 37.72 -53.30 12.52
CA ASN C 263 37.23 -52.43 13.57
C ASN C 263 35.82 -52.83 13.97
N PRO C 264 35.64 -53.63 15.03
CA PRO C 264 34.27 -53.99 15.46
C PRO C 264 33.46 -52.82 15.96
N GLU C 265 34.06 -51.65 16.19
CA GLU C 265 33.25 -50.52 16.67
C GLU C 265 32.58 -49.77 15.54
N SER C 266 32.96 -50.01 14.29
CA SER C 266 32.46 -49.22 13.19
C SER C 266 30.99 -49.57 12.89
N SER C 267 30.29 -48.61 12.29
CA SER C 267 28.96 -48.85 11.74
C SER C 267 28.99 -49.03 10.23
N PHE C 268 30.17 -48.91 9.59
CA PHE C 268 30.32 -49.19 8.16
C PHE C 268 30.50 -50.69 7.96
N ASN C 269 29.39 -51.40 7.74
CA ASN C 269 29.42 -52.83 7.44
C ASN C 269 28.27 -53.16 6.49
N ASP C 270 28.38 -54.32 5.84
CA ASP C 270 27.39 -54.74 4.83
C ASP C 270 25.96 -54.71 5.35
N GLU C 271 25.75 -55.11 6.60
CA GLU C 271 24.39 -55.21 7.12
C GLU C 271 23.77 -53.84 7.28
N ASN C 272 24.59 -52.84 7.62
CA ASN C 272 24.11 -51.48 7.77
C ASN C 272 24.03 -50.73 6.46
N LEU C 273 24.82 -51.12 5.46
CA LEU C 273 24.74 -50.50 4.14
C LEU C 273 23.32 -50.59 3.59
N ARG C 274 22.74 -51.79 3.60
CA ARG C 274 21.39 -51.92 3.04
C ARG C 274 20.34 -51.20 3.89
N ILE C 275 20.54 -51.05 5.20
CA ILE C 275 19.57 -50.29 6.00
C ILE C 275 19.68 -48.81 5.71
N VAL C 276 20.90 -48.29 5.60
CA VAL C 276 21.08 -46.87 5.33
C VAL C 276 20.46 -46.50 3.98
N VAL C 277 20.68 -47.32 2.96
CA VAL C 277 20.12 -47.03 1.65
C VAL C 277 18.59 -47.12 1.68
N ALA C 278 18.05 -48.19 2.29
CA ALA C 278 16.61 -48.29 2.47
C ALA C 278 16.02 -47.07 3.20
N ASP C 279 16.70 -46.57 4.25
CA ASP C 279 16.20 -45.38 4.97
C ASP C 279 16.10 -44.16 4.06
N LEU C 280 17.13 -43.94 3.23
CA LEU C 280 17.13 -42.77 2.37
C LEU C 280 15.97 -42.84 1.37
N PHE C 281 15.76 -44.01 0.75
CA PHE C 281 14.59 -44.19 -0.12
C PHE C 281 13.29 -43.99 0.65
N SER C 282 13.12 -44.70 1.77
CA SER C 282 11.89 -44.59 2.55
C SER C 282 11.63 -43.17 3.00
N ALA C 283 12.66 -42.50 3.53
CA ALA C 283 12.47 -41.15 4.06
C ALA C 283 12.33 -40.10 2.97
N GLY C 284 12.86 -40.36 1.78
CA GLY C 284 13.02 -39.30 0.80
C GLY C 284 12.13 -39.35 -0.42
N MET C 285 11.44 -40.46 -0.66
CA MET C 285 10.58 -40.60 -1.84
CA MET C 285 10.61 -40.53 -1.86
C MET C 285 9.20 -40.00 -1.57
N GLU C 286 8.40 -40.72 -0.77
CA GLU C 286 7.01 -40.30 -0.58
C GLU C 286 6.90 -38.89 -0.02
N THR C 287 7.86 -38.44 0.78
CA THR C 287 7.79 -37.07 1.27
C THR C 287 7.92 -36.07 0.13
N THR C 288 9.00 -36.19 -0.65
CA THR C 288 9.21 -35.22 -1.73
C THR C 288 8.12 -35.34 -2.81
N SER C 289 7.60 -36.53 -3.07
CA SER C 289 6.67 -36.66 -4.19
C SER C 289 5.27 -36.18 -3.80
N THR C 290 4.83 -36.49 -2.59
CA THR C 290 3.58 -35.96 -2.09
C THR C 290 3.64 -34.43 -2.00
N THR C 291 4.80 -33.88 -1.64
CA THR C 291 4.90 -32.43 -1.60
C THR C 291 4.70 -31.83 -3.00
N LEU C 292 5.32 -32.44 -4.03
CA LEU C 292 5.07 -31.95 -5.39
C LEU C 292 3.65 -32.25 -5.86
N ALA C 293 3.03 -33.33 -5.39
CA ALA C 293 1.63 -33.56 -5.70
C ALA C 293 0.73 -32.47 -5.11
N TRP C 294 0.99 -32.07 -3.86
CA TRP C 294 0.29 -30.89 -3.31
C TRP C 294 0.56 -29.67 -4.16
N GLY C 295 1.82 -29.46 -4.56
CA GLY C 295 2.17 -28.25 -5.29
C GLY C 295 1.35 -28.09 -6.56
N LEU C 296 1.23 -29.16 -7.33
CA LEU C 296 0.51 -29.09 -8.60
C LEU C 296 -0.99 -28.91 -8.38
N LEU C 297 -1.56 -29.63 -7.41
CA LEU C 297 -2.95 -29.43 -7.02
C LEU C 297 -3.22 -27.97 -6.70
N LEU C 298 -2.37 -27.38 -5.86
CA LEU C 298 -2.56 -26.01 -5.46
C LEU C 298 -2.37 -25.05 -6.63
N MET C 299 -1.61 -25.44 -7.67
CA MET C 299 -1.46 -24.54 -8.81
C MET C 299 -2.69 -24.57 -9.74
N ILE C 300 -3.36 -25.73 -9.86
CA ILE C 300 -4.57 -25.75 -10.67
C ILE C 300 -5.75 -25.19 -9.88
N LEU C 301 -5.67 -25.17 -8.55
CA LEU C 301 -6.74 -24.55 -7.77
C LEU C 301 -6.55 -23.05 -7.63
N HIS C 302 -5.31 -22.57 -7.73
CA HIS C 302 -5.03 -21.14 -7.63
C HIS C 302 -4.24 -20.70 -8.84
N PRO C 303 -4.88 -20.72 -10.03
CA PRO C 303 -4.15 -20.35 -11.26
C PRO C 303 -3.56 -18.95 -11.23
N ASP C 304 -4.14 -18.03 -10.47
CA ASP C 304 -3.50 -16.73 -10.37
C ASP C 304 -2.10 -16.88 -9.80
N VAL C 305 -1.94 -17.76 -8.80
CA VAL C 305 -0.61 -18.01 -8.26
C VAL C 305 0.28 -18.66 -9.30
N GLN C 306 -0.25 -19.64 -10.04
CA GLN C 306 0.53 -20.27 -11.10
C GLN C 306 1.12 -19.21 -12.04
N ARG C 307 0.25 -18.43 -12.68
CA ARG C 307 0.69 -17.37 -13.60
C ARG C 307 1.75 -16.48 -12.99
N ARG C 308 1.54 -16.05 -11.75
CA ARG C 308 2.53 -15.16 -11.16
C ARG C 308 3.88 -15.87 -10.97
N VAL C 309 3.87 -17.18 -10.72
CA VAL C 309 5.14 -17.89 -10.69
C VAL C 309 5.75 -17.92 -12.08
N GLN C 310 4.92 -18.18 -13.10
CA GLN C 310 5.41 -18.18 -14.46
C GLN C 310 5.95 -16.80 -14.88
N GLN C 311 5.37 -15.71 -14.35
CA GLN C 311 5.94 -14.40 -14.65
C GLN C 311 7.32 -14.26 -14.06
N GLU C 312 7.51 -14.67 -12.81
CA GLU C 312 8.83 -14.54 -12.19
C GLU C 312 9.85 -15.45 -12.88
N ILE C 313 9.39 -16.58 -13.41
CA ILE C 313 10.28 -17.48 -14.14
C ILE C 313 10.75 -16.82 -15.43
N ASP C 314 9.79 -16.37 -16.26
CA ASP C 314 10.10 -15.60 -17.47
C ASP C 314 11.06 -14.45 -17.19
N ASP C 315 10.81 -13.69 -16.13
CA ASP C 315 11.61 -12.49 -15.93
C ASP C 315 13.03 -12.83 -15.50
N VAL C 316 13.23 -13.91 -14.76
CA VAL C 316 14.51 -14.15 -14.10
C VAL C 316 15.31 -15.21 -14.84
N ILE C 317 14.62 -16.19 -15.41
CA ILE C 317 15.26 -17.32 -16.08
C ILE C 317 15.04 -17.27 -17.58
N GLY C 318 13.82 -16.97 -18.01
CA GLY C 318 13.45 -17.09 -19.40
C GLY C 318 12.70 -18.38 -19.66
N GLN C 319 12.44 -18.63 -20.93
CA GLN C 319 11.80 -19.87 -21.34
C GLN C 319 12.73 -20.77 -22.14
N VAL C 320 14.00 -20.39 -22.30
CA VAL C 320 14.94 -21.23 -23.03
C VAL C 320 15.69 -22.14 -22.06
N ARG C 321 16.65 -21.60 -21.32
CA ARG C 321 17.49 -22.44 -20.47
C ARG C 321 16.69 -23.04 -19.32
N ARG C 322 17.29 -24.02 -18.66
CA ARG C 322 16.75 -24.79 -17.55
C ARG C 322 16.96 -24.01 -16.25
N PRO C 323 16.00 -24.10 -15.32
CA PRO C 323 16.22 -23.51 -14.00
C PRO C 323 17.46 -24.09 -13.33
N GLU C 324 18.13 -23.26 -12.54
CA GLU C 324 19.31 -23.62 -11.78
C GLU C 324 19.14 -23.14 -10.35
N MET C 325 19.82 -23.81 -9.41
CA MET C 325 19.69 -23.47 -8.01
C MET C 325 20.09 -22.03 -7.74
N GLY C 326 21.02 -21.48 -8.51
CA GLY C 326 21.39 -20.09 -8.35
C GLY C 326 20.26 -19.12 -8.64
N ASP C 327 19.18 -19.57 -9.28
CA ASP C 327 18.07 -18.67 -9.58
C ASP C 327 17.13 -18.48 -8.41
N GLN C 328 17.20 -19.32 -7.38
CA GLN C 328 16.22 -19.24 -6.30
C GLN C 328 16.42 -17.98 -5.48
N ALA C 329 17.67 -17.56 -5.27
CA ALA C 329 17.93 -16.35 -4.52
C ALA C 329 17.34 -15.11 -5.17
N HIS C 330 16.94 -15.20 -6.44
CA HIS C 330 16.36 -14.07 -7.18
C HIS C 330 14.89 -14.32 -7.52
N MET C 331 14.25 -15.29 -6.86
CA MET C 331 12.85 -15.61 -7.13
C MET C 331 12.05 -15.70 -5.84
N PRO C 332 11.93 -14.58 -5.11
CA PRO C 332 11.31 -14.65 -3.78
C PRO C 332 9.86 -15.12 -3.82
N TYR C 333 9.11 -14.82 -4.88
CA TYR C 333 7.72 -15.23 -4.93
C TYR C 333 7.59 -16.74 -5.18
N THR C 334 8.45 -17.28 -6.05
CA THR C 334 8.44 -18.72 -6.27
C THR C 334 8.90 -19.46 -5.03
N THR C 335 9.93 -18.94 -4.37
CA THR C 335 10.35 -19.52 -3.10
C THR C 335 9.22 -19.48 -2.07
N ALA C 336 8.48 -18.36 -2.02
CA ALA C 336 7.39 -18.24 -1.05
C ALA C 336 6.30 -19.27 -1.33
N VAL C 337 5.91 -19.42 -2.61
CA VAL C 337 4.92 -20.43 -3.00
C VAL C 337 5.37 -21.82 -2.58
N ILE C 338 6.60 -22.18 -2.94
CA ILE C 338 7.08 -23.51 -2.60
C ILE C 338 7.01 -23.73 -1.10
N HIS C 339 7.44 -22.73 -0.33
CA HIS C 339 7.39 -22.83 1.13
C HIS C 339 5.94 -22.96 1.62
N GLU C 340 5.03 -22.27 0.96
CA GLU C 340 3.64 -22.31 1.38
C GLU C 340 2.99 -23.63 1.00
N VAL C 341 3.46 -24.25 -0.09
CA VAL C 341 2.99 -25.60 -0.43
C VAL C 341 3.31 -26.56 0.70
N GLN C 342 4.49 -26.40 1.30
CA GLN C 342 4.91 -27.30 2.37
C GLN C 342 4.14 -27.06 3.65
N ARG C 343 3.92 -25.78 4.00
CA ARG C 343 3.21 -25.44 5.23
C ARG C 343 1.78 -25.92 5.17
N PHE C 344 1.13 -25.62 4.05
CA PHE C 344 -0.27 -25.98 3.86
C PHE C 344 -0.41 -27.47 3.66
N GLY C 345 0.47 -28.07 2.83
CA GLY C 345 0.46 -29.51 2.64
C GLY C 345 0.59 -30.27 3.95
N ASP C 346 1.52 -29.86 4.82
CA ASP C 346 1.58 -30.37 6.19
C ASP C 346 1.63 -31.89 6.18
N ILE C 347 2.60 -32.44 5.44
CA ILE C 347 2.51 -33.85 5.06
C ILE C 347 2.97 -34.80 6.16
N VAL C 348 3.74 -34.34 7.13
CA VAL C 348 4.14 -35.18 8.26
C VAL C 348 3.55 -34.50 9.50
N PRO C 349 2.23 -34.56 9.70
CA PRO C 349 1.58 -33.73 10.73
C PRO C 349 2.02 -34.03 12.15
N LEU C 350 2.26 -35.31 12.46
CA LEU C 350 2.75 -35.68 13.79
C LEU C 350 4.23 -36.01 13.79
N GLY C 351 4.97 -35.65 12.74
CA GLY C 351 6.40 -35.81 12.72
C GLY C 351 6.80 -37.26 12.88
N VAL C 352 7.98 -37.46 13.43
CA VAL C 352 8.50 -38.79 13.71
C VAL C 352 8.81 -38.87 15.20
N THR C 353 8.40 -39.98 15.81
CA THR C 353 8.50 -40.13 17.24
C THR C 353 9.95 -39.98 17.73
N HIS C 354 10.10 -39.28 18.85
CA HIS C 354 11.33 -39.23 19.63
C HIS C 354 11.15 -39.97 20.96
N MET C 355 12.26 -40.13 21.69
CA MET C 355 12.23 -40.65 23.06
C MET C 355 13.23 -39.88 23.90
N THR C 356 12.91 -39.68 25.17
CA THR C 356 13.81 -38.95 26.07
C THR C 356 14.90 -39.88 26.58
N SER C 357 16.11 -39.32 26.72
CA SER C 357 17.29 -40.04 27.22
C SER C 357 17.54 -39.82 28.70
N ARG C 358 17.15 -38.67 29.23
CA ARG C 358 17.18 -38.35 30.65
C ARG C 358 15.85 -37.71 31.01
N ASP C 359 15.64 -37.44 32.29
CA ASP C 359 14.54 -36.58 32.67
C ASP C 359 14.81 -35.17 32.17
N ILE C 360 13.75 -34.46 31.83
CA ILE C 360 13.83 -33.10 31.32
C ILE C 360 12.54 -32.39 31.70
N GLU C 361 12.58 -31.07 31.56
CA GLU C 361 11.45 -30.20 31.85
C GLU C 361 11.06 -29.47 30.57
N VAL C 362 9.76 -29.42 30.29
CA VAL C 362 9.23 -28.64 29.19
C VAL C 362 8.01 -27.91 29.70
N GLN C 363 7.99 -26.59 29.52
CA GLN C 363 6.94 -25.73 30.06
C GLN C 363 6.64 -26.09 31.51
N GLY C 364 7.68 -26.08 32.33
CA GLY C 364 7.53 -26.39 33.73
C GLY C 364 7.26 -27.85 34.07
N PHE C 365 6.56 -28.58 33.21
CA PHE C 365 6.29 -29.99 33.48
C PHE C 365 7.57 -30.82 33.43
N ARG C 366 7.56 -31.94 34.15
CA ARG C 366 8.65 -32.90 34.16
C ARG C 366 8.37 -34.04 33.18
N ILE C 367 9.38 -34.43 32.41
CA ILE C 367 9.26 -35.54 31.46
C ILE C 367 10.19 -36.67 31.86
N PRO C 368 9.69 -37.81 32.34
CA PRO C 368 10.59 -38.89 32.78
C PRO C 368 11.35 -39.49 31.60
N LYS C 369 12.65 -39.73 31.81
CA LYS C 369 13.46 -40.52 30.90
C LYS C 369 12.70 -41.74 30.42
N GLY C 370 12.81 -42.03 29.12
CA GLY C 370 12.11 -43.15 28.53
C GLY C 370 10.71 -42.87 28.04
N THR C 371 10.31 -41.61 27.89
CA THR C 371 8.98 -41.28 27.40
C THR C 371 8.99 -41.05 25.88
N THR C 372 8.05 -41.69 25.18
CA THR C 372 7.87 -41.44 23.76
C THR C 372 7.32 -40.04 23.55
N LEU C 373 8.02 -39.24 22.73
CA LEU C 373 7.59 -37.89 22.42
C LEU C 373 6.96 -37.84 21.04
N ILE C 374 5.84 -37.13 20.93
CA ILE C 374 5.23 -36.83 19.64
C ILE C 374 5.31 -35.33 19.45
N THR C 375 5.99 -34.92 18.38
CA THR C 375 6.06 -33.52 17.97
C THR C 375 4.91 -33.24 17.02
N ASN C 376 3.99 -32.38 17.42
CA ASN C 376 2.83 -32.06 16.58
C ASN C 376 3.24 -30.92 15.64
N LEU C 377 3.94 -31.29 14.56
CA LEU C 377 4.41 -30.31 13.59
C LEU C 377 3.26 -29.57 12.92
N SER C 378 2.11 -30.22 12.76
CA SER C 378 0.94 -29.50 12.27
C SER C 378 0.59 -28.34 13.19
N SER C 379 0.53 -28.59 14.48
CA SER C 379 0.21 -27.52 15.41
C SER C 379 1.16 -26.34 15.28
N VAL C 380 2.39 -26.57 14.81
CA VAL C 380 3.31 -25.45 14.58
C VAL C 380 3.06 -24.81 13.23
N LEU C 381 2.82 -25.64 12.21
CA LEU C 381 2.64 -25.11 10.86
C LEU C 381 1.31 -24.39 10.72
N LYS C 382 0.37 -24.63 11.61
CA LYS C 382 -0.97 -24.05 11.49
C LYS C 382 -1.37 -23.32 12.76
N ASP C 383 -0.38 -22.90 13.53
CA ASP C 383 -0.58 -22.10 14.73
C ASP C 383 -1.39 -20.85 14.43
N GLU C 384 -2.55 -20.71 15.08
CA GLU C 384 -3.43 -19.58 14.81
C GLU C 384 -2.80 -18.24 15.17
N ALA C 385 -1.75 -18.24 15.99
CA ALA C 385 -1.13 -17.00 16.42
C ALA C 385 -0.06 -16.52 15.46
N VAL C 386 0.65 -17.43 14.80
CA VAL C 386 1.77 -17.06 13.94
C VAL C 386 1.29 -16.70 12.54
N TRP C 387 0.47 -17.56 11.93
CA TRP C 387 0.10 -17.40 10.53
C TRP C 387 -1.22 -16.64 10.41
N GLU C 388 -1.28 -15.72 9.46
CA GLU C 388 -2.47 -14.89 9.32
C GLU C 388 -3.65 -15.72 8.83
N LYS C 389 -3.41 -16.69 7.95
CA LYS C 389 -4.49 -17.54 7.40
C LYS C 389 -4.10 -19.00 7.52
N PRO C 390 -4.14 -19.56 8.72
CA PRO C 390 -3.56 -20.90 8.97
C PRO C 390 -4.04 -22.01 8.04
N PHE C 391 -5.30 -21.96 7.59
CA PHE C 391 -5.94 -23.06 6.88
C PHE C 391 -6.24 -22.73 5.42
N ARG C 392 -5.63 -21.69 4.88
CA ARG C 392 -5.86 -21.32 3.49
C ARG C 392 -4.50 -21.20 2.83
N PHE C 393 -4.43 -21.55 1.55
CA PHE C 393 -3.16 -21.48 0.84
C PHE C 393 -2.86 -20.01 0.58
N HIS C 394 -1.72 -19.54 1.07
CA HIS C 394 -1.52 -18.10 1.16
C HIS C 394 -0.04 -17.77 1.09
N PRO C 395 0.53 -17.62 -0.13
CA PRO C 395 1.97 -17.40 -0.28
C PRO C 395 2.50 -16.21 0.49
N GLU C 396 1.64 -15.25 0.80
CA GLU C 396 2.10 -14.08 1.53
C GLU C 396 2.55 -14.40 2.96
N HIS C 397 2.29 -15.62 3.48
CA HIS C 397 2.88 -16.02 4.75
C HIS C 397 4.40 -15.91 4.71
N PHE C 398 5.00 -15.99 3.50
CA PHE C 398 6.45 -15.97 3.36
C PHE C 398 6.93 -14.73 2.59
N LEU C 399 6.12 -13.68 2.55
CA LEU C 399 6.47 -12.44 1.86
C LEU C 399 6.20 -11.26 2.77
N ASP C 400 7.22 -10.40 2.96
CA ASP C 400 7.05 -9.17 3.71
C ASP C 400 6.33 -8.11 2.86
N ALA C 401 6.35 -6.86 3.32
CA ALA C 401 5.57 -5.83 2.64
C ALA C 401 6.22 -5.36 1.35
N GLN C 402 7.54 -5.46 1.22
CA GLN C 402 8.18 -5.13 -0.05
C GLN C 402 8.38 -6.33 -0.96
N GLY C 403 7.92 -7.51 -0.57
CA GLY C 403 7.98 -8.67 -1.44
C GLY C 403 9.26 -9.47 -1.37
N HIS C 404 10.09 -9.27 -0.35
CA HIS C 404 11.20 -10.18 -0.10
C HIS C 404 10.66 -11.48 0.52
N PHE C 405 11.46 -12.53 0.45
CA PHE C 405 11.08 -13.81 1.04
C PHE C 405 11.56 -13.89 2.48
N VAL C 406 10.65 -14.21 3.41
CA VAL C 406 11.01 -14.36 4.82
C VAL C 406 10.54 -15.73 5.31
N LYS C 407 11.35 -16.36 6.14
CA LYS C 407 11.00 -17.67 6.68
C LYS C 407 10.69 -17.52 8.16
N PRO C 408 9.43 -17.53 8.57
CA PRO C 408 9.10 -17.51 10.01
C PRO C 408 9.72 -18.69 10.73
N GLU C 409 10.01 -18.51 12.01
CA GLU C 409 10.56 -19.58 12.83
C GLU C 409 9.65 -20.80 12.86
N ALA C 410 8.34 -20.59 12.76
CA ALA C 410 7.37 -21.68 12.88
C ALA C 410 7.33 -22.57 11.65
N PHE C 411 8.16 -22.31 10.65
CA PHE C 411 8.18 -23.15 9.46
C PHE C 411 9.07 -24.34 9.78
N LEU C 412 8.46 -25.40 10.29
CA LEU C 412 9.19 -26.55 10.81
C LEU C 412 8.75 -27.86 10.13
N PRO C 413 8.62 -27.90 8.80
CA PRO C 413 8.16 -29.15 8.17
C PRO C 413 9.18 -30.27 8.20
N PHE C 414 10.43 -29.93 8.49
CA PHE C 414 11.50 -30.90 8.65
C PHE C 414 11.84 -31.13 10.12
N SER C 415 10.96 -30.68 11.02
CA SER C 415 11.21 -30.71 12.47
C SER C 415 12.42 -29.85 12.83
N ALA C 416 13.08 -30.18 13.94
CA ALA C 416 14.09 -29.29 14.51
C ALA C 416 15.04 -30.11 15.38
N GLY C 417 16.20 -29.53 15.67
CA GLY C 417 17.12 -30.20 16.55
C GLY C 417 17.95 -31.24 15.84
N ARG C 418 18.62 -32.06 16.64
CA ARG C 418 19.70 -32.89 16.08
C ARG C 418 19.17 -33.96 15.12
N ARG C 419 17.93 -34.42 15.28
CA ARG C 419 17.40 -35.45 14.40
C ARG C 419 16.62 -34.86 13.22
N ALA C 420 16.47 -33.53 13.14
CA ALA C 420 15.75 -32.91 12.04
C ALA C 420 16.22 -33.48 10.70
N CYS C 421 15.33 -33.47 9.70
CA CYS C 421 15.55 -34.18 8.45
C CYS C 421 16.94 -33.90 7.88
N LEU C 422 17.70 -34.96 7.61
CA LEU C 422 19.02 -34.77 7.00
C LEU C 422 18.95 -34.56 5.50
N GLY C 423 17.82 -34.89 4.88
CA GLY C 423 17.65 -34.70 3.45
C GLY C 423 17.16 -33.34 3.04
N GLU C 424 16.85 -32.46 4.00
CA GLU C 424 16.31 -31.13 3.70
C GLU C 424 17.05 -30.41 2.59
N PRO C 425 18.39 -30.33 2.58
CA PRO C 425 19.05 -29.68 1.45
C PRO C 425 18.74 -30.34 0.13
N LEU C 426 18.78 -31.66 0.05
CA LEU C 426 18.40 -32.28 -1.23
C LEU C 426 16.93 -32.04 -1.55
N ALA C 427 16.04 -32.19 -0.56
CA ALA C 427 14.60 -31.98 -0.82
C ALA C 427 14.32 -30.55 -1.28
N ARG C 428 14.95 -29.57 -0.65
CA ARG C 428 14.84 -28.18 -1.08
C ARG C 428 15.22 -28.06 -2.57
N MET C 429 16.37 -28.64 -2.93
CA MET C 429 16.82 -28.59 -4.32
C MET C 429 15.81 -29.25 -5.25
N GLU C 430 15.31 -30.43 -4.89
CA GLU C 430 14.34 -31.10 -5.75
C GLU C 430 13.05 -30.29 -5.91
N LEU C 431 12.53 -29.74 -4.82
CA LEU C 431 11.29 -28.97 -4.92
C LEU C 431 11.45 -27.77 -5.85
N PHE C 432 12.51 -26.98 -5.65
CA PHE C 432 12.70 -25.81 -6.53
C PHE C 432 12.86 -26.24 -7.98
N LEU C 433 13.80 -27.14 -8.26
CA LEU C 433 14.06 -27.51 -9.65
C LEU C 433 12.88 -28.25 -10.29
N PHE C 434 12.30 -29.26 -9.62
CA PHE C 434 11.17 -29.94 -10.27
C PHE C 434 9.99 -28.98 -10.44
N PHE C 435 9.74 -28.10 -9.45
CA PHE C 435 8.57 -27.23 -9.52
C PHE C 435 8.74 -26.13 -10.56
N THR C 436 9.88 -25.42 -10.56
CA THR C 436 10.08 -24.39 -11.59
C THR C 436 10.17 -24.99 -12.99
N SER C 437 10.80 -26.16 -13.14
CA SER C 437 10.88 -26.77 -14.46
C SER C 437 9.48 -27.05 -15.01
N LEU C 438 8.63 -27.66 -14.20
CA LEU C 438 7.30 -28.00 -14.67
C LEU C 438 6.49 -26.75 -15.01
N LEU C 439 6.57 -25.71 -14.17
CA LEU C 439 5.79 -24.50 -14.42
C LEU C 439 6.37 -23.67 -15.56
N GLN C 440 7.70 -23.57 -15.66
CA GLN C 440 8.32 -22.87 -16.79
C GLN C 440 7.83 -23.42 -18.12
N HIS C 441 7.55 -24.71 -18.18
CA HIS C 441 7.27 -25.35 -19.45
C HIS C 441 5.80 -25.64 -19.67
N PHE C 442 4.97 -25.62 -18.63
CA PHE C 442 3.58 -26.02 -18.78
C PHE C 442 2.65 -25.03 -18.11
N SER C 443 1.39 -25.07 -18.54
CA SER C 443 0.29 -24.46 -17.82
C SER C 443 -0.63 -25.57 -17.34
N PHE C 444 -0.87 -25.62 -16.04
CA PHE C 444 -1.66 -26.68 -15.43
C PHE C 444 -3.01 -26.14 -15.01
N SER C 445 -4.03 -26.97 -15.20
CA SER C 445 -5.41 -26.55 -15.06
C SER C 445 -6.29 -27.75 -14.68
N VAL C 446 -7.35 -27.47 -13.93
CA VAL C 446 -8.38 -28.50 -13.74
C VAL C 446 -8.86 -28.96 -15.10
N PRO C 447 -9.04 -30.27 -15.34
CA PRO C 447 -9.51 -30.71 -16.67
C PRO C 447 -10.91 -30.18 -16.94
N THR C 448 -11.04 -29.38 -18.01
CA THR C 448 -12.30 -28.73 -18.34
C THR C 448 -13.46 -29.71 -18.18
N GLY C 449 -14.54 -29.21 -17.56
CA GLY C 449 -15.70 -30.01 -17.28
C GLY C 449 -15.66 -30.78 -15.97
N GLN C 450 -14.48 -31.16 -15.51
CA GLN C 450 -14.41 -31.78 -14.20
C GLN C 450 -14.57 -30.73 -13.11
N PRO C 451 -14.96 -31.15 -11.90
CA PRO C 451 -15.12 -30.20 -10.80
C PRO C 451 -13.78 -29.86 -10.16
N ARG C 452 -13.80 -28.81 -9.34
CA ARG C 452 -12.59 -28.42 -8.63
C ARG C 452 -12.27 -29.48 -7.58
N PRO C 453 -11.05 -29.98 -7.55
CA PRO C 453 -10.71 -31.03 -6.57
C PRO C 453 -10.66 -30.49 -5.15
N SER C 454 -10.91 -31.39 -4.20
CA SER C 454 -10.75 -31.06 -2.79
C SER C 454 -9.30 -30.70 -2.46
N HIS C 455 -9.12 -29.71 -1.61
CA HIS C 455 -7.81 -29.40 -1.04
C HIS C 455 -7.64 -30.04 0.35
N HIS C 456 -8.56 -30.90 0.74
CA HIS C 456 -8.48 -31.61 2.01
C HIS C 456 -7.63 -32.87 1.84
N GLY C 457 -6.93 -33.25 2.91
CA GLY C 457 -5.95 -34.33 2.85
C GLY C 457 -6.41 -35.64 3.48
N VAL C 458 -6.07 -36.74 2.83
CA VAL C 458 -6.22 -38.09 3.38
C VAL C 458 -5.02 -38.40 4.27
N PHE C 459 -5.26 -38.74 5.54
CA PHE C 459 -4.17 -39.04 6.46
C PHE C 459 -3.77 -40.51 6.42
N ALA C 460 -2.46 -40.77 6.33
CA ALA C 460 -1.90 -42.11 6.37
C ALA C 460 -0.40 -42.08 6.70
N PHE C 461 -0.05 -41.63 7.92
CA PHE C 461 1.31 -41.27 8.32
C PHE C 461 1.75 -40.04 7.52
N LEU C 462 1.71 -40.15 6.20
CA LEU C 462 1.79 -39.01 5.29
C LEU C 462 0.39 -38.54 4.94
N VAL C 463 0.22 -37.22 4.86
CA VAL C 463 -1.03 -36.63 4.40
C VAL C 463 -0.87 -36.27 2.94
N SER C 464 -1.52 -36.99 2.12
CA SER C 464 -1.49 -36.82 0.68
C SER C 464 -2.72 -36.07 0.20
N PRO C 465 -2.61 -35.34 -0.91
CA PRO C 465 -3.81 -34.75 -1.50
C PRO C 465 -4.78 -35.85 -1.95
N SER C 466 -6.07 -35.52 -1.98
CA SER C 466 -7.05 -36.46 -2.50
C SER C 466 -6.83 -36.64 -4.00
N PRO C 467 -7.13 -37.82 -4.54
CA PRO C 467 -6.78 -38.10 -5.94
C PRO C 467 -7.42 -37.10 -6.89
N TYR C 468 -6.61 -36.56 -7.80
CA TYR C 468 -7.05 -35.57 -8.75
C TYR C 468 -6.33 -35.80 -10.06
N GLU C 469 -6.91 -35.26 -11.13
CA GLU C 469 -6.26 -35.25 -12.43
C GLU C 469 -6.07 -33.81 -12.85
N LEU C 470 -5.17 -33.61 -13.80
CA LEU C 470 -4.92 -32.27 -14.29
C LEU C 470 -4.59 -32.37 -15.78
N CYS C 471 -4.45 -31.21 -16.40
CA CYS C 471 -4.06 -31.11 -17.79
C CYS C 471 -2.87 -30.19 -17.83
N ALA C 472 -1.86 -30.58 -18.59
CA ALA C 472 -0.66 -29.80 -18.79
C ALA C 472 -0.56 -29.53 -20.29
N VAL C 473 -0.57 -28.25 -20.67
CA VAL C 473 -0.48 -27.83 -22.05
C VAL C 473 0.79 -27.02 -22.19
N PRO C 474 1.62 -27.26 -23.20
CA PRO C 474 2.86 -26.48 -23.33
C PRO C 474 2.57 -24.99 -23.40
N ARG C 475 3.57 -24.20 -23.02
CA ARG C 475 3.43 -22.75 -23.04
C ARG C 475 4.01 -22.17 -24.33
N GLY D 9 16.89 19.45 -44.37
CA GLY D 9 17.81 20.57 -44.30
C GLY D 9 17.36 21.67 -43.35
N LYS D 10 16.25 21.42 -42.65
CA LYS D 10 15.67 22.42 -41.75
C LYS D 10 16.58 22.66 -40.55
N LEU D 11 17.02 24.04 -40.31
CA LEU D 11 17.84 24.41 -39.16
C LEU D 11 16.95 24.77 -37.96
N PRO D 12 17.42 24.54 -36.72
CA PRO D 12 16.54 24.72 -35.57
C PRO D 12 16.26 26.19 -35.31
N PRO D 13 15.04 26.54 -34.88
CA PRO D 13 14.65 27.95 -34.78
C PRO D 13 15.31 28.70 -33.62
N GLY D 14 15.05 30.00 -33.52
CA GLY D 14 15.58 30.82 -32.46
C GLY D 14 15.64 32.29 -32.87
N PRO D 15 15.75 33.20 -31.89
CA PRO D 15 15.83 34.65 -32.12
C PRO D 15 16.82 35.07 -33.19
N GLN D 30 22.04 37.62 -16.53
CA GLN D 30 23.30 37.02 -16.12
C GLN D 30 23.12 35.54 -15.75
N ASN D 31 21.95 35.24 -15.19
CA ASN D 31 21.65 33.90 -14.71
C ASN D 31 21.04 33.10 -15.85
N THR D 32 21.93 32.45 -16.61
CA THR D 32 21.54 31.79 -17.87
C THR D 32 20.63 30.60 -17.67
N PRO D 33 20.90 29.65 -16.74
CA PRO D 33 20.11 28.40 -16.70
C PRO D 33 18.60 28.57 -16.76
N TYR D 34 18.05 29.71 -16.36
CA TYR D 34 16.60 29.90 -16.40
C TYR D 34 16.10 30.44 -17.73
N CYS D 35 16.92 31.24 -18.42
CA CYS D 35 16.51 31.81 -19.70
C CYS D 35 16.24 30.71 -20.72
N PHE D 36 17.08 29.66 -20.75
CA PHE D 36 16.93 28.59 -21.73
C PHE D 36 15.56 27.93 -21.64
N ASP D 37 14.94 27.92 -20.45
CA ASP D 37 13.59 27.39 -20.33
C ASP D 37 12.60 28.23 -21.12
N GLN D 38 12.69 29.56 -20.97
CA GLN D 38 11.82 30.45 -21.74
C GLN D 38 12.00 30.25 -23.23
N LEU D 39 13.26 30.10 -23.68
CA LEU D 39 13.53 29.95 -25.11
C LEU D 39 13.01 28.63 -25.63
N ARG D 40 13.19 27.57 -24.84
CA ARG D 40 12.68 26.27 -25.24
C ARG D 40 11.17 26.27 -25.35
N ARG D 41 10.50 26.93 -24.39
CA ARG D 41 9.04 27.11 -24.44
C ARG D 41 8.60 27.65 -25.79
N ARG D 42 9.32 28.63 -26.33
CA ARG D 42 8.96 29.20 -27.62
C ARG D 42 9.31 28.26 -28.76
N PHE D 43 10.54 27.72 -28.76
CA PHE D 43 11.14 27.15 -29.96
C PHE D 43 11.25 25.64 -30.00
N GLY D 44 11.12 24.96 -28.87
CA GLY D 44 11.18 23.51 -28.83
C GLY D 44 12.45 22.99 -28.19
N ASP D 45 12.56 21.66 -28.21
CA ASP D 45 13.67 20.95 -27.59
C ASP D 45 15.02 21.29 -28.19
N VAL D 46 15.06 21.77 -29.43
CA VAL D 46 16.31 21.91 -30.17
C VAL D 46 16.29 23.28 -30.83
N PHE D 47 17.04 24.23 -30.28
CA PHE D 47 16.96 25.61 -30.75
C PHE D 47 18.34 26.24 -30.82
N SER D 48 18.52 27.12 -31.81
CA SER D 48 19.78 27.80 -32.05
C SER D 48 19.78 29.20 -31.44
N LEU D 49 20.98 29.74 -31.24
CA LEU D 49 21.17 31.11 -30.80
C LEU D 49 22.64 31.50 -30.86
N GLN D 50 22.96 32.57 -31.59
CA GLN D 50 24.34 33.02 -31.73
C GLN D 50 24.85 33.62 -30.43
N LEU D 51 26.13 33.40 -30.16
CA LEU D 51 26.77 33.93 -28.95
C LEU D 51 28.21 34.27 -29.28
N ALA D 52 28.56 35.55 -29.12
CA ALA D 52 29.94 36.03 -29.29
C ALA D 52 30.55 35.53 -30.59
N TRP D 53 29.77 35.61 -31.68
CA TRP D 53 30.17 35.25 -33.03
C TRP D 53 30.34 33.74 -33.23
N THR D 54 29.74 32.92 -32.38
CA THR D 54 29.79 31.47 -32.50
C THR D 54 28.39 30.90 -32.62
N PRO D 55 28.12 30.01 -33.58
CA PRO D 55 26.78 29.43 -33.75
C PRO D 55 26.56 28.32 -32.74
N VAL D 56 25.52 28.47 -31.90
CA VAL D 56 25.25 27.54 -30.80
C VAL D 56 23.91 26.85 -31.05
N VAL D 57 23.82 25.57 -30.72
CA VAL D 57 22.55 24.86 -30.66
C VAL D 57 22.39 24.25 -29.27
N VAL D 58 21.22 24.46 -28.65
CA VAL D 58 20.94 23.99 -27.30
C VAL D 58 20.05 22.76 -27.37
N LEU D 59 20.36 21.77 -26.54
CA LEU D 59 19.65 20.50 -26.50
C LEU D 59 18.98 20.33 -25.14
N ASN D 60 17.65 20.18 -25.12
CA ASN D 60 16.88 20.04 -23.90
C ASN D 60 16.08 18.73 -23.90
N GLY D 61 16.01 18.08 -22.75
CA GLY D 61 15.32 16.81 -22.62
C GLY D 61 16.18 15.62 -23.05
N LEU D 62 15.81 14.45 -22.52
CA LEU D 62 16.62 13.26 -22.71
C LEU D 62 16.75 12.89 -24.19
N ALA D 63 15.67 13.04 -24.95
CA ALA D 63 15.65 12.52 -26.31
C ALA D 63 16.62 13.29 -27.20
N ALA D 64 16.54 14.62 -27.18
CA ALA D 64 17.49 15.43 -27.93
C ALA D 64 18.92 15.17 -27.46
N VAL D 65 19.14 15.13 -26.14
CA VAL D 65 20.50 14.88 -25.64
C VAL D 65 20.96 13.49 -26.04
N ARG D 66 20.09 12.49 -25.91
CA ARG D 66 20.52 11.14 -26.26
C ARG D 66 20.78 11.01 -27.76
N GLU D 67 19.95 11.67 -28.58
CA GLU D 67 20.14 11.61 -30.03
C GLU D 67 21.51 12.17 -30.42
N ALA D 68 21.87 13.33 -29.87
CA ALA D 68 23.14 13.96 -30.23
C ALA D 68 24.33 13.15 -29.71
N LEU D 69 24.34 12.81 -28.42
CA LEU D 69 25.59 12.32 -27.84
C LEU D 69 25.76 10.81 -27.99
N VAL D 70 24.68 10.09 -28.30
CA VAL D 70 24.74 8.64 -28.37
C VAL D 70 24.53 8.21 -29.81
N THR D 71 23.30 8.38 -30.30
CA THR D 71 22.98 8.00 -31.67
C THR D 71 23.97 8.58 -32.66
N HIS D 72 24.24 9.89 -32.55
CA HIS D 72 25.26 10.54 -33.36
C HIS D 72 26.57 10.76 -32.60
N GLY D 73 26.84 9.90 -31.59
CA GLY D 73 27.99 10.11 -30.73
C GLY D 73 29.32 10.26 -31.44
N GLU D 74 29.51 9.58 -32.57
CA GLU D 74 30.79 9.65 -33.26
C GLU D 74 31.02 11.02 -33.90
N ASP D 75 29.97 11.79 -34.18
CA ASP D 75 30.12 13.11 -34.76
C ASP D 75 29.96 14.26 -33.74
N THR D 76 29.63 13.96 -32.48
CA THR D 76 29.39 15.00 -31.49
C THR D 76 30.39 14.97 -30.34
N ALA D 77 31.50 14.24 -30.46
CA ALA D 77 32.44 14.02 -29.38
C ALA D 77 33.66 14.92 -29.48
N ASP D 78 33.53 16.07 -30.12
CA ASP D 78 34.60 17.04 -30.22
C ASP D 78 34.34 18.22 -29.28
N ARG D 79 35.38 18.98 -28.99
CA ARG D 79 35.23 20.17 -28.16
C ARG D 79 35.46 21.44 -28.97
N PRO D 80 34.78 22.53 -28.65
CA PRO D 80 35.10 23.80 -29.31
C PRO D 80 36.53 24.20 -29.03
N PRO D 81 37.29 24.59 -30.06
CA PRO D 81 38.66 25.06 -29.82
C PRO D 81 38.68 26.22 -28.85
N VAL D 82 39.74 26.28 -28.02
CA VAL D 82 39.85 27.37 -27.04
C VAL D 82 41.26 27.93 -27.13
N PRO D 83 41.48 29.01 -27.88
CA PRO D 83 42.85 29.42 -28.22
C PRO D 83 43.71 29.83 -27.04
N ILE D 84 43.13 30.33 -25.94
CA ILE D 84 43.99 30.77 -24.85
C ILE D 84 44.72 29.63 -24.17
N THR D 85 44.29 28.37 -24.37
CA THR D 85 45.05 27.25 -23.84
C THR D 85 46.47 27.19 -24.36
N GLN D 86 46.78 27.91 -25.46
CA GLN D 86 48.16 28.03 -25.89
C GLN D 86 49.04 28.49 -24.74
N ILE D 87 48.48 29.29 -23.83
CA ILE D 87 49.21 29.85 -22.71
C ILE D 87 49.76 28.76 -21.77
N LEU D 88 49.09 27.60 -21.69
CA LEU D 88 49.42 26.60 -20.70
C LEU D 88 50.10 25.36 -21.28
N GLY D 89 50.37 25.33 -22.58
CA GLY D 89 51.13 24.26 -23.19
C GLY D 89 50.38 23.31 -24.14
N PHE D 90 49.29 23.76 -24.76
CA PHE D 90 48.50 22.87 -25.62
C PHE D 90 49.07 22.83 -27.04
N GLY D 91 49.26 21.62 -27.55
CA GLY D 91 49.68 21.40 -28.91
C GLY D 91 49.07 20.12 -29.41
N PRO D 92 49.45 19.68 -30.61
CA PRO D 92 48.73 18.55 -31.24
C PRO D 92 48.70 17.24 -30.42
N ARG D 93 49.72 16.94 -29.63
CA ARG D 93 49.62 15.77 -28.76
C ARG D 93 49.90 16.11 -27.29
N SER D 94 49.51 17.33 -26.88
CA SER D 94 49.51 17.80 -25.51
C SER D 94 48.18 18.54 -25.26
N GLN D 95 47.07 17.79 -25.28
CA GLN D 95 45.77 18.42 -25.14
C GLN D 95 45.04 18.00 -23.88
N GLY D 96 45.71 17.26 -22.98
CA GLY D 96 44.99 16.72 -21.84
C GLY D 96 43.92 15.75 -22.31
N VAL D 97 42.86 15.65 -21.52
CA VAL D 97 41.67 14.88 -21.86
C VAL D 97 40.45 15.78 -21.98
N PHE D 98 40.29 16.72 -21.05
CA PHE D 98 39.02 17.42 -20.86
C PHE D 98 38.66 18.29 -22.07
N LEU D 99 39.61 19.11 -22.55
CA LEU D 99 39.34 19.96 -23.71
C LEU D 99 39.99 19.45 -24.99
N ALA D 100 40.63 18.28 -24.95
CA ALA D 100 41.20 17.69 -26.15
C ALA D 100 40.16 17.57 -27.26
N ARG D 101 40.55 17.95 -28.47
CA ARG D 101 39.73 17.71 -29.65
C ARG D 101 39.52 16.21 -29.86
N TYR D 102 38.40 15.84 -30.48
CA TYR D 102 38.22 14.46 -30.91
C TYR D 102 39.39 14.09 -31.82
N GLY D 103 40.00 12.93 -31.57
CA GLY D 103 41.22 12.60 -32.24
C GLY D 103 42.06 11.64 -31.43
N PRO D 104 43.27 11.33 -31.91
CA PRO D 104 44.06 10.32 -31.20
C PRO D 104 44.66 10.87 -29.91
N ALA D 105 45.05 12.15 -29.87
CA ALA D 105 45.50 12.73 -28.61
C ALA D 105 44.44 12.56 -27.52
N TRP D 106 43.17 12.88 -27.83
CA TRP D 106 42.10 12.68 -26.86
C TRP D 106 41.91 11.21 -26.54
N ARG D 107 41.82 10.38 -27.59
CA ARG D 107 41.48 8.97 -27.43
C ARG D 107 42.54 8.20 -26.62
N GLU D 108 43.82 8.48 -26.87
CA GLU D 108 44.86 7.81 -26.11
C GLU D 108 44.77 8.16 -24.62
N GLN D 109 44.64 9.45 -24.31
CA GLN D 109 44.61 9.85 -22.91
C GLN D 109 43.29 9.41 -22.25
N ARG D 110 42.19 9.49 -23.00
CA ARG D 110 40.93 8.95 -22.51
C ARG D 110 41.10 7.50 -22.09
N ARG D 111 41.63 6.67 -22.99
CA ARG D 111 41.75 5.25 -22.65
C ARG D 111 42.75 5.02 -21.52
N PHE D 112 43.84 5.80 -21.48
CA PHE D 112 44.80 5.64 -20.40
C PHE D 112 44.16 5.89 -19.04
N SER D 113 43.41 7.01 -18.91
CA SER D 113 42.86 7.35 -17.59
C SER D 113 41.76 6.39 -17.19
N VAL D 114 40.96 5.93 -18.15
CA VAL D 114 39.88 5.01 -17.82
C VAL D 114 40.46 3.70 -17.32
N SER D 115 41.45 3.15 -18.04
CA SER D 115 42.14 1.92 -17.61
C SER D 115 42.91 2.12 -16.30
N THR D 116 43.63 3.23 -16.17
CA THR D 116 44.38 3.46 -14.94
C THR D 116 43.42 3.57 -13.74
N LEU D 117 42.26 4.20 -13.93
CA LEU D 117 41.30 4.26 -12.83
C LEU D 117 40.73 2.88 -12.56
N ARG D 118 40.50 2.08 -13.61
CA ARG D 118 39.98 0.73 -13.42
C ARG D 118 40.99 -0.13 -12.65
N ASN D 119 42.24 -0.17 -13.09
CA ASN D 119 43.22 -1.04 -12.47
C ASN D 119 43.49 -0.63 -11.03
N LEU D 120 43.49 0.67 -10.74
CA LEU D 120 43.81 1.11 -9.38
C LEU D 120 42.77 0.63 -8.38
N GLY D 121 41.51 0.54 -8.78
CA GLY D 121 40.47 0.01 -7.92
C GLY D 121 40.21 -1.46 -8.17
N LEU D 122 41.22 -2.18 -8.63
CA LEU D 122 41.14 -3.62 -8.78
C LEU D 122 42.32 -4.26 -8.09
N GLY D 123 42.20 -5.57 -7.85
CA GLY D 123 43.18 -6.28 -7.06
C GLY D 123 43.23 -5.80 -5.62
N LYS D 124 44.22 -4.98 -5.31
CA LYS D 124 44.42 -4.52 -3.93
CA LYS D 124 44.43 -4.50 -3.94
C LYS D 124 43.46 -3.39 -3.52
N LYS D 125 42.59 -2.94 -4.43
CA LYS D 125 41.58 -1.90 -4.15
C LYS D 125 42.20 -0.65 -3.52
N SER D 126 43.29 -0.17 -4.15
CA SER D 126 44.04 0.98 -3.63
C SER D 126 43.14 2.20 -3.49
N LEU D 127 42.41 2.55 -4.57
CA LEU D 127 41.55 3.73 -4.59
C LEU D 127 40.55 3.71 -3.44
N GLU D 128 39.83 2.60 -3.28
CA GLU D 128 38.90 2.49 -2.17
C GLU D 128 39.60 2.66 -0.83
N GLN D 129 40.83 2.13 -0.72
CA GLN D 129 41.59 2.32 0.53
C GLN D 129 41.95 3.78 0.73
N TRP D 130 42.49 4.45 -0.28
CA TRP D 130 42.76 5.88 -0.18
C TRP D 130 41.52 6.65 0.25
N VAL D 131 40.36 6.34 -0.36
CA VAL D 131 39.13 7.07 -0.05
C VAL D 131 38.62 6.73 1.36
N THR D 132 38.68 5.45 1.74
CA THR D 132 38.33 5.05 3.10
C THR D 132 39.18 5.79 4.13
N GLU D 133 40.50 5.85 3.91
CA GLU D 133 41.35 6.58 4.84
C GLU D 133 41.02 8.07 4.85
N GLU D 134 40.71 8.64 3.69
CA GLU D 134 40.38 10.06 3.68
C GLU D 134 39.07 10.33 4.42
N ALA D 135 38.11 9.41 4.32
CA ALA D 135 36.87 9.55 5.09
C ALA D 135 37.16 9.63 6.58
N ALA D 136 38.05 8.76 7.09
CA ALA D 136 38.39 8.80 8.51
C ALA D 136 39.08 10.10 8.88
N CYS D 137 39.96 10.59 8.01
CA CYS D 137 40.55 11.90 8.28
C CYS D 137 39.49 12.96 8.32
N LEU D 138 38.44 12.79 7.51
CA LEU D 138 37.39 13.79 7.40
C LEU D 138 36.47 13.78 8.63
N CYS D 139 36.02 12.59 9.06
CA CYS D 139 35.26 12.52 10.32
C CYS D 139 36.04 13.16 11.47
N ALA D 140 37.33 12.84 11.60
CA ALA D 140 38.15 13.42 12.66
C ALA D 140 38.20 14.94 12.58
N ALA D 141 38.40 15.50 11.39
CA ALA D 141 38.33 16.96 11.29
C ALA D 141 36.94 17.46 11.68
N PHE D 142 35.88 16.69 11.41
CA PHE D 142 34.54 17.12 11.79
C PHE D 142 34.40 17.12 13.32
N ALA D 143 34.73 16.01 13.96
CA ALA D 143 34.78 15.91 15.42
C ALA D 143 35.43 17.12 16.09
N ASN D 144 36.49 17.66 15.49
CA ASN D 144 37.17 18.82 16.08
C ASN D 144 36.34 20.08 16.03
N HIS D 145 35.27 20.11 15.24
CA HIS D 145 34.23 21.15 15.39
C HIS D 145 33.10 20.56 16.23
N SER D 146 33.41 20.28 17.49
CA SER D 146 32.45 19.60 18.34
C SER D 146 31.27 20.52 18.65
N GLY D 147 31.50 21.50 19.50
CA GLY D 147 30.42 22.36 19.93
C GLY D 147 30.36 23.65 19.15
N ARG D 148 30.33 23.57 17.82
CA ARG D 148 30.22 24.84 17.12
C ARG D 148 29.60 24.65 15.76
N PRO D 149 28.77 25.59 15.31
CA PRO D 149 28.43 25.65 13.89
C PRO D 149 29.68 25.88 13.06
N PHE D 150 29.69 25.35 11.84
CA PHE D 150 30.79 25.62 10.90
C PHE D 150 30.29 25.28 9.51
N ARG D 151 30.74 26.08 8.55
CA ARG D 151 30.58 25.74 7.14
C ARG D 151 31.48 24.56 6.79
N PRO D 152 30.94 23.42 6.36
CA PRO D 152 31.78 22.27 6.04
C PRO D 152 32.39 22.31 4.63
N ASN D 153 32.24 23.41 3.89
CA ASN D 153 32.67 23.43 2.50
C ASN D 153 34.18 23.26 2.38
N GLY D 154 34.92 23.88 3.30
CA GLY D 154 36.37 23.83 3.23
C GLY D 154 36.92 22.44 3.50
N LEU D 155 36.35 21.73 4.48
CA LEU D 155 36.84 20.37 4.77
C LEU D 155 36.53 19.41 3.62
N LEU D 156 35.34 19.50 3.04
CA LEU D 156 34.99 18.60 1.96
C LEU D 156 35.95 18.81 0.79
N ASP D 157 36.19 20.08 0.43
CA ASP D 157 37.20 20.45 -0.57
C ASP D 157 38.52 19.74 -0.32
N LYS D 158 39.03 19.82 0.92
CA LYS D 158 40.33 19.21 1.22
C LYS D 158 40.26 17.71 1.05
N ALA D 159 39.19 17.09 1.52
CA ALA D 159 39.12 15.63 1.51
C ALA D 159 39.05 15.09 0.09
N VAL D 160 38.34 15.76 -0.81
CA VAL D 160 38.23 15.19 -2.16
C VAL D 160 39.41 15.59 -3.03
N SER D 161 40.09 16.71 -2.71
CA SER D 161 41.39 16.98 -3.34
C SER D 161 42.41 15.95 -2.92
N ASN D 162 42.36 15.51 -1.68
CA ASN D 162 43.28 14.45 -1.28
C ASN D 162 43.00 13.17 -2.04
N VAL D 163 41.73 12.89 -2.39
CA VAL D 163 41.48 11.70 -3.20
C VAL D 163 42.19 11.82 -4.55
N ILE D 164 42.12 12.99 -5.19
CA ILE D 164 42.78 13.19 -6.48
C ILE D 164 44.29 13.10 -6.33
N ALA D 165 44.84 13.72 -5.27
CA ALA D 165 46.27 13.63 -4.98
C ALA D 165 46.72 12.17 -4.87
N SER D 166 45.92 11.37 -4.16
CA SER D 166 46.21 9.95 -4.03
C SER D 166 46.23 9.28 -5.38
N LEU D 167 45.18 9.52 -6.18
CA LEU D 167 45.07 8.91 -7.49
C LEU D 167 46.25 9.30 -8.37
N THR D 168 46.59 10.60 -8.37
CA THR D 168 47.53 11.10 -9.36
C THR D 168 48.97 11.06 -8.87
N CYS D 169 49.21 11.20 -7.56
CA CYS D 169 50.54 11.35 -7.03
C CYS D 169 50.87 10.37 -5.91
N GLY D 170 49.93 9.51 -5.51
CA GLY D 170 50.22 8.52 -4.48
C GLY D 170 50.49 9.07 -3.10
N ARG D 171 49.99 10.26 -2.78
CA ARG D 171 50.14 10.85 -1.45
C ARG D 171 48.90 11.66 -1.09
N ARG D 172 48.73 11.95 0.19
CA ARG D 172 47.76 12.96 0.61
C ARG D 172 48.52 14.09 1.28
N PHE D 173 47.79 15.14 1.64
CA PHE D 173 48.33 16.31 2.32
C PHE D 173 47.59 16.55 3.62
N GLU D 174 48.32 16.93 4.68
CA GLU D 174 47.63 17.29 5.92
C GLU D 174 46.77 18.53 5.71
N TYR D 175 45.62 18.56 6.36
CA TYR D 175 44.66 19.65 6.15
C TYR D 175 45.23 21.02 6.46
N ASP D 176 46.30 21.12 7.24
CA ASP D 176 46.92 22.40 7.54
C ASP D 176 48.16 22.68 6.69
N ASP D 177 48.55 21.75 5.82
CA ASP D 177 49.75 21.93 5.02
C ASP D 177 49.65 23.17 4.16
N PRO D 178 50.65 24.06 4.21
CA PRO D 178 50.51 25.36 3.50
C PRO D 178 50.50 25.23 2.00
N ARG D 179 51.26 24.29 1.43
CA ARG D 179 51.24 24.10 -0.02
C ARG D 179 49.90 23.60 -0.48
N PHE D 180 49.34 22.62 0.25
CA PHE D 180 48.00 22.13 -0.03
C PHE D 180 47.00 23.28 -0.06
N LEU D 181 47.10 24.19 0.90
CA LEU D 181 46.18 25.32 0.90
C LEU D 181 46.38 26.17 -0.36
N ARG D 182 47.63 26.41 -0.75
CA ARG D 182 47.91 27.24 -1.93
C ARG D 182 47.40 26.57 -3.20
N LEU D 183 47.72 25.28 -3.38
CA LEU D 183 47.10 24.47 -4.42
C LEU D 183 45.59 24.68 -4.48
N LEU D 184 44.91 24.62 -3.34
CA LEU D 184 43.45 24.59 -3.34
C LEU D 184 42.87 25.99 -3.57
N ASP D 185 43.52 27.04 -3.03
CA ASP D 185 43.03 28.39 -3.31
C ASP D 185 43.26 28.71 -4.78
N LEU D 186 44.46 28.41 -5.30
CA LEU D 186 44.73 28.71 -6.71
C LEU D 186 43.76 28.00 -7.63
N ALA D 187 43.34 26.79 -7.26
CA ALA D 187 42.31 26.09 -8.03
C ALA D 187 41.00 26.86 -8.01
N GLN D 188 40.61 27.39 -6.84
CA GLN D 188 39.35 28.11 -6.72
C GLN D 188 39.33 29.33 -7.63
N GLU D 189 40.32 30.20 -7.48
CA GLU D 189 40.44 31.34 -8.39
C GLU D 189 40.47 30.86 -9.84
N GLY D 190 41.16 29.76 -10.11
CA GLY D 190 41.43 29.33 -11.47
C GLY D 190 40.22 28.89 -12.27
N LEU D 191 39.13 28.47 -11.61
CA LEU D 191 37.93 28.19 -12.39
C LEU D 191 37.12 29.45 -12.62
N LYS D 192 37.31 30.49 -11.79
CA LYS D 192 36.74 31.81 -12.10
C LYS D 192 37.23 32.30 -13.45
N GLU D 193 38.51 32.08 -13.76
CA GLU D 193 39.04 32.43 -15.06
C GLU D 193 38.40 31.64 -16.19
N GLU D 194 37.56 30.64 -15.87
CA GLU D 194 36.82 29.92 -16.90
C GLU D 194 35.57 30.68 -17.38
N SER D 195 35.24 31.81 -16.76
CA SER D 195 34.38 32.83 -17.39
C SER D 195 35.07 34.18 -17.41
N GLY D 196 34.40 35.12 -18.05
CA GLY D 196 34.85 36.50 -18.12
C GLY D 196 34.84 36.96 -19.56
N PHE D 197 34.65 38.26 -19.74
CA PHE D 197 34.65 38.82 -21.08
C PHE D 197 36.04 38.73 -21.72
N LEU D 198 37.08 38.91 -20.90
CA LEU D 198 38.45 38.88 -21.41
C LEU D 198 38.73 37.56 -22.11
N ARG D 199 38.32 36.43 -21.49
CA ARG D 199 38.50 35.12 -22.10
C ARG D 199 37.85 35.06 -23.50
N GLU D 200 36.60 35.52 -23.61
CA GLU D 200 35.89 35.44 -24.88
C GLU D 200 36.55 36.29 -25.95
N VAL D 201 36.95 37.51 -25.58
CA VAL D 201 37.65 38.41 -26.49
C VAL D 201 38.90 37.74 -27.01
N LEU D 202 39.71 37.20 -26.10
CA LEU D 202 40.98 36.58 -26.50
C LEU D 202 40.74 35.35 -27.32
N ASN D 203 39.70 34.58 -26.99
CA ASN D 203 39.37 33.41 -27.78
C ASN D 203 38.93 33.81 -29.19
N ALA D 204 38.11 34.87 -29.28
CA ALA D 204 37.59 35.28 -30.58
C ALA D 204 38.68 35.84 -31.49
N VAL D 205 39.70 36.48 -30.92
CA VAL D 205 40.81 36.99 -31.71
C VAL D 205 42.10 36.60 -30.99
N PRO D 206 42.68 35.44 -31.27
CA PRO D 206 43.89 35.03 -30.54
C PRO D 206 45.05 36.01 -30.64
N VAL D 207 45.00 36.95 -31.61
CA VAL D 207 46.15 37.81 -31.86
C VAL D 207 46.45 38.76 -30.71
N LEU D 208 45.47 39.09 -29.86
CA LEU D 208 45.72 39.99 -28.74
C LEU D 208 46.55 39.34 -27.63
N LEU D 209 46.93 38.07 -27.77
CA LEU D 209 47.82 37.43 -26.83
C LEU D 209 49.29 37.77 -27.09
N HIS D 210 49.57 38.43 -28.22
CA HIS D 210 50.88 39.04 -28.39
C HIS D 210 51.08 40.20 -27.43
N ILE D 211 50.00 40.74 -26.87
CA ILE D 211 50.04 41.78 -25.86
C ILE D 211 50.33 41.15 -24.50
N PRO D 212 51.51 41.35 -23.93
CA PRO D 212 51.89 40.59 -22.73
C PRO D 212 51.10 40.95 -21.48
N ALA D 213 50.42 42.09 -21.46
CA ALA D 213 49.55 42.40 -20.33
C ALA D 213 48.30 41.52 -20.37
N LEU D 214 47.65 41.45 -21.52
CA LEU D 214 46.48 40.58 -21.69
C LEU D 214 46.86 39.12 -21.48
N ALA D 215 47.87 38.64 -22.23
CA ALA D 215 48.33 37.26 -22.07
C ALA D 215 48.67 36.95 -20.62
N GLY D 216 49.08 37.95 -19.85
CA GLY D 216 49.41 37.76 -18.45
C GLY D 216 48.27 37.89 -17.48
N LYS D 217 47.03 38.07 -17.93
CA LYS D 217 45.91 38.24 -17.01
C LYS D 217 44.91 37.10 -17.02
N VAL D 218 44.60 36.55 -18.19
CA VAL D 218 43.45 35.64 -18.29
C VAL D 218 43.65 34.41 -17.42
N LEU D 219 44.77 33.72 -17.58
CA LEU D 219 44.95 32.49 -16.85
C LEU D 219 46.12 32.65 -15.89
N ARG D 220 46.08 33.73 -15.10
CA ARG D 220 47.11 33.97 -14.10
C ARG D 220 47.06 32.94 -12.99
N PHE D 221 45.85 32.59 -12.53
CA PHE D 221 45.73 31.59 -11.47
C PHE D 221 45.87 30.18 -12.01
N GLN D 222 45.35 29.91 -13.20
CA GLN D 222 45.55 28.61 -13.78
C GLN D 222 47.03 28.35 -14.04
N LYS D 223 47.82 29.41 -14.30
CA LYS D 223 49.26 29.22 -14.50
C LYS D 223 49.96 28.96 -13.16
N ALA D 224 49.54 29.65 -12.11
CA ALA D 224 50.14 29.45 -10.79
C ALA D 224 49.80 28.07 -10.23
N PHE D 225 48.57 27.62 -10.46
CA PHE D 225 48.19 26.25 -10.15
C PHE D 225 49.16 25.27 -10.82
N LEU D 226 49.24 25.33 -12.16
CA LEU D 226 50.13 24.45 -12.90
C LEU D 226 51.56 24.51 -12.36
N THR D 227 52.04 25.71 -12.02
CA THR D 227 53.40 25.85 -11.47
C THR D 227 53.55 25.06 -10.18
N GLN D 228 52.61 25.23 -9.26
CA GLN D 228 52.54 24.41 -8.04
C GLN D 228 52.46 22.91 -8.36
N LEU D 229 51.67 22.52 -9.36
CA LEU D 229 51.61 21.12 -9.78
C LEU D 229 52.96 20.61 -10.26
N ASP D 230 53.62 21.39 -11.12
CA ASP D 230 54.97 21.04 -11.59
C ASP D 230 55.91 20.71 -10.46
N GLU D 231 55.88 21.52 -9.41
CA GLU D 231 56.80 21.28 -8.30
C GLU D 231 56.44 20.01 -7.56
N LEU D 232 55.14 19.68 -7.49
CA LEU D 232 54.75 18.38 -6.94
C LEU D 232 55.14 17.24 -7.88
N LEU D 233 55.01 17.45 -9.19
CA LEU D 233 55.40 16.38 -10.10
C LEU D 233 56.92 16.16 -10.09
N THR D 234 57.69 17.24 -9.96
CA THR D 234 59.13 17.09 -9.87
C THR D 234 59.53 16.28 -8.63
N GLU D 235 58.92 16.58 -7.50
CA GLU D 235 59.14 15.81 -6.29
C GLU D 235 58.75 14.35 -6.50
N HIS D 236 57.60 14.10 -7.14
CA HIS D 236 57.14 12.73 -7.31
C HIS D 236 58.08 11.97 -8.25
N ARG D 237 58.65 12.63 -9.25
CA ARG D 237 59.53 11.91 -10.16
C ARG D 237 60.74 11.39 -9.42
N MET D 238 61.20 12.15 -8.44
CA MET D 238 62.37 11.72 -7.68
C MET D 238 62.06 10.48 -6.82
N THR D 239 60.84 10.37 -6.29
CA THR D 239 60.55 9.24 -5.41
C THR D 239 60.09 8.01 -6.17
N TRP D 240 59.84 8.14 -7.47
CA TRP D 240 59.24 7.05 -8.23
C TRP D 240 60.20 5.88 -8.34
N ASP D 241 59.72 4.69 -8.03
CA ASP D 241 60.51 3.47 -8.21
C ASP D 241 60.02 2.74 -9.44
N PRO D 242 60.69 2.87 -10.60
CA PRO D 242 60.18 2.24 -11.82
C PRO D 242 60.33 0.73 -11.85
N ALA D 243 61.08 0.16 -10.92
CA ALA D 243 61.20 -1.29 -10.82
C ALA D 243 59.99 -1.92 -10.17
N GLN D 244 59.07 -1.12 -9.65
CA GLN D 244 57.85 -1.63 -9.06
C GLN D 244 56.66 -1.28 -9.93
N PRO D 245 55.57 -2.05 -9.84
CA PRO D 245 54.36 -1.71 -10.59
C PRO D 245 53.91 -0.30 -10.27
N PRO D 246 53.44 0.46 -11.24
CA PRO D 246 52.98 1.83 -10.95
C PRO D 246 51.98 1.81 -9.81
N ARG D 247 52.21 2.67 -8.82
CA ARG D 247 51.29 2.71 -7.71
C ARG D 247 50.28 3.85 -7.84
N ASP D 248 50.30 4.60 -8.94
CA ASP D 248 49.40 5.73 -9.12
C ASP D 248 49.46 6.22 -10.56
N LEU D 249 48.58 7.16 -10.90
CA LEU D 249 48.36 7.48 -12.29
C LEU D 249 49.57 8.18 -12.90
N THR D 250 50.19 9.10 -12.17
CA THR D 250 51.39 9.74 -12.71
C THR D 250 52.50 8.74 -12.99
N GLU D 251 52.64 7.70 -12.16
CA GLU D 251 53.69 6.71 -12.38
C GLU D 251 53.39 5.88 -13.63
N ALA D 252 52.15 5.38 -13.76
CA ALA D 252 51.79 4.68 -14.99
C ALA D 252 52.00 5.59 -16.20
N PHE D 253 51.69 6.87 -16.06
CA PHE D 253 51.93 7.82 -17.15
C PHE D 253 53.42 7.89 -17.48
N LEU D 254 54.26 7.99 -16.45
CA LEU D 254 55.71 8.07 -16.65
C LEU D 254 56.27 6.78 -17.25
N ALA D 255 55.71 5.61 -16.86
CA ALA D 255 56.13 4.36 -17.48
C ALA D 255 55.79 4.32 -18.97
N GLU D 256 54.62 4.84 -19.35
CA GLU D 256 54.27 4.94 -20.75
C GLU D 256 55.15 5.93 -21.48
N MET D 257 55.55 7.00 -20.79
CA MET D 257 56.39 8.00 -21.43
C MET D 257 57.73 7.42 -21.82
N GLU D 258 58.26 6.49 -21.00
CA GLU D 258 59.50 5.80 -21.32
C GLU D 258 59.34 4.97 -22.59
N LYS D 259 58.28 4.14 -22.68
CA LYS D 259 58.10 3.27 -23.84
C LYS D 259 57.95 4.08 -25.11
N ALA D 260 57.50 5.31 -25.01
CA ALA D 260 57.23 6.14 -26.15
C ALA D 260 58.37 7.09 -26.50
N LYS D 261 59.51 6.99 -25.81
CA LYS D 261 60.67 7.76 -26.22
C LYS D 261 61.05 7.37 -27.65
N GLY D 262 61.07 8.36 -28.53
CA GLY D 262 61.33 8.15 -29.93
C GLY D 262 60.08 8.15 -30.79
N ASN D 263 58.89 8.31 -30.19
CA ASN D 263 57.62 8.25 -30.91
C ASN D 263 56.89 9.57 -30.89
N PRO D 264 57.00 10.39 -31.93
CA PRO D 264 56.36 11.70 -31.92
C PRO D 264 54.87 11.67 -32.15
N GLU D 265 54.27 10.49 -32.32
CA GLU D 265 52.81 10.42 -32.38
C GLU D 265 52.18 10.24 -31.01
N SER D 266 52.96 9.87 -30.01
CA SER D 266 52.43 9.56 -28.70
C SER D 266 52.01 10.84 -28.01
N SER D 267 50.95 10.74 -27.20
CA SER D 267 50.59 11.85 -26.31
C SER D 267 51.22 11.73 -24.92
N PHE D 268 51.99 10.67 -24.64
CA PHE D 268 52.72 10.55 -23.39
C PHE D 268 54.03 11.34 -23.44
N ASN D 269 53.99 12.60 -23.02
CA ASN D 269 55.17 13.47 -22.92
C ASN D 269 55.02 14.43 -21.72
N ASP D 270 56.15 15.07 -21.35
CA ASP D 270 56.15 15.92 -20.15
C ASP D 270 55.15 17.04 -20.23
N GLU D 271 54.92 17.61 -21.41
CA GLU D 271 54.01 18.74 -21.52
C GLU D 271 52.57 18.32 -21.28
N ASN D 272 52.20 17.11 -21.69
CA ASN D 272 50.84 16.63 -21.52
C ASN D 272 50.61 16.04 -20.14
N LEU D 273 51.67 15.62 -19.44
CA LEU D 273 51.51 15.06 -18.10
C LEU D 273 50.92 16.10 -17.15
N ARG D 274 51.48 17.31 -17.16
CA ARG D 274 50.95 18.35 -16.29
C ARG D 274 49.53 18.74 -16.69
N ILE D 275 49.22 18.70 -17.98
CA ILE D 275 47.85 19.01 -18.38
C ILE D 275 46.89 17.93 -17.91
N VAL D 276 47.25 16.66 -18.13
CA VAL D 276 46.36 15.59 -17.72
C VAL D 276 46.09 15.65 -16.21
N VAL D 277 47.14 15.84 -15.41
CA VAL D 277 46.96 15.87 -13.96
C VAL D 277 46.13 17.09 -13.53
N ALA D 278 46.32 18.23 -14.18
CA ALA D 278 45.50 19.39 -13.87
C ALA D 278 44.04 19.16 -14.23
N ASP D 279 43.78 18.43 -15.33
CA ASP D 279 42.40 18.14 -15.72
C ASP D 279 41.69 17.28 -14.68
N LEU D 280 42.39 16.28 -14.13
CA LEU D 280 41.80 15.42 -13.12
C LEU D 280 41.45 16.22 -11.88
N PHE D 281 42.38 17.07 -11.41
CA PHE D 281 42.09 17.96 -10.28
C PHE D 281 40.92 18.89 -10.61
N SER D 282 41.01 19.61 -11.74
CA SER D 282 39.97 20.57 -12.10
C SER D 282 38.61 19.89 -12.24
N ALA D 283 38.58 18.76 -12.94
CA ALA D 283 37.30 18.12 -13.24
C ALA D 283 36.71 17.46 -12.00
N GLY D 284 37.56 17.05 -11.05
CA GLY D 284 37.14 16.12 -10.00
C GLY D 284 37.00 16.66 -8.59
N MET D 285 37.50 17.86 -8.34
CA MET D 285 37.48 18.48 -7.02
CA MET D 285 37.45 18.39 -6.98
C MET D 285 36.11 19.09 -6.75
N GLU D 286 35.86 20.22 -7.39
CA GLU D 286 34.71 21.04 -7.08
C GLU D 286 33.39 20.33 -7.43
N THR D 287 33.35 19.48 -8.46
CA THR D 287 32.17 18.65 -8.70
C THR D 287 31.85 17.81 -7.46
N THR D 288 32.81 16.98 -7.02
CA THR D 288 32.53 16.02 -5.95
C THR D 288 32.26 16.72 -4.62
N SER D 289 33.03 17.76 -4.32
CA SER D 289 32.89 18.46 -3.06
C SER D 289 31.57 19.20 -2.97
N THR D 290 31.20 19.91 -4.05
CA THR D 290 29.91 20.59 -4.07
C THR D 290 28.76 19.61 -3.95
N THR D 291 28.87 18.43 -4.59
CA THR D 291 27.82 17.44 -4.44
C THR D 291 27.67 17.04 -2.97
N LEU D 292 28.79 16.88 -2.23
CA LEU D 292 28.66 16.55 -0.81
C LEU D 292 28.14 17.74 0.00
N ALA D 293 28.49 18.96 -0.37
CA ALA D 293 27.89 20.10 0.30
C ALA D 293 26.37 20.14 0.11
N TRP D 294 25.85 19.73 -1.06
CA TRP D 294 24.40 19.61 -1.22
C TRP D 294 23.85 18.49 -0.36
N GLY D 295 24.55 17.34 -0.35
CA GLY D 295 24.09 16.22 0.44
C GLY D 295 23.88 16.56 1.91
N LEU D 296 24.81 17.33 2.50
CA LEU D 296 24.74 17.66 3.91
C LEU D 296 23.67 18.72 4.19
N LEU D 297 23.55 19.71 3.30
CA LEU D 297 22.45 20.66 3.38
C LEU D 297 21.11 19.93 3.36
N LEU D 298 20.92 19.03 2.40
CA LEU D 298 19.64 18.32 2.33
C LEU D 298 19.44 17.37 3.51
N MET D 299 20.51 17.00 4.23
CA MET D 299 20.30 16.15 5.38
C MET D 299 19.93 16.94 6.63
N ILE D 300 20.29 18.22 6.70
CA ILE D 300 19.81 19.03 7.81
C ILE D 300 18.46 19.67 7.49
N LEU D 301 18.12 19.85 6.22
CA LEU D 301 16.79 20.32 5.86
C LEU D 301 15.77 19.21 5.81
N HIS D 302 16.19 17.96 5.75
CA HIS D 302 15.26 16.84 5.74
C HIS D 302 15.75 15.78 6.73
N PRO D 303 15.75 16.13 8.04
CA PRO D 303 16.32 15.20 9.04
C PRO D 303 15.66 13.84 9.03
N ASP D 304 14.39 13.78 8.67
CA ASP D 304 13.74 12.49 8.55
C ASP D 304 14.48 11.60 7.57
N VAL D 305 14.92 12.16 6.44
CA VAL D 305 15.71 11.38 5.48
C VAL D 305 17.03 10.95 6.11
N GLN D 306 17.71 11.90 6.77
CA GLN D 306 18.96 11.57 7.47
C GLN D 306 18.78 10.35 8.36
N ARG D 307 17.79 10.39 9.26
CA ARG D 307 17.58 9.29 10.21
C ARG D 307 17.32 7.97 9.48
N ARG D 308 16.50 8.00 8.42
CA ARG D 308 16.26 6.76 7.68
C ARG D 308 17.55 6.20 7.12
N VAL D 309 18.38 7.05 6.50
CA VAL D 309 19.69 6.58 6.05
C VAL D 309 20.48 6.05 7.24
N GLN D 310 20.44 6.77 8.37
CA GLN D 310 21.17 6.31 9.55
C GLN D 310 20.64 4.98 10.06
N GLN D 311 19.34 4.69 9.86
CA GLN D 311 18.82 3.36 10.20
C GLN D 311 19.39 2.30 9.27
N GLU D 312 19.39 2.57 7.96
CA GLU D 312 19.91 1.58 7.02
C GLU D 312 21.40 1.32 7.23
N ILE D 313 22.14 2.36 7.61
CA ILE D 313 23.55 2.20 7.99
C ILE D 313 23.67 1.20 9.12
N ASP D 314 22.93 1.44 10.22
CA ASP D 314 23.02 0.59 11.40
C ASP D 314 22.55 -0.84 11.13
N ASP D 315 21.66 -1.02 10.15
CA ASP D 315 21.20 -2.37 9.86
C ASP D 315 22.21 -3.16 9.04
N VAL D 316 22.98 -2.49 8.19
CA VAL D 316 23.77 -3.18 7.17
C VAL D 316 25.23 -3.22 7.59
N ILE D 317 25.68 -2.20 8.30
CA ILE D 317 27.08 -1.97 8.60
C ILE D 317 27.35 -2.01 10.09
N GLY D 318 26.51 -1.34 10.86
CA GLY D 318 26.70 -1.20 12.29
C GLY D 318 27.22 0.18 12.63
N GLN D 319 27.67 0.32 13.88
CA GLN D 319 28.41 1.50 14.28
C GLN D 319 29.84 1.14 14.66
N VAL D 320 30.25 -0.11 14.42
CA VAL D 320 31.62 -0.55 14.70
C VAL D 320 32.49 -0.24 13.49
N ARG D 321 32.42 -1.08 12.45
CA ARG D 321 33.34 -1.02 11.33
C ARG D 321 33.04 0.16 10.39
N ARG D 322 33.95 0.40 9.43
CA ARG D 322 33.91 1.46 8.43
C ARG D 322 33.10 1.00 7.22
N PRO D 323 32.34 1.91 6.61
CA PRO D 323 31.61 1.55 5.39
C PRO D 323 32.56 1.10 4.28
N GLU D 324 32.07 0.15 3.47
CA GLU D 324 32.84 -0.43 2.38
C GLU D 324 31.99 -0.41 1.10
N MET D 325 32.65 -0.37 -0.06
CA MET D 325 31.89 -0.30 -1.31
C MET D 325 30.92 -1.46 -1.45
N GLY D 326 31.24 -2.62 -0.89
CA GLY D 326 30.37 -3.77 -0.97
C GLY D 326 29.05 -3.61 -0.21
N ASP D 327 29.01 -2.67 0.73
CA ASP D 327 27.78 -2.38 1.46
C ASP D 327 26.73 -1.67 0.60
N GLN D 328 27.14 -1.02 -0.50
CA GLN D 328 26.21 -0.18 -1.23
C GLN D 328 25.10 -1.00 -1.88
N ALA D 329 25.46 -2.17 -2.41
CA ALA D 329 24.48 -3.05 -3.04
C ALA D 329 23.42 -3.56 -2.07
N HIS D 330 23.61 -3.35 -0.75
CA HIS D 330 22.62 -3.71 0.25
C HIS D 330 22.01 -2.48 0.92
N MET D 331 22.14 -1.30 0.31
CA MET D 331 21.62 -0.07 0.89
C MET D 331 20.87 0.74 -0.16
N PRO D 332 19.74 0.21 -0.64
CA PRO D 332 18.99 0.92 -1.70
C PRO D 332 18.50 2.30 -1.29
N TYR D 333 18.15 2.49 -0.03
CA TYR D 333 17.66 3.79 0.39
C TYR D 333 18.78 4.82 0.35
N THR D 334 19.95 4.48 0.90
CA THR D 334 21.08 5.40 0.91
C THR D 334 21.54 5.69 -0.51
N THR D 335 21.55 4.68 -1.37
CA THR D 335 21.87 4.90 -2.78
C THR D 335 20.86 5.84 -3.44
N ALA D 336 19.57 5.63 -3.16
CA ALA D 336 18.52 6.50 -3.69
C ALA D 336 18.74 7.94 -3.24
N VAL D 337 18.96 8.13 -1.93
CA VAL D 337 19.23 9.45 -1.37
C VAL D 337 20.40 10.11 -2.09
N ILE D 338 21.48 9.37 -2.32
CA ILE D 338 22.67 9.96 -2.93
C ILE D 338 22.36 10.35 -4.37
N HIS D 339 21.67 9.48 -5.10
CA HIS D 339 21.23 9.81 -6.46
C HIS D 339 20.34 11.04 -6.47
N GLU D 340 19.44 11.16 -5.49
CA GLU D 340 18.57 12.30 -5.45
C GLU D 340 19.33 13.57 -5.09
N VAL D 341 20.39 13.46 -4.30
CA VAL D 341 21.24 14.62 -4.05
C VAL D 341 21.84 15.12 -5.35
N GLN D 342 22.33 14.20 -6.18
CA GLN D 342 22.92 14.59 -7.45
C GLN D 342 21.89 15.19 -8.39
N ARG D 343 20.69 14.59 -8.45
CA ARG D 343 19.62 15.08 -9.31
C ARG D 343 19.14 16.45 -8.86
N PHE D 344 18.91 16.60 -7.55
CA PHE D 344 18.35 17.85 -7.05
C PHE D 344 19.38 18.96 -7.13
N GLY D 345 20.60 18.69 -6.64
CA GLY D 345 21.66 19.69 -6.68
C GLY D 345 22.05 20.12 -8.10
N ASP D 346 22.04 19.19 -9.06
CA ASP D 346 22.05 19.57 -10.47
C ASP D 346 23.21 20.56 -10.75
N ILE D 347 24.42 20.10 -10.41
CA ILE D 347 25.55 21.02 -10.24
C ILE D 347 26.24 21.44 -11.54
N VAL D 348 26.06 20.69 -12.65
CA VAL D 348 26.57 21.11 -13.95
C VAL D 348 25.38 21.30 -14.89
N PRO D 349 24.54 22.33 -14.69
CA PRO D 349 23.24 22.35 -15.37
C PRO D 349 23.33 22.43 -16.89
N LEU D 350 24.34 23.10 -17.43
CA LEU D 350 24.56 23.19 -18.86
C LEU D 350 25.70 22.28 -19.32
N GLY D 351 26.12 21.32 -18.51
CA GLY D 351 27.10 20.35 -18.92
C GLY D 351 28.40 21.01 -19.35
N VAL D 352 29.13 20.35 -20.23
CA VAL D 352 30.32 20.90 -20.86
C VAL D 352 30.07 20.91 -22.37
N THR D 353 30.42 22.01 -23.03
CA THR D 353 30.08 22.14 -24.45
C THR D 353 30.79 21.10 -25.30
N HIS D 354 30.07 20.60 -26.29
CA HIS D 354 30.57 19.73 -27.34
C HIS D 354 30.60 20.51 -28.66
N MET D 355 31.15 19.88 -29.70
CA MET D 355 31.08 20.44 -31.05
C MET D 355 30.95 19.31 -32.06
N THR D 356 30.21 19.60 -33.14
CA THR D 356 30.05 18.64 -34.24
C THR D 356 31.29 18.65 -35.12
N SER D 357 31.79 17.46 -35.47
CA SER D 357 32.87 17.34 -36.44
C SER D 357 32.36 16.95 -37.83
N ARG D 358 31.04 17.00 -38.03
CA ARG D 358 30.35 16.38 -39.16
C ARG D 358 28.89 16.73 -39.05
N ASP D 359 28.25 17.22 -40.12
CA ASP D 359 26.82 17.52 -40.07
C ASP D 359 26.03 16.33 -39.55
N ILE D 360 24.94 16.60 -38.84
CA ILE D 360 24.04 15.57 -38.31
C ILE D 360 22.62 16.13 -38.28
N GLU D 361 21.64 15.30 -37.91
CA GLU D 361 20.31 15.83 -37.62
C GLU D 361 19.81 15.31 -36.28
N VAL D 362 19.19 16.23 -35.51
CA VAL D 362 18.57 15.94 -34.22
C VAL D 362 17.12 16.39 -34.28
N GLN D 363 16.20 15.51 -33.87
CA GLN D 363 14.77 15.77 -33.98
C GLN D 363 14.45 16.42 -35.31
N GLY D 364 14.97 15.81 -36.38
CA GLY D 364 14.69 16.24 -37.73
C GLY D 364 15.24 17.59 -38.16
N PHE D 365 15.77 18.40 -37.25
CA PHE D 365 16.55 19.57 -37.65
C PHE D 365 17.95 19.13 -38.05
N ARG D 366 18.59 19.90 -38.94
CA ARG D 366 19.98 19.64 -39.31
C ARG D 366 20.87 20.60 -38.53
N ILE D 367 22.06 20.11 -38.16
CA ILE D 367 23.05 20.90 -37.44
C ILE D 367 24.35 20.85 -38.23
N PRO D 368 24.85 21.98 -38.73
CA PRO D 368 26.08 21.95 -39.54
C PRO D 368 27.29 21.54 -38.71
N LYS D 369 28.26 20.92 -39.37
CA LYS D 369 29.55 20.67 -38.75
C LYS D 369 30.12 21.97 -38.18
N GLY D 370 30.80 21.87 -37.03
CA GLY D 370 31.40 23.04 -36.43
C GLY D 370 30.51 23.81 -35.48
N THR D 371 29.37 23.25 -35.10
CA THR D 371 28.46 23.93 -34.19
C THR D 371 28.74 23.55 -32.73
N THR D 372 28.82 24.56 -31.86
CA THR D 372 28.89 24.31 -30.44
C THR D 372 27.55 23.77 -29.94
N LEU D 373 27.57 22.58 -29.35
CA LEU D 373 26.38 22.00 -28.73
C LEU D 373 26.38 22.26 -27.24
N ILE D 374 25.23 22.73 -26.72
CA ILE D 374 25.01 22.85 -25.29
C ILE D 374 24.03 21.77 -24.88
N THR D 375 24.49 20.87 -24.03
CA THR D 375 23.64 19.82 -23.45
C THR D 375 23.06 20.39 -22.16
N ASN D 376 21.75 20.57 -22.12
CA ASN D 376 21.09 21.13 -20.95
C ASN D 376 20.72 19.96 -20.03
N LEU D 377 21.69 19.59 -19.19
CA LEU D 377 21.50 18.46 -18.28
C LEU D 377 20.41 18.76 -17.27
N SER D 378 20.35 20.01 -16.80
CA SER D 378 19.25 20.45 -15.97
C SER D 378 17.90 20.01 -16.53
N SER D 379 17.66 20.24 -17.83
CA SER D 379 16.34 19.94 -18.35
C SER D 379 16.06 18.44 -18.33
N VAL D 380 17.11 17.62 -18.30
CA VAL D 380 16.92 16.18 -18.20
C VAL D 380 16.68 15.78 -16.75
N LEU D 381 17.49 16.33 -15.83
CA LEU D 381 17.39 15.99 -14.44
C LEU D 381 16.10 16.45 -13.81
N LYS D 382 15.46 17.45 -14.40
CA LYS D 382 14.26 18.07 -13.83
C LYS D 382 13.11 18.10 -14.83
N ASP D 383 13.10 17.16 -15.76
CA ASP D 383 12.01 17.03 -16.74
C ASP D 383 10.67 16.78 -16.04
N GLU D 384 9.68 17.61 -16.35
CA GLU D 384 8.39 17.49 -15.69
C GLU D 384 7.63 16.23 -16.08
N ALA D 385 7.97 15.64 -17.21
CA ALA D 385 7.33 14.38 -17.62
C ALA D 385 7.89 13.18 -16.88
N VAL D 386 9.18 13.20 -16.57
CA VAL D 386 9.84 12.01 -15.98
C VAL D 386 9.69 11.98 -14.46
N TRP D 387 10.20 12.99 -13.79
CA TRP D 387 10.26 12.98 -12.34
C TRP D 387 8.93 13.47 -11.80
N GLU D 388 8.45 12.77 -10.77
CA GLU D 388 7.16 13.11 -10.20
C GLU D 388 7.21 14.43 -9.46
N LYS D 389 8.31 14.76 -8.81
CA LYS D 389 8.46 16.06 -8.15
C LYS D 389 9.78 16.66 -8.58
N PRO D 390 9.83 17.22 -9.79
CA PRO D 390 11.11 17.66 -10.37
C PRO D 390 11.90 18.63 -9.51
N PHE D 391 11.21 19.46 -8.73
CA PHE D 391 11.86 20.57 -8.03
C PHE D 391 11.84 20.39 -6.52
N ARG D 392 11.67 19.17 -6.04
CA ARG D 392 11.67 18.92 -4.62
C ARG D 392 12.66 17.79 -4.33
N PHE D 393 13.26 17.80 -3.14
CA PHE D 393 14.09 16.68 -2.73
C PHE D 393 13.19 15.49 -2.42
N HIS D 394 13.33 14.40 -3.18
CA HIS D 394 12.37 13.30 -3.15
C HIS D 394 13.13 12.02 -3.44
N PRO D 395 13.68 11.37 -2.43
CA PRO D 395 14.47 10.14 -2.65
C PRO D 395 13.71 9.06 -3.39
N GLU D 396 12.39 9.12 -3.33
CA GLU D 396 11.58 8.07 -3.94
C GLU D 396 11.63 8.07 -5.48
N HIS D 397 12.18 9.13 -6.11
CA HIS D 397 12.46 9.09 -7.54
C HIS D 397 13.32 7.91 -7.91
N PHE D 398 14.04 7.34 -6.94
CA PHE D 398 14.97 6.25 -7.21
C PHE D 398 14.57 4.95 -6.50
N LEU D 399 13.35 4.87 -5.97
CA LEU D 399 12.83 3.67 -5.33
C LEU D 399 11.54 3.22 -6.00
N ASP D 400 11.42 1.91 -6.23
CA ASP D 400 10.19 1.33 -6.76
C ASP D 400 9.19 1.04 -5.65
N ALA D 401 8.16 0.24 -5.99
CA ALA D 401 7.12 -0.12 -5.04
C ALA D 401 7.67 -0.86 -3.84
N GLN D 402 8.65 -1.74 -4.07
CA GLN D 402 9.28 -2.54 -3.04
C GLN D 402 10.36 -1.79 -2.27
N GLY D 403 10.82 -0.64 -2.74
CA GLY D 403 11.99 -0.06 -2.14
C GLY D 403 13.30 -0.60 -2.67
N HIS D 404 13.28 -1.33 -3.78
CA HIS D 404 14.51 -1.59 -4.52
C HIS D 404 14.98 -0.32 -5.23
N PHE D 405 16.30 -0.16 -5.34
CA PHE D 405 16.84 1.03 -5.98
C PHE D 405 16.70 0.92 -7.50
N VAL D 406 16.24 1.99 -8.14
CA VAL D 406 16.08 2.04 -9.58
C VAL D 406 16.66 3.35 -10.12
N LYS D 407 17.32 3.27 -11.26
CA LYS D 407 17.91 4.44 -11.91
C LYS D 407 17.20 4.75 -13.22
N PRO D 408 16.39 5.79 -13.30
CA PRO D 408 15.77 6.15 -14.58
C PRO D 408 16.80 6.57 -15.61
N GLU D 409 16.45 6.39 -16.89
CA GLU D 409 17.36 6.78 -17.97
CA GLU D 409 17.34 6.80 -17.99
C GLU D 409 17.72 8.27 -17.91
N ALA D 410 16.81 9.11 -17.42
CA ALA D 410 17.03 10.54 -17.37
C ALA D 410 18.05 10.95 -16.31
N PHE D 411 18.63 10.00 -15.57
CA PHE D 411 19.66 10.33 -14.59
C PHE D 411 20.97 10.49 -15.34
N LEU D 412 21.27 11.73 -15.73
CA LEU D 412 22.45 12.04 -16.54
C LEU D 412 23.29 13.15 -15.93
N PRO D 413 23.63 13.08 -14.63
CA PRO D 413 24.47 14.15 -14.07
C PRO D 413 25.89 14.14 -14.64
N PHE D 414 26.32 13.02 -15.24
CA PHE D 414 27.62 12.87 -15.84
C PHE D 414 27.59 12.95 -17.36
N SER D 415 26.48 13.43 -17.94
CA SER D 415 26.25 13.48 -19.38
C SER D 415 26.19 12.06 -19.95
N ALA D 416 26.53 11.90 -21.21
CA ALA D 416 26.32 10.65 -21.92
C ALA D 416 27.24 10.66 -23.13
N GLY D 417 27.53 9.47 -23.67
CA GLY D 417 28.33 9.38 -24.88
C GLY D 417 29.81 9.22 -24.61
N ARG D 418 30.60 9.37 -25.68
CA ARG D 418 32.03 9.08 -25.61
C ARG D 418 32.76 10.00 -24.65
N ARG D 419 32.20 11.18 -24.39
CA ARG D 419 32.84 12.17 -23.54
C ARG D 419 32.26 12.19 -22.14
N ALA D 420 31.23 11.39 -21.88
CA ALA D 420 30.67 11.35 -20.53
C ALA D 420 31.78 11.17 -19.50
N CYS D 421 31.59 11.83 -18.38
CA CYS D 421 32.59 11.92 -17.32
C CYS D 421 33.36 10.62 -17.11
N LEU D 422 34.69 10.67 -17.28
CA LEU D 422 35.47 9.45 -17.06
C LEU D 422 35.68 9.19 -15.58
N GLY D 423 35.43 10.20 -14.73
CA GLY D 423 35.60 10.09 -13.30
C GLY D 423 34.43 9.45 -12.57
N GLU D 424 33.33 9.19 -13.26
CA GLU D 424 32.11 8.68 -12.63
C GLU D 424 32.34 7.55 -11.64
N PRO D 425 33.06 6.45 -11.97
CA PRO D 425 33.18 5.40 -10.96
C PRO D 425 33.86 5.90 -9.70
N LEU D 426 34.88 6.75 -9.84
CA LEU D 426 35.52 7.32 -8.65
C LEU D 426 34.57 8.26 -7.90
N ALA D 427 33.84 9.13 -8.62
CA ALA D 427 32.88 9.99 -7.93
C ALA D 427 31.83 9.18 -7.15
N ARG D 428 31.33 8.09 -7.74
CA ARG D 428 30.37 7.24 -7.04
C ARG D 428 30.98 6.70 -5.75
N MET D 429 32.21 6.19 -5.83
CA MET D 429 32.87 5.64 -4.63
C MET D 429 33.05 6.71 -3.55
N GLU D 430 33.59 7.87 -3.94
CA GLU D 430 33.71 8.97 -2.98
C GLU D 430 32.35 9.34 -2.39
N LEU D 431 31.33 9.52 -3.24
CA LEU D 431 30.04 9.95 -2.74
C LEU D 431 29.47 8.96 -1.73
N PHE D 432 29.55 7.66 -2.02
CA PHE D 432 29.06 6.68 -1.06
C PHE D 432 29.92 6.62 0.20
N LEU D 433 31.24 6.52 0.05
CA LEU D 433 32.06 6.35 1.26
C LEU D 433 32.04 7.60 2.13
N PHE D 434 32.22 8.80 1.55
CA PHE D 434 32.20 10.00 2.40
C PHE D 434 30.83 10.19 3.03
N PHE D 435 29.74 10.04 2.25
CA PHE D 435 28.41 10.33 2.77
C PHE D 435 28.05 9.35 3.89
N THR D 436 28.20 8.06 3.64
CA THR D 436 27.80 7.10 4.67
C THR D 436 28.74 7.15 5.87
N SER D 437 30.05 7.39 5.66
CA SER D 437 30.93 7.55 6.81
C SER D 437 30.51 8.74 7.66
N LEU D 438 30.23 9.87 7.03
CA LEU D 438 29.86 11.06 7.78
C LEU D 438 28.55 10.87 8.53
N LEU D 439 27.57 10.20 7.91
CA LEU D 439 26.26 9.99 8.55
C LEU D 439 26.29 8.86 9.57
N GLN D 440 27.11 7.82 9.33
CA GLN D 440 27.28 6.78 10.34
C GLN D 440 27.80 7.35 11.65
N HIS D 441 28.70 8.32 11.57
CA HIS D 441 29.38 8.78 12.77
C HIS D 441 28.79 10.07 13.34
N PHE D 442 27.91 10.75 12.61
CA PHE D 442 27.42 12.04 13.06
C PHE D 442 25.93 12.19 12.79
N SER D 443 25.29 12.99 13.63
CA SER D 443 23.92 13.46 13.42
C SER D 443 24.00 14.94 13.06
N PHE D 444 23.56 15.28 11.86
CA PHE D 444 23.74 16.62 11.32
C PHE D 444 22.44 17.40 11.44
N SER D 445 22.56 18.66 11.83
CA SER D 445 21.42 19.49 12.18
C SER D 445 21.71 20.95 11.88
N VAL D 446 20.64 21.71 11.64
CA VAL D 446 20.77 23.17 11.54
C VAL D 446 21.16 23.73 12.89
N PRO D 447 22.06 24.71 12.98
CA PRO D 447 22.40 25.29 14.29
C PRO D 447 21.17 25.83 14.99
N THR D 448 20.99 25.39 16.23
CA THR D 448 19.79 25.61 17.05
C THR D 448 19.26 27.04 16.97
N GLY D 449 20.14 28.04 16.97
CA GLY D 449 19.67 29.41 16.89
C GLY D 449 19.17 29.79 15.50
N GLN D 450 19.81 29.25 14.47
CA GLN D 450 19.79 29.84 13.14
C GLN D 450 18.53 29.49 12.34
N PRO D 451 18.24 30.24 11.28
CA PRO D 451 17.11 29.92 10.41
C PRO D 451 17.42 28.86 9.37
N ARG D 452 16.37 28.19 8.93
CA ARG D 452 16.49 27.17 7.89
C ARG D 452 17.21 27.74 6.67
N PRO D 453 18.28 27.10 6.20
CA PRO D 453 19.00 27.63 5.04
C PRO D 453 18.25 27.37 3.74
N SER D 454 18.53 28.22 2.75
CA SER D 454 17.87 28.10 1.45
C SER D 454 18.35 26.85 0.71
N HIS D 455 17.43 26.18 0.02
CA HIS D 455 17.84 25.12 -0.88
C HIS D 455 17.99 25.62 -2.32
N HIS D 456 17.98 26.92 -2.54
CA HIS D 456 18.21 27.45 -3.88
C HIS D 456 19.70 27.64 -4.13
N GLY D 457 20.15 27.28 -5.34
CA GLY D 457 21.56 27.31 -5.66
C GLY D 457 22.00 28.62 -6.29
N VAL D 458 23.13 29.13 -5.82
CA VAL D 458 23.81 30.24 -6.49
C VAL D 458 24.63 29.66 -7.64
N PHE D 459 24.31 30.09 -8.87
CA PHE D 459 24.98 29.60 -10.06
C PHE D 459 26.26 30.40 -10.31
N ALA D 460 27.40 29.69 -10.37
CA ALA D 460 28.68 30.33 -10.69
C ALA D 460 29.59 29.24 -11.26
N PHE D 461 29.49 29.02 -12.58
CA PHE D 461 30.12 27.87 -13.26
C PHE D 461 29.46 26.56 -12.87
N LEU D 462 29.80 26.07 -11.67
CA LEU D 462 29.05 25.03 -10.99
C LEU D 462 27.89 25.65 -10.23
N VAL D 463 26.86 24.85 -9.95
CA VAL D 463 25.78 25.29 -9.06
C VAL D 463 26.04 24.74 -7.66
N SER D 464 26.43 25.63 -6.75
CA SER D 464 26.69 25.26 -5.39
C SER D 464 25.58 25.76 -4.48
N PRO D 465 25.41 25.15 -3.30
CA PRO D 465 24.42 25.67 -2.35
C PRO D 465 24.83 27.01 -1.78
N SER D 466 23.83 27.80 -1.39
CA SER D 466 24.08 29.05 -0.68
C SER D 466 24.87 28.77 0.60
N PRO D 467 25.77 29.67 1.01
CA PRO D 467 26.52 29.46 2.25
C PRO D 467 25.60 29.11 3.42
N TYR D 468 26.03 28.13 4.20
CA TYR D 468 25.23 27.61 5.31
C TYR D 468 26.18 26.95 6.30
N GLU D 469 25.78 26.96 7.57
CA GLU D 469 26.54 26.29 8.62
C GLU D 469 25.74 25.10 9.16
N LEU D 470 26.43 24.20 9.83
CA LEU D 470 25.72 23.08 10.46
C LEU D 470 26.42 22.73 11.76
N CYS D 471 25.77 21.85 12.51
CA CYS D 471 26.34 21.32 13.74
C CYS D 471 26.43 19.83 13.58
N ALA D 472 27.61 19.28 13.86
CA ALA D 472 27.91 17.87 13.80
C ALA D 472 28.06 17.34 15.21
N VAL D 473 27.37 16.26 15.53
CA VAL D 473 27.33 15.76 16.90
C VAL D 473 27.35 14.24 16.85
N PRO D 474 28.17 13.60 17.69
CA PRO D 474 28.34 12.15 17.61
C PRO D 474 27.09 11.34 17.94
N ARG D 475 27.03 10.15 17.35
CA ARG D 475 26.00 9.17 17.60
C ARG D 475 26.57 8.05 18.48
#